data_6OVT
#
_entry.id   6OVT
#
_cell.length_a   88.406
_cell.length_b   88.406
_cell.length_c   483.307
_cell.angle_alpha   90.000
_cell.angle_beta   90.000
_cell.angle_gamma   120.000
#
_symmetry.space_group_name_H-M   'P 61'
#
loop_
_entity.id
_entity.type
_entity.pdbx_description
1 polymer 'Dihydroxy-acid dehydratase'
2 non-polymer 'MAGNESIUM ION'
3 non-polymer 'FE2/S2 (INORGANIC) CLUSTER'
4 non-polymer DI(HYDROXYETHYL)ETHER
5 non-polymer 'SODIUM ION'
6 water water
#
_entity_poly.entity_id   1
_entity_poly.type   'polypeptide(L)'
_entity_poly.pdbx_seq_one_letter_code
;MSYYHHHHHHDYDIPTTENLYFQGAMPQTTDEAASVSTVADIKPRSRDVTDGLEKAAARGMLRAVGMDDEDFAKPQIGVA
SSWNEITPCNLSLDRLANAVKEGVFSAGGYPLEFGTISVSDGISMGHEGMHFSLVSREVIADSVEVVMQAERLDGSVLLA
GCD(KCX)SLPGMLMAAARLDLAAVFLYAGSILPGRAKLSDGSERDVTIIDAFEAVGACSRGLMSRADVDAIERAICPGE
GACGGMYTANTMASAAEALGMSLPGSAAPPATDRRRDGFARRSGQAVVELLRRGITARDILTKEAFENAIAVVMAFGGST
NAVLHLLAIAHEANVALSLQDFSRIGSGVPHLADVKPFGRHVMSDVDHIGGVPVVMKALLDAGLLHGDCLTVTGHTMAEN
LAAITPPDPDGKVLRALANPIHPSGGITILHGSLAPEGAVVKTAGFDSDVFEGTARVFDGERAALDALEDGTITVGDAVV
IRYEGPKGGPGMREMLAITGAIKGAGLGKDVLLLTDGRFSGGTTGLCVGHIAPEAVDGGPIALLRNGDRIRLDVAGRVLD
VLADPAEFASRQQDFSPPPPRYTTGVLSKYVKLVSSAAVGAVCG
;
_entity_poly.pdbx_strand_id   A,B,C,D
#
# COMPACT_ATOMS: atom_id res chain seq x y z
N VAL A 39 -21.28 -30.36 -11.50
CA VAL A 39 -22.45 -30.50 -10.60
C VAL A 39 -22.11 -29.88 -9.22
N ALA A 40 -20.84 -29.75 -8.83
CA ALA A 40 -20.49 -29.05 -7.56
C ALA A 40 -20.94 -27.58 -7.69
N ASP A 41 -21.49 -27.05 -6.62
CA ASP A 41 -21.89 -25.62 -6.54
C ASP A 41 -20.63 -24.82 -6.17
N ILE A 42 -20.19 -23.95 -7.06
CA ILE A 42 -18.96 -23.14 -6.84
C ILE A 42 -19.16 -22.16 -5.68
N LYS A 43 -20.40 -21.91 -5.28
CA LYS A 43 -20.71 -21.00 -4.14
C LYS A 43 -21.42 -21.80 -3.06
N PRO A 44 -20.69 -22.70 -2.36
CA PRO A 44 -21.27 -23.48 -1.28
C PRO A 44 -21.72 -22.69 -0.05
N ARG A 45 -21.24 -21.46 0.11
CA ARG A 45 -21.56 -20.63 1.29
C ARG A 45 -22.14 -19.26 0.87
N SER A 46 -21.57 -18.62 -0.14
CA SER A 46 -21.77 -17.16 -0.40
C SER A 46 -23.16 -16.88 -1.03
N ARG A 47 -23.94 -17.90 -1.41
CA ARG A 47 -25.35 -17.67 -1.84
C ARG A 47 -26.12 -17.06 -0.67
N ASP A 48 -25.73 -17.35 0.58
CA ASP A 48 -26.31 -16.72 1.79
C ASP A 48 -26.13 -15.20 1.80
N VAL A 49 -25.18 -14.61 1.06
CA VAL A 49 -25.00 -13.14 1.05
C VAL A 49 -25.24 -12.54 -0.35
N THR A 50 -25.38 -13.32 -1.42
CA THR A 50 -25.45 -12.75 -2.79
C THR A 50 -26.78 -13.07 -3.48
N ASP A 51 -27.50 -14.13 -3.09
CA ASP A 51 -28.53 -14.76 -3.96
C ASP A 51 -29.94 -14.48 -3.39
N GLY A 52 -30.81 -13.96 -4.24
CA GLY A 52 -32.26 -13.82 -3.93
C GLY A 52 -32.64 -12.42 -3.51
N LEU A 53 -33.94 -12.15 -3.51
CA LEU A 53 -34.52 -10.86 -3.05
C LEU A 53 -33.99 -10.50 -1.67
N GLU A 54 -33.97 -11.46 -0.75
CA GLU A 54 -33.74 -11.24 0.71
C GLU A 54 -32.29 -10.79 0.98
N LYS A 55 -31.38 -10.92 0.02
CA LYS A 55 -29.95 -10.57 0.20
C LYS A 55 -29.63 -9.15 -0.30
N ALA A 56 -30.63 -8.28 -0.50
CA ALA A 56 -30.42 -6.91 -1.04
C ALA A 56 -29.46 -6.14 -0.11
N ALA A 57 -29.57 -6.28 1.21
CA ALA A 57 -28.73 -5.47 2.12
C ALA A 57 -27.27 -5.89 1.98
N ALA A 58 -27.00 -7.18 2.03
CA ALA A 58 -25.63 -7.73 1.96
C ALA A 58 -25.05 -7.39 0.59
N ARG A 59 -25.82 -7.51 -0.48
CA ARG A 59 -25.36 -7.09 -1.84
C ARG A 59 -24.99 -5.61 -1.79
N GLY A 60 -25.82 -4.76 -1.17
CA GLY A 60 -25.56 -3.32 -1.10
C GLY A 60 -24.30 -3.00 -0.35
N MET A 61 -23.99 -3.77 0.71
CA MET A 61 -22.72 -3.59 1.46
C MET A 61 -21.53 -4.09 0.64
N LEU A 62 -21.66 -5.23 -0.02
CA LEU A 62 -20.58 -5.79 -0.85
C LEU A 62 -20.27 -4.85 -2.04
N ARG A 63 -21.25 -4.13 -2.57
CA ARG A 63 -20.97 -3.12 -3.61
C ARG A 63 -19.97 -2.10 -3.07
N ALA A 64 -20.04 -1.79 -1.78
CA ALA A 64 -19.20 -0.73 -1.17
C ALA A 64 -17.78 -1.25 -0.92
N VAL A 65 -17.52 -2.55 -1.05
CA VAL A 65 -16.09 -3.00 -1.07
C VAL A 65 -15.63 -3.21 -2.51
N GLY A 66 -16.48 -2.97 -3.50
CA GLY A 66 -16.03 -2.93 -4.91
C GLY A 66 -16.74 -3.91 -5.81
N MET A 67 -17.59 -4.77 -5.28
CA MET A 67 -18.31 -5.78 -6.09
C MET A 67 -19.34 -5.09 -6.99
N ASP A 68 -19.44 -5.56 -8.23
CA ASP A 68 -20.47 -5.08 -9.18
C ASP A 68 -21.37 -6.27 -9.55
N ASP A 69 -22.39 -5.97 -10.36
CA ASP A 69 -23.44 -6.94 -10.76
C ASP A 69 -22.81 -8.29 -11.14
N GLU A 70 -21.74 -8.28 -11.95
CA GLU A 70 -21.08 -9.49 -12.55
C GLU A 70 -20.34 -10.29 -11.46
N ASP A 71 -20.08 -9.70 -10.29
CA ASP A 71 -19.27 -10.38 -9.24
C ASP A 71 -20.13 -11.25 -8.31
N PHE A 72 -21.44 -11.09 -8.28
CA PHE A 72 -22.27 -11.80 -7.28
C PHE A 72 -22.39 -13.28 -7.65
N ALA A 73 -22.16 -13.65 -8.90
CA ALA A 73 -22.18 -15.05 -9.37
C ALA A 73 -20.82 -15.75 -9.11
N LYS A 74 -19.84 -15.05 -8.58
CA LYS A 74 -18.47 -15.60 -8.39
C LYS A 74 -18.33 -16.18 -7.00
N PRO A 75 -17.48 -17.21 -6.82
CA PRO A 75 -17.11 -17.68 -5.50
C PRO A 75 -16.30 -16.59 -4.80
N GLN A 76 -16.52 -16.43 -3.53
CA GLN A 76 -15.85 -15.46 -2.65
C GLN A 76 -14.75 -16.19 -1.85
N ILE A 77 -13.53 -15.73 -2.03
CA ILE A 77 -12.31 -16.27 -1.39
C ILE A 77 -11.84 -15.29 -0.33
N GLY A 78 -11.86 -15.71 0.92
CA GLY A 78 -11.15 -14.97 1.98
C GLY A 78 -9.66 -15.13 1.85
N VAL A 79 -8.94 -14.01 1.80
CA VAL A 79 -7.46 -14.00 1.74
C VAL A 79 -6.97 -13.53 3.11
N ALA A 80 -6.68 -14.48 3.99
CA ALA A 80 -6.27 -14.20 5.37
C ALA A 80 -4.74 -14.15 5.44
N SER A 81 -4.18 -13.13 6.10
N SER A 81 -4.16 -13.10 6.04
CA SER A 81 -2.73 -12.91 6.21
CA SER A 81 -2.69 -12.96 6.21
C SER A 81 -2.38 -12.55 7.66
C SER A 81 -2.36 -12.54 7.64
N SER A 82 -1.25 -13.06 8.14
CA SER A 82 -0.68 -12.65 9.43
C SER A 82 0.32 -11.51 9.18
N TRP A 83 0.16 -10.74 8.11
CA TRP A 83 1.03 -9.58 7.86
C TRP A 83 1.09 -8.69 9.11
N ASN A 84 2.30 -8.26 9.44
CA ASN A 84 2.53 -7.21 10.48
C ASN A 84 3.99 -6.78 10.37
N GLU A 85 4.38 -5.77 11.14
CA GLU A 85 5.75 -5.22 11.20
C GLU A 85 6.34 -5.50 12.58
N ILE A 86 5.74 -6.36 13.38
CA ILE A 86 6.28 -6.64 14.75
C ILE A 86 7.47 -7.59 14.65
N THR A 87 7.68 -8.21 13.49
CA THR A 87 8.74 -9.21 13.26
C THR A 87 8.96 -9.35 11.77
N PRO A 88 10.18 -9.60 11.28
CA PRO A 88 10.41 -9.66 9.84
C PRO A 88 9.66 -10.79 9.14
N CYS A 89 9.28 -11.80 9.92
CA CYS A 89 8.74 -13.09 9.45
C CYS A 89 7.55 -12.88 8.51
N ASN A 90 6.74 -11.82 8.74
CA ASN A 90 5.46 -11.62 8.02
C ASN A 90 5.53 -10.50 6.99
N LEU A 91 6.65 -9.80 6.84
CA LEU A 91 6.68 -8.57 6.00
C LEU A 91 6.30 -8.85 4.54
N SER A 92 6.63 -10.04 4.00
CA SER A 92 6.40 -10.36 2.57
C SER A 92 4.91 -10.58 2.33
N LEU A 93 4.11 -10.80 3.38
CA LEU A 93 2.72 -11.25 3.19
C LEU A 93 1.86 -10.13 2.60
N ASP A 94 2.27 -8.87 2.71
CA ASP A 94 1.54 -7.75 2.07
C ASP A 94 1.55 -7.95 0.55
N ARG A 95 2.72 -8.09 -0.04
CA ARG A 95 2.84 -8.27 -1.49
C ARG A 95 2.28 -9.63 -1.91
N LEU A 96 2.44 -10.67 -1.08
CA LEU A 96 1.98 -12.02 -1.46
C LEU A 96 0.46 -12.07 -1.38
N ALA A 97 -0.19 -11.43 -0.41
CA ALA A 97 -1.66 -11.42 -0.36
C ALA A 97 -2.20 -10.74 -1.63
N ASN A 98 -1.58 -9.64 -2.04
N ASN A 98 -1.57 -9.66 -2.07
CA ASN A 98 -1.96 -8.95 -3.29
CA ASN A 98 -2.00 -8.93 -3.31
C ASN A 98 -1.88 -9.94 -4.47
C ASN A 98 -1.85 -9.88 -4.52
N ALA A 99 -0.77 -10.67 -4.57
CA ALA A 99 -0.56 -11.66 -5.67
C ALA A 99 -1.63 -12.75 -5.63
N VAL A 100 -2.00 -13.21 -4.44
CA VAL A 100 -3.09 -14.20 -4.29
C VAL A 100 -4.35 -13.59 -4.90
N LYS A 101 -4.67 -12.33 -4.56
CA LYS A 101 -5.93 -11.72 -5.05
C LYS A 101 -5.92 -11.70 -6.58
N GLU A 102 -4.80 -11.33 -7.16
CA GLU A 102 -4.60 -11.33 -8.64
C GLU A 102 -4.89 -12.73 -9.20
N GLY A 103 -4.42 -13.76 -8.53
CA GLY A 103 -4.71 -15.14 -8.95
C GLY A 103 -6.18 -15.46 -8.83
N VAL A 104 -6.81 -15.12 -7.71
CA VAL A 104 -8.26 -15.41 -7.54
C VAL A 104 -9.03 -14.75 -8.69
N PHE A 105 -8.75 -13.47 -8.96
CA PHE A 105 -9.45 -12.72 -10.06
C PHE A 105 -9.20 -13.44 -11.39
N SER A 106 -7.99 -13.93 -11.61
CA SER A 106 -7.61 -14.59 -12.89
CA SER A 106 -7.58 -14.61 -12.87
C SER A 106 -8.43 -15.86 -13.07
N ALA A 107 -8.87 -16.49 -11.99
CA ALA A 107 -9.64 -17.76 -12.09
C ALA A 107 -11.15 -17.53 -12.02
N GLY A 108 -11.65 -16.29 -11.97
CA GLY A 108 -13.11 -16.05 -11.94
C GLY A 108 -13.67 -15.95 -10.53
N GLY A 109 -12.81 -15.83 -9.52
CA GLY A 109 -13.29 -15.64 -8.15
C GLY A 109 -13.23 -14.17 -7.79
N TYR A 110 -13.75 -13.87 -6.61
CA TYR A 110 -13.70 -12.53 -5.97
C TYR A 110 -13.06 -12.64 -4.59
N PRO A 111 -11.82 -12.16 -4.45
CA PRO A 111 -11.09 -12.26 -3.19
C PRO A 111 -11.47 -11.08 -2.29
N LEU A 112 -11.49 -11.33 -0.99
CA LEU A 112 -11.66 -10.32 0.09
C LEU A 112 -10.58 -10.58 1.14
N GLU A 113 -9.67 -9.62 1.28
CA GLU A 113 -8.50 -9.72 2.18
C GLU A 113 -8.91 -9.35 3.61
N PHE A 114 -8.38 -10.08 4.58
CA PHE A 114 -8.45 -9.71 6.00
C PHE A 114 -7.14 -10.12 6.69
N GLY A 115 -7.02 -9.65 7.93
CA GLY A 115 -5.79 -9.81 8.71
C GLY A 115 -6.05 -10.52 10.02
N THR A 116 -5.00 -11.15 10.51
CA THR A 116 -5.00 -11.60 11.93
CA THR A 116 -4.91 -11.84 11.82
C THR A 116 -3.59 -11.43 12.48
N ILE A 117 -3.44 -11.73 13.75
CA ILE A 117 -2.20 -11.47 14.50
C ILE A 117 -1.13 -12.52 14.14
N SER A 118 0.10 -12.23 14.51
CA SER A 118 1.08 -13.23 14.98
C SER A 118 1.79 -12.61 16.15
N VAL A 119 2.70 -13.36 16.75
CA VAL A 119 3.68 -12.78 17.69
C VAL A 119 5.04 -12.91 16.97
N SER A 120 6.13 -12.64 17.68
CA SER A 120 7.50 -13.01 17.26
C SER A 120 8.00 -14.01 18.30
N ASP A 121 8.27 -15.24 17.91
CA ASP A 121 8.89 -16.21 18.86
C ASP A 121 10.27 -15.70 19.28
N GLY A 122 11.05 -15.18 18.33
CA GLY A 122 12.43 -14.71 18.61
C GLY A 122 12.43 -13.52 19.57
N ILE A 123 11.63 -12.48 19.30
CA ILE A 123 11.56 -11.27 20.16
C ILE A 123 11.00 -11.67 21.53
N SER A 124 10.09 -12.63 21.58
CA SER A 124 9.42 -13.01 22.85
C SER A 124 10.31 -13.94 23.70
N MET A 125 11.38 -14.49 23.13
CA MET A 125 12.14 -15.61 23.74
C MET A 125 12.76 -15.20 25.07
N GLY A 126 12.69 -16.09 26.08
CA GLY A 126 13.50 -16.01 27.31
C GLY A 126 12.97 -15.04 28.34
N HIS A 127 11.75 -14.51 28.16
CA HIS A 127 11.11 -13.55 29.10
C HIS A 127 9.59 -13.77 29.07
N GLU A 128 8.85 -12.93 29.77
CA GLU A 128 7.39 -13.08 30.00
C GLU A 128 6.63 -13.20 28.67
N GLY A 129 7.12 -12.60 27.59
CA GLY A 129 6.37 -12.62 26.32
C GLY A 129 6.20 -14.03 25.77
N MET A 130 7.09 -14.96 26.09
CA MET A 130 7.02 -16.34 25.53
C MET A 130 5.85 -17.11 26.15
N HIS A 131 5.27 -16.63 27.25
CA HIS A 131 4.03 -17.23 27.78
C HIS A 131 2.90 -17.09 26.75
N PHE A 132 3.03 -16.21 25.76
CA PHE A 132 1.89 -15.88 24.85
C PHE A 132 2.16 -16.43 23.46
N SER A 133 3.21 -17.22 23.23
CA SER A 133 3.51 -17.73 21.87
C SER A 133 2.54 -18.83 21.44
N LEU A 134 2.49 -19.95 22.16
CA LEU A 134 1.71 -21.12 21.71
C LEU A 134 0.23 -20.72 21.68
N VAL A 135 -0.25 -19.98 22.66
CA VAL A 135 -1.70 -19.59 22.67
C VAL A 135 -2.02 -18.74 21.43
N SER A 136 -1.07 -18.04 20.83
CA SER A 136 -1.32 -17.28 19.57
C SER A 136 -1.82 -18.22 18.45
N ARG A 137 -1.37 -19.46 18.43
CA ARG A 137 -1.84 -20.47 17.47
C ARG A 137 -3.36 -20.60 17.61
N GLU A 138 -3.86 -20.65 18.84
CA GLU A 138 -5.30 -20.90 19.11
C GLU A 138 -6.08 -19.65 18.66
N VAL A 139 -5.58 -18.46 18.99
CA VAL A 139 -6.27 -17.16 18.65
C VAL A 139 -6.33 -17.01 17.12
N ILE A 140 -5.24 -17.36 16.42
CA ILE A 140 -5.21 -17.26 14.93
C ILE A 140 -6.26 -18.22 14.36
N ALA A 141 -6.32 -19.46 14.82
CA ALA A 141 -7.26 -20.44 14.26
C ALA A 141 -8.69 -19.91 14.51
N ASP A 142 -8.98 -19.48 15.72
CA ASP A 142 -10.31 -18.92 16.07
C ASP A 142 -10.63 -17.73 15.14
N SER A 143 -9.64 -16.84 14.92
CA SER A 143 -9.77 -15.58 14.14
CA SER A 143 -9.87 -15.58 14.18
C SER A 143 -10.26 -15.93 12.74
N VAL A 144 -9.65 -16.92 12.13
CA VAL A 144 -10.00 -17.27 10.72
C VAL A 144 -11.35 -17.96 10.66
N GLU A 145 -11.63 -18.83 11.62
CA GLU A 145 -12.93 -19.50 11.71
C GLU A 145 -14.04 -18.42 11.81
N VAL A 146 -13.84 -17.42 12.67
CA VAL A 146 -14.86 -16.37 12.93
C VAL A 146 -15.15 -15.61 11.63
N VAL A 147 -14.14 -15.15 10.90
CA VAL A 147 -14.40 -14.33 9.69
C VAL A 147 -15.03 -15.20 8.60
N MET A 148 -14.51 -16.40 8.39
CA MET A 148 -15.00 -17.29 7.31
C MET A 148 -16.47 -17.62 7.57
N GLN A 149 -16.82 -17.94 8.81
CA GLN A 149 -18.20 -18.36 9.16
C GLN A 149 -19.12 -17.12 9.12
N ALA A 150 -18.66 -15.98 9.66
CA ALA A 150 -19.49 -14.76 9.72
C ALA A 150 -19.85 -14.28 8.32
N GLU A 151 -18.93 -14.34 7.35
CA GLU A 151 -19.09 -13.66 6.05
C GLU A 151 -19.55 -14.63 4.97
N ARG A 152 -19.63 -15.93 5.26
CA ARG A 152 -20.11 -16.95 4.30
C ARG A 152 -19.22 -16.99 3.07
N LEU A 153 -17.91 -16.93 3.30
CA LEU A 153 -16.93 -17.10 2.22
C LEU A 153 -16.84 -18.60 1.83
N ASP A 154 -16.66 -18.82 0.55
CA ASP A 154 -16.71 -20.17 -0.06
C ASP A 154 -15.41 -20.96 0.18
N GLY A 155 -14.29 -20.26 0.27
CA GLY A 155 -12.96 -20.87 0.39
C GLY A 155 -11.94 -19.83 0.80
N SER A 156 -10.73 -20.25 1.12
CA SER A 156 -9.69 -19.33 1.63
C SER A 156 -8.33 -19.64 1.03
N VAL A 157 -7.51 -18.60 1.00
CA VAL A 157 -6.05 -18.69 0.87
C VAL A 157 -5.51 -18.07 2.13
N LEU A 158 -4.71 -18.86 2.85
CA LEU A 158 -4.23 -18.57 4.20
C LEU A 158 -2.72 -18.36 4.14
N LEU A 159 -2.27 -17.16 4.47
CA LEU A 159 -0.86 -16.72 4.36
C LEU A 159 -0.30 -16.52 5.76
N ALA A 160 0.82 -17.18 6.03
CA ALA A 160 1.44 -17.24 7.37
C ALA A 160 2.95 -17.13 7.26
N GLY A 161 3.54 -16.45 8.23
CA GLY A 161 4.98 -16.15 8.27
C GLY A 161 5.60 -16.70 9.54
N CYS A 162 5.36 -16.03 10.67
CA CYS A 162 6.01 -16.39 11.95
C CYS A 162 5.45 -17.73 12.45
N ASP A 163 6.32 -18.58 13.01
CA ASP A 163 6.02 -19.93 13.56
C ASP A 163 4.54 -20.25 13.80
N SER A 165 1.71 -18.84 13.32
CA SER A 165 0.72 -18.47 12.32
C SER A 165 0.51 -19.61 11.33
N LEU A 166 1.53 -20.41 11.05
CA LEU A 166 1.38 -21.56 10.13
C LEU A 166 0.39 -22.58 10.71
N PRO A 167 0.61 -23.17 11.91
CA PRO A 167 -0.37 -24.11 12.45
C PRO A 167 -1.73 -23.47 12.72
N GLY A 168 -1.77 -22.21 13.17
CA GLY A 168 -3.04 -21.48 13.34
C GLY A 168 -3.89 -21.54 12.09
N MET A 169 -3.32 -21.17 10.94
CA MET A 169 -4.06 -21.15 9.64
C MET A 169 -4.44 -22.60 9.28
N LEU A 170 -3.53 -23.57 9.43
CA LEU A 170 -3.82 -24.97 9.05
C LEU A 170 -4.93 -25.54 9.94
N MET A 171 -4.91 -25.23 11.21
CA MET A 171 -5.97 -25.69 12.15
C MET A 171 -7.31 -25.10 11.69
N ALA A 172 -7.34 -23.80 11.32
CA ALA A 172 -8.59 -23.16 10.83
C ALA A 172 -9.10 -23.85 9.56
N ALA A 173 -8.21 -24.12 8.58
CA ALA A 173 -8.55 -24.83 7.32
C ALA A 173 -9.19 -26.16 7.65
N ALA A 174 -8.61 -26.88 8.61
CA ALA A 174 -9.13 -28.22 8.98
C ALA A 174 -10.51 -28.10 9.63
N ARG A 175 -10.63 -27.16 10.56
CA ARG A 175 -11.86 -26.91 11.35
C ARG A 175 -13.04 -26.53 10.42
N LEU A 176 -12.81 -25.62 9.48
CA LEU A 176 -13.87 -25.11 8.56
C LEU A 176 -14.29 -26.17 7.55
N ASP A 177 -13.39 -27.05 7.14
CA ASP A 177 -13.62 -28.01 6.02
C ASP A 177 -14.26 -27.32 4.79
N LEU A 178 -13.71 -26.18 4.37
CA LEU A 178 -13.98 -25.54 3.05
C LEU A 178 -12.72 -25.69 2.19
N ALA A 179 -12.81 -25.37 0.91
CA ALA A 179 -11.62 -25.26 0.04
C ALA A 179 -10.65 -24.29 0.71
N ALA A 180 -9.39 -24.68 0.78
CA ALA A 180 -8.34 -23.87 1.43
C ALA A 180 -7.00 -24.19 0.80
N VAL A 181 -6.24 -23.16 0.51
CA VAL A 181 -4.85 -23.28 0.07
C VAL A 181 -3.98 -22.49 1.03
N PHE A 182 -2.89 -23.10 1.47
CA PHE A 182 -1.95 -22.49 2.43
C PHE A 182 -0.73 -21.98 1.67
N LEU A 183 -0.29 -20.76 1.99
CA LEU A 183 0.90 -20.16 1.39
C LEU A 183 1.80 -19.58 2.46
N TYR A 184 3.08 -19.94 2.43
CA TYR A 184 4.13 -19.44 3.35
C TYR A 184 4.69 -18.09 2.88
N ALA A 185 5.09 -17.28 3.83
CA ALA A 185 5.76 -15.99 3.60
C ALA A 185 7.11 -16.20 2.92
N GLY A 186 7.75 -17.37 3.17
CA GLY A 186 9.14 -17.56 2.75
C GLY A 186 10.14 -17.32 3.86
N SER A 187 11.27 -18.03 3.77
CA SER A 187 12.41 -17.91 4.69
C SER A 187 13.16 -16.61 4.52
N ILE A 188 13.64 -16.07 5.63
CA ILE A 188 14.74 -15.07 5.63
C ILE A 188 16.01 -15.71 5.04
N LEU A 189 16.94 -14.86 4.61
CA LEU A 189 18.28 -15.32 4.20
C LEU A 189 19.22 -15.28 5.40
N PRO A 190 20.27 -16.11 5.41
CA PRO A 190 21.29 -16.01 6.43
C PRO A 190 22.05 -14.69 6.26
N GLY A 191 22.65 -14.20 7.34
CA GLY A 191 23.53 -13.03 7.33
C GLY A 191 24.97 -13.46 7.42
N ARG A 192 25.91 -12.53 7.25
CA ARG A 192 27.35 -12.85 7.33
C ARG A 192 27.93 -11.89 8.37
N ALA A 193 28.34 -12.42 9.52
CA ALA A 193 28.85 -11.60 10.63
C ALA A 193 30.36 -11.38 10.41
N LYS A 194 30.80 -10.12 10.47
CA LYS A 194 32.25 -9.80 10.46
C LYS A 194 32.71 -9.71 11.93
N LEU A 195 33.45 -10.72 12.38
CA LEU A 195 33.87 -10.80 13.81
C LEU A 195 35.11 -9.94 14.02
N SER A 196 35.43 -9.61 15.28
CA SER A 196 36.51 -8.65 15.64
C SER A 196 37.89 -9.14 15.14
N ASP A 197 38.11 -10.47 15.00
CA ASP A 197 39.38 -11.09 14.52
C ASP A 197 39.44 -11.06 12.98
N GLY A 198 38.42 -10.54 12.29
CA GLY A 198 38.35 -10.46 10.82
C GLY A 198 37.63 -11.64 10.17
N SER A 199 37.47 -12.76 10.86
CA SER A 199 36.77 -13.96 10.33
C SER A 199 35.29 -13.65 10.12
N GLU A 200 34.60 -14.54 9.42
CA GLU A 200 33.18 -14.38 9.08
C GLU A 200 32.48 -15.72 9.26
N ARG A 201 31.18 -15.67 9.56
CA ARG A 201 30.32 -16.88 9.65
C ARG A 201 28.94 -16.51 9.09
N ASP A 202 28.33 -17.40 8.31
CA ASP A 202 26.91 -17.29 7.92
C ASP A 202 26.05 -17.54 9.17
N VAL A 203 25.25 -16.56 9.60
CA VAL A 203 24.50 -16.65 10.87
C VAL A 203 22.99 -16.58 10.63
N THR A 204 22.24 -17.26 11.50
CA THR A 204 20.78 -17.14 11.60
C THR A 204 20.49 -16.76 13.06
N ILE A 205 19.23 -16.53 13.38
CA ILE A 205 18.83 -16.08 14.74
C ILE A 205 19.46 -16.95 15.86
N ILE A 206 19.60 -18.27 15.69
CA ILE A 206 20.09 -19.16 16.80
C ILE A 206 21.48 -18.70 17.26
N ASP A 207 22.27 -18.10 16.36
CA ASP A 207 23.67 -17.73 16.64
C ASP A 207 23.72 -16.56 17.61
N ALA A 208 22.66 -15.75 17.70
CA ALA A 208 22.57 -14.69 18.72
C ALA A 208 22.31 -15.31 20.10
N PHE A 209 21.39 -16.29 20.19
CA PHE A 209 21.05 -16.96 21.47
C PHE A 209 22.30 -17.69 21.97
N GLU A 210 22.99 -18.37 21.07
CA GLU A 210 24.24 -19.12 21.41
C GLU A 210 25.31 -18.13 21.84
N ALA A 211 25.47 -17.01 21.15
CA ALA A 211 26.47 -15.96 21.48
C ALA A 211 26.26 -15.45 22.90
N VAL A 212 25.01 -15.27 23.32
CA VAL A 212 24.74 -14.76 24.70
C VAL A 212 25.44 -15.69 25.70
N GLY A 213 25.26 -17.00 25.58
CA GLY A 213 25.86 -17.98 26.49
C GLY A 213 27.37 -17.94 26.38
N ALA A 214 27.91 -17.89 25.15
CA ALA A 214 29.38 -17.82 24.91
C ALA A 214 29.94 -16.56 25.56
N CYS A 215 29.25 -15.43 25.41
CA CYS A 215 29.73 -14.14 25.94
C CYS A 215 29.71 -14.15 27.48
N SER A 216 28.60 -14.51 28.12
CA SER A 216 28.44 -14.47 29.60
C SER A 216 29.47 -15.40 30.27
N ARG A 217 29.88 -16.49 29.60
CA ARG A 217 30.92 -17.45 30.08
C ARG A 217 32.34 -16.97 29.71
N GLY A 218 32.48 -15.81 29.05
CA GLY A 218 33.77 -15.19 28.71
C GLY A 218 34.36 -15.68 27.39
N LEU A 219 33.76 -16.68 26.72
CA LEU A 219 34.28 -17.37 25.51
C LEU A 219 34.09 -16.52 24.25
N MET A 220 33.44 -15.35 24.33
CA MET A 220 33.16 -14.45 23.16
C MET A 220 33.08 -13.02 23.65
N SER A 221 33.68 -12.09 22.91
CA SER A 221 33.63 -10.63 23.17
C SER A 221 32.21 -10.11 22.93
N ARG A 222 31.81 -9.08 23.68
CA ARG A 222 30.54 -8.34 23.48
C ARG A 222 30.54 -7.74 22.08
N ALA A 223 31.71 -7.33 21.57
CA ALA A 223 31.84 -6.73 20.22
C ALA A 223 31.37 -7.78 19.19
N ASP A 224 31.70 -9.05 19.40
CA ASP A 224 31.37 -10.15 18.46
C ASP A 224 29.87 -10.45 18.58
N VAL A 225 29.32 -10.45 19.80
CA VAL A 225 27.84 -10.58 20.01
C VAL A 225 27.15 -9.48 19.18
N ASP A 226 27.57 -8.23 19.34
CA ASP A 226 26.98 -7.05 18.65
C ASP A 226 27.08 -7.24 17.14
N ALA A 227 28.19 -7.80 16.64
CA ALA A 227 28.41 -8.00 15.19
C ALA A 227 27.42 -9.05 14.69
N ILE A 228 27.18 -10.08 15.48
CA ILE A 228 26.21 -11.15 15.13
C ILE A 228 24.78 -10.56 15.15
N GLU A 229 24.44 -9.75 16.16
CA GLU A 229 23.14 -9.06 16.30
C GLU A 229 22.85 -8.27 15.03
N ARG A 230 23.85 -7.57 14.50
CA ARG A 230 23.68 -6.70 13.30
C ARG A 230 23.50 -7.54 12.02
N ALA A 231 23.89 -8.81 12.02
CA ALA A 231 23.89 -9.61 10.78
C ALA A 231 22.74 -10.63 10.72
N ILE A 232 22.15 -11.06 11.84
CA ILE A 232 21.30 -12.29 11.85
C ILE A 232 20.05 -12.14 10.99
N CYS A 233 19.48 -10.94 10.90
CA CYS A 233 18.16 -10.76 10.23
C CYS A 233 18.28 -9.66 9.18
N PRO A 234 18.70 -10.00 7.94
CA PRO A 234 18.96 -8.95 6.94
C PRO A 234 17.66 -8.22 6.51
N GLY A 235 16.56 -8.95 6.37
CA GLY A 235 15.26 -8.33 6.01
C GLY A 235 14.12 -9.30 6.18
N GLU A 236 13.24 -9.32 5.21
CA GLU A 236 11.94 -9.99 5.36
C GLU A 236 12.17 -11.51 5.34
N GLY A 237 11.27 -12.23 6.01
CA GLY A 237 11.17 -13.68 5.99
C GLY A 237 11.34 -14.28 7.36
N ALA A 238 10.80 -15.48 7.54
CA ALA A 238 10.83 -16.30 8.79
C ALA A 238 12.22 -16.90 9.03
N CYS A 239 12.49 -17.42 10.22
CA CYS A 239 13.87 -17.75 10.66
C CYS A 239 14.44 -18.82 9.71
N GLY A 240 15.73 -18.72 9.43
CA GLY A 240 16.31 -19.15 8.15
C GLY A 240 16.79 -20.58 8.11
N GLY A 241 16.93 -21.25 9.25
CA GLY A 241 17.30 -22.69 9.31
C GLY A 241 16.08 -23.57 9.22
N MET A 242 16.23 -24.87 9.50
CA MET A 242 15.07 -25.79 9.49
C MET A 242 14.36 -25.67 10.82
N TYR A 243 13.80 -24.50 11.11
CA TYR A 243 13.19 -24.21 12.42
C TYR A 243 11.70 -24.47 12.25
N THR A 244 10.85 -23.93 13.12
CA THR A 244 9.42 -24.29 13.13
C THR A 244 8.77 -23.78 11.83
N ALA A 245 9.02 -22.55 11.40
CA ALA A 245 8.32 -21.99 10.23
C ALA A 245 8.69 -22.84 8.99
N ASN A 246 9.98 -23.05 8.77
CA ASN A 246 10.48 -23.81 7.60
C ASN A 246 10.02 -25.26 7.70
N THR A 247 9.95 -25.84 8.91
CA THR A 247 9.51 -27.23 9.07
C THR A 247 8.05 -27.27 8.72
N MET A 248 7.25 -26.33 9.25
CA MET A 248 5.77 -26.38 9.05
C MET A 248 5.43 -26.04 7.60
N ALA A 249 6.18 -25.16 6.94
CA ALA A 249 5.97 -24.82 5.51
C ALA A 249 6.20 -26.09 4.70
N SER A 250 7.27 -26.82 5.05
CA SER A 250 7.63 -28.12 4.38
C SER A 250 6.51 -29.13 4.66
N ALA A 251 6.07 -29.21 5.91
CA ALA A 251 4.98 -30.10 6.33
C ALA A 251 3.69 -29.75 5.55
N ALA A 252 3.46 -28.47 5.26
CA ALA A 252 2.22 -28.07 4.55
C ALA A 252 2.27 -28.59 3.10
N GLU A 253 3.44 -28.62 2.48
CA GLU A 253 3.59 -29.21 1.14
C GLU A 253 3.27 -30.70 1.29
N ALA A 254 3.80 -31.34 2.33
CA ALA A 254 3.67 -32.82 2.50
C ALA A 254 2.22 -33.20 2.82
N LEU A 255 1.49 -32.34 3.56
CA LEU A 255 0.05 -32.53 3.85
C LEU A 255 -0.77 -32.38 2.57
N GLY A 256 -0.19 -31.82 1.51
CA GLY A 256 -0.88 -31.46 0.25
C GLY A 256 -1.74 -30.16 0.33
N MET A 257 -1.46 -29.30 1.29
CA MET A 257 -2.23 -28.05 1.54
C MET A 257 -1.53 -26.85 0.88
N SER A 258 -0.27 -26.97 0.46
CA SER A 258 0.48 -25.93 -0.30
C SER A 258 0.89 -26.51 -1.63
N LEU A 259 0.93 -25.69 -2.67
CA LEU A 259 1.40 -26.13 -3.99
C LEU A 259 2.80 -26.70 -3.81
N PRO A 260 3.07 -27.84 -4.46
CA PRO A 260 4.39 -28.44 -4.38
C PRO A 260 5.41 -27.44 -4.89
N GLY A 261 6.52 -27.33 -4.18
CA GLY A 261 7.62 -26.43 -4.56
C GLY A 261 7.52 -25.06 -3.90
N SER A 262 6.41 -24.76 -3.24
CA SER A 262 6.11 -23.38 -2.75
C SER A 262 6.83 -23.07 -1.44
N ALA A 263 7.22 -24.05 -0.63
CA ALA A 263 7.81 -23.77 0.71
C ALA A 263 9.18 -23.11 0.61
N ALA A 264 10.04 -23.57 -0.30
CA ALA A 264 11.49 -23.28 -0.18
C ALA A 264 11.93 -21.92 -0.73
N PRO A 265 11.36 -21.31 -1.81
CA PRO A 265 11.89 -20.02 -2.27
C PRO A 265 11.93 -18.96 -1.16
N PRO A 266 13.08 -18.26 -0.97
CA PRO A 266 13.17 -17.21 0.06
C PRO A 266 12.12 -16.08 -0.08
N ALA A 267 11.70 -15.53 1.05
CA ALA A 267 10.69 -14.44 1.13
C ALA A 267 11.01 -13.34 0.10
N THR A 268 12.29 -12.99 -0.05
CA THR A 268 12.83 -11.94 -0.95
C THR A 268 12.80 -12.39 -2.43
N ASP A 269 12.52 -13.67 -2.72
CA ASP A 269 12.55 -14.20 -4.09
C ASP A 269 11.16 -14.08 -4.75
N ARG A 270 11.14 -13.47 -5.94
CA ARG A 270 9.86 -13.18 -6.65
C ARG A 270 9.18 -14.41 -7.23
N ARG A 271 9.80 -15.57 -7.19
CA ARG A 271 9.08 -16.83 -7.43
C ARG A 271 7.90 -16.99 -6.45
N ARG A 272 7.97 -16.42 -5.26
CA ARG A 272 6.86 -16.59 -4.29
C ARG A 272 5.62 -15.91 -4.87
N ASP A 273 5.80 -14.84 -5.66
CA ASP A 273 4.64 -14.11 -6.26
C ASP A 273 3.91 -15.05 -7.22
N GLY A 274 4.64 -15.80 -8.04
CA GLY A 274 4.05 -16.80 -8.93
C GLY A 274 3.30 -17.86 -8.14
N PHE A 275 3.91 -18.39 -7.07
CA PHE A 275 3.20 -19.35 -6.17
C PHE A 275 1.93 -18.71 -5.59
N ALA A 276 1.97 -17.43 -5.28
CA ALA A 276 0.79 -16.72 -4.70
C ALA A 276 -0.34 -16.68 -5.71
N ARG A 277 -0.03 -16.31 -6.98
CA ARG A 277 -1.11 -16.20 -7.98
C ARG A 277 -1.69 -17.60 -8.25
N ARG A 278 -0.81 -18.61 -8.32
CA ARG A 278 -1.27 -19.99 -8.61
C ARG A 278 -2.07 -20.53 -7.43
N SER A 279 -1.81 -20.06 -6.21
CA SER A 279 -2.57 -20.48 -4.99
C SER A 279 -3.99 -19.93 -5.09
N GLY A 280 -4.15 -18.64 -5.44
CA GLY A 280 -5.46 -18.06 -5.73
C GLY A 280 -6.18 -18.81 -6.83
N GLN A 281 -5.52 -19.11 -7.95
CA GLN A 281 -6.12 -19.91 -9.03
C GLN A 281 -6.54 -21.26 -8.45
N ALA A 282 -5.70 -21.88 -7.62
CA ALA A 282 -5.91 -23.30 -7.21
C ALA A 282 -7.18 -23.39 -6.37
N VAL A 283 -7.39 -22.42 -5.50
CA VAL A 283 -8.53 -22.53 -4.56
C VAL A 283 -9.84 -22.44 -5.33
N VAL A 284 -9.94 -21.62 -6.36
CA VAL A 284 -11.19 -21.52 -7.18
C VAL A 284 -11.42 -22.86 -7.90
N GLU A 285 -10.35 -23.50 -8.39
CA GLU A 285 -10.45 -24.82 -9.06
C GLU A 285 -10.90 -25.88 -8.03
N LEU A 286 -10.47 -25.80 -6.77
CA LEU A 286 -10.98 -26.72 -5.73
C LEU A 286 -12.48 -26.54 -5.59
N LEU A 287 -12.95 -25.29 -5.58
CA LEU A 287 -14.41 -25.03 -5.51
C LEU A 287 -15.11 -25.63 -6.73
N ARG A 288 -14.59 -25.43 -7.95
CA ARG A 288 -15.20 -26.01 -9.17
C ARG A 288 -15.30 -27.54 -9.04
N ARG A 289 -14.35 -28.19 -8.36
CA ARG A 289 -14.29 -29.68 -8.26
C ARG A 289 -15.04 -30.15 -7.00
N GLY A 290 -15.54 -29.24 -6.15
CA GLY A 290 -16.18 -29.56 -4.85
C GLY A 290 -15.22 -30.16 -3.81
N ILE A 291 -13.93 -29.84 -3.87
CA ILE A 291 -12.92 -30.35 -2.91
C ILE A 291 -12.86 -29.42 -1.70
N THR A 292 -12.76 -29.98 -0.51
CA THR A 292 -12.59 -29.24 0.76
C THR A 292 -11.35 -29.74 1.52
N ALA A 293 -10.96 -29.03 2.57
CA ALA A 293 -9.69 -29.30 3.28
C ALA A 293 -9.68 -30.76 3.78
N ARG A 294 -10.81 -31.29 4.21
CA ARG A 294 -10.79 -32.64 4.85
C ARG A 294 -10.68 -33.74 3.79
N ASP A 295 -10.85 -33.44 2.51
CA ASP A 295 -10.58 -34.38 1.39
C ASP A 295 -9.07 -34.51 1.24
N ILE A 296 -8.31 -33.51 1.67
CA ILE A 296 -6.83 -33.50 1.57
C ILE A 296 -6.20 -33.99 2.87
N LEU A 297 -6.68 -33.53 4.02
CA LEU A 297 -6.09 -33.86 5.33
C LEU A 297 -6.63 -35.22 5.82
N THR A 298 -6.27 -36.29 5.10
CA THR A 298 -6.56 -37.69 5.49
C THR A 298 -5.44 -38.20 6.42
N LYS A 299 -5.66 -39.34 7.08
CA LYS A 299 -4.60 -39.94 7.93
C LYS A 299 -3.32 -40.04 7.09
N GLU A 300 -3.44 -40.45 5.86
CA GLU A 300 -2.27 -40.71 4.96
C GLU A 300 -1.52 -39.41 4.73
N ALA A 301 -2.22 -38.29 4.61
CA ALA A 301 -1.57 -36.98 4.40
C ALA A 301 -0.80 -36.59 5.64
N PHE A 302 -1.32 -36.82 6.85
CA PHE A 302 -0.58 -36.60 8.12
C PHE A 302 0.65 -37.50 8.20
N GLU A 303 0.53 -38.77 7.77
CA GLU A 303 1.69 -39.70 7.73
C GLU A 303 2.77 -39.14 6.79
N ASN A 304 2.38 -38.61 5.63
CA ASN A 304 3.32 -37.98 4.66
C ASN A 304 4.02 -36.81 5.36
N ALA A 305 3.28 -36.00 6.12
CA ALA A 305 3.86 -34.83 6.83
C ALA A 305 4.86 -35.30 7.89
N ILE A 306 4.50 -36.32 8.67
CA ILE A 306 5.44 -36.84 9.69
C ILE A 306 6.72 -37.31 8.98
N ALA A 307 6.56 -38.03 7.88
CA ALA A 307 7.69 -38.59 7.08
C ALA A 307 8.64 -37.47 6.65
N VAL A 308 8.10 -36.38 6.09
CA VAL A 308 8.93 -35.24 5.66
C VAL A 308 9.60 -34.57 6.86
N VAL A 309 8.88 -34.36 7.97
CA VAL A 309 9.49 -33.74 9.16
C VAL A 309 10.62 -34.67 9.66
N MET A 310 10.41 -35.96 9.59
CA MET A 310 11.39 -36.94 10.14
C MET A 310 12.65 -36.92 9.26
N ALA A 311 12.47 -36.81 7.95
CA ALA A 311 13.56 -36.82 6.96
C ALA A 311 14.35 -35.52 7.10
N PHE A 312 13.65 -34.41 7.40
CA PHE A 312 14.30 -33.08 7.53
C PHE A 312 14.97 -32.93 8.89
N GLY A 313 14.66 -33.76 9.89
CA GLY A 313 15.05 -33.41 11.26
C GLY A 313 14.42 -32.07 11.71
N GLY A 314 13.13 -31.89 11.43
CA GLY A 314 12.40 -30.64 11.67
C GLY A 314 12.10 -30.39 13.13
N SER A 315 11.58 -29.20 13.41
CA SER A 315 11.23 -28.68 14.76
C SER A 315 10.37 -29.68 15.52
N THR A 316 10.64 -29.83 16.82
CA THR A 316 9.81 -30.63 17.74
C THR A 316 8.43 -29.97 17.94
N ASN A 317 8.27 -28.69 17.63
CA ASN A 317 6.93 -28.05 17.63
C ASN A 317 6.02 -28.71 16.60
N ALA A 318 6.57 -29.31 15.55
CA ALA A 318 5.76 -29.95 14.50
C ALA A 318 4.96 -31.10 15.12
N VAL A 319 5.46 -31.72 16.19
CA VAL A 319 4.69 -32.79 16.89
C VAL A 319 3.42 -32.17 17.47
N LEU A 320 3.53 -31.09 18.23
CA LEU A 320 2.31 -30.42 18.78
C LEU A 320 1.38 -29.99 17.63
N HIS A 321 1.94 -29.34 16.62
CA HIS A 321 1.11 -28.71 15.54
C HIS A 321 0.48 -29.80 14.67
N LEU A 322 1.20 -30.87 14.26
CA LEU A 322 0.51 -31.94 13.49
C LEU A 322 -0.56 -32.66 14.34
N LEU A 323 -0.35 -32.92 15.64
CA LEU A 323 -1.42 -33.51 16.48
C LEU A 323 -2.65 -32.59 16.48
N ALA A 324 -2.42 -31.28 16.59
CA ALA A 324 -3.49 -30.26 16.74
C ALA A 324 -4.28 -30.13 15.43
N ILE A 325 -3.59 -30.14 14.28
CA ILE A 325 -4.26 -30.01 12.95
C ILE A 325 -5.07 -31.30 12.68
N ALA A 326 -4.53 -32.47 13.04
CA ALA A 326 -5.28 -33.73 12.91
C ALA A 326 -6.55 -33.67 13.76
N HIS A 327 -6.41 -33.23 14.99
CA HIS A 327 -7.56 -33.08 15.90
C HIS A 327 -8.64 -32.21 15.21
N GLU A 328 -8.23 -31.08 14.61
CA GLU A 328 -9.17 -30.14 13.92
C GLU A 328 -9.78 -30.77 12.67
N ALA A 329 -9.08 -31.67 11.96
CA ALA A 329 -9.57 -32.41 10.79
C ALA A 329 -10.39 -33.66 11.18
N ASN A 330 -10.54 -33.95 12.48
CA ASN A 330 -11.25 -35.14 13.04
C ASN A 330 -10.57 -36.42 12.53
N VAL A 331 -9.23 -36.43 12.51
CA VAL A 331 -8.40 -37.59 12.10
C VAL A 331 -7.62 -38.01 13.35
N ALA A 332 -7.64 -39.31 13.64
CA ALA A 332 -6.87 -39.87 14.77
C ALA A 332 -5.38 -39.80 14.44
N LEU A 333 -4.62 -39.17 15.32
CA LEU A 333 -3.14 -39.10 15.28
C LEU A 333 -2.64 -39.05 16.70
N SER A 334 -1.62 -39.85 16.99
CA SER A 334 -1.03 -39.98 18.35
C SER A 334 0.50 -39.93 18.25
N LEU A 335 1.15 -39.72 19.39
CA LEU A 335 2.62 -39.88 19.50
C LEU A 335 3.05 -41.23 18.90
N GLN A 336 2.24 -42.28 19.02
CA GLN A 336 2.66 -43.64 18.55
C GLN A 336 2.81 -43.59 17.02
N ASP A 337 2.03 -42.75 16.33
CA ASP A 337 2.13 -42.60 14.85
C ASP A 337 3.48 -41.96 14.51
N PHE A 338 3.93 -41.00 15.30
CA PHE A 338 5.27 -40.39 15.12
C PHE A 338 6.37 -41.44 15.32
N SER A 339 6.30 -42.27 16.39
CA SER A 339 7.28 -43.37 16.64
C SER A 339 7.27 -44.33 15.45
N ARG A 340 6.10 -44.74 14.98
CA ARG A 340 5.92 -45.76 13.94
C ARG A 340 6.53 -45.21 12.65
N ILE A 341 6.14 -44.01 12.23
CA ILE A 341 6.65 -43.47 10.93
C ILE A 341 8.14 -43.17 11.04
N GLY A 342 8.56 -42.55 12.14
CA GLY A 342 9.94 -42.13 12.40
C GLY A 342 10.90 -43.34 12.40
N SER A 343 10.46 -44.48 12.90
CA SER A 343 11.36 -45.67 12.91
C SER A 343 11.72 -46.08 11.46
N GLY A 344 10.89 -45.75 10.48
CA GLY A 344 11.00 -46.23 9.08
C GLY A 344 11.54 -45.19 8.11
N VAL A 345 11.78 -43.95 8.57
CA VAL A 345 12.21 -42.80 7.71
C VAL A 345 13.58 -42.32 8.15
N PRO A 346 14.60 -42.38 7.27
CA PRO A 346 15.93 -41.89 7.63
C PRO A 346 15.99 -40.36 7.71
N HIS A 347 16.90 -39.86 8.53
CA HIS A 347 17.23 -38.43 8.64
C HIS A 347 18.21 -38.06 7.51
N LEU A 348 17.76 -37.23 6.56
CA LEU A 348 18.48 -36.92 5.32
C LEU A 348 19.04 -35.49 5.30
N ALA A 349 18.38 -34.50 5.94
CA ALA A 349 18.71 -33.08 5.75
C ALA A 349 19.84 -32.64 6.68
N ASP A 350 20.93 -32.13 6.10
CA ASP A 350 22.11 -31.58 6.81
C ASP A 350 21.89 -30.08 7.02
N VAL A 351 21.05 -29.74 8.00
CA VAL A 351 20.49 -28.36 8.13
C VAL A 351 20.69 -27.84 9.55
N LYS A 352 20.89 -26.54 9.65
CA LYS A 352 20.78 -25.81 10.94
C LYS A 352 19.44 -26.19 11.57
N PRO A 353 19.38 -26.37 12.92
CA PRO A 353 20.42 -25.93 13.84
C PRO A 353 21.61 -26.87 14.13
N PHE A 354 21.51 -28.13 13.72
CA PHE A 354 22.48 -29.20 14.05
C PHE A 354 23.48 -29.35 12.91
N GLY A 355 23.05 -29.04 11.68
CA GLY A 355 23.86 -29.23 10.46
C GLY A 355 24.28 -27.93 9.82
N ARG A 356 24.64 -28.00 8.54
CA ARG A 356 25.42 -26.93 7.90
C ARG A 356 24.49 -25.94 7.19
N HIS A 357 23.40 -26.44 6.62
CA HIS A 357 22.69 -25.71 5.52
C HIS A 357 21.45 -25.00 6.07
N VAL A 358 21.00 -23.99 5.31
CA VAL A 358 19.78 -23.20 5.66
C VAL A 358 18.76 -23.37 4.54
N MET A 359 17.54 -22.86 4.74
CA MET A 359 16.44 -23.07 3.75
C MET A 359 16.85 -22.60 2.35
N SER A 360 17.58 -21.51 2.18
CA SER A 360 17.98 -21.05 0.82
C SER A 360 18.81 -22.14 0.12
N ASP A 361 19.55 -22.98 0.88
CA ASP A 361 20.33 -24.11 0.31
C ASP A 361 19.36 -25.20 -0.10
N VAL A 362 18.34 -25.46 0.72
CA VAL A 362 17.25 -26.43 0.38
C VAL A 362 16.55 -25.97 -0.90
N ASP A 363 16.26 -24.67 -1.04
CA ASP A 363 15.67 -24.14 -2.31
C ASP A 363 16.63 -24.39 -3.49
N HIS A 364 17.92 -24.14 -3.31
CA HIS A 364 18.95 -24.24 -4.39
C HIS A 364 18.98 -25.66 -5.00
N ILE A 365 18.77 -26.71 -4.19
CA ILE A 365 18.88 -28.13 -4.65
C ILE A 365 17.51 -28.67 -5.08
N GLY A 366 16.46 -27.84 -5.13
CA GLY A 366 15.16 -28.26 -5.70
C GLY A 366 13.99 -28.24 -4.71
N GLY A 367 14.30 -28.01 -3.43
CA GLY A 367 13.36 -27.83 -2.30
C GLY A 367 12.63 -29.08 -1.92
N VAL A 368 11.45 -28.92 -1.32
CA VAL A 368 10.75 -30.01 -0.57
C VAL A 368 10.39 -31.13 -1.52
N PRO A 369 9.96 -30.89 -2.79
CA PRO A 369 9.68 -32.01 -3.70
C PRO A 369 10.84 -33.01 -3.87
N VAL A 370 12.07 -32.58 -3.63
CA VAL A 370 13.25 -33.47 -3.76
C VAL A 370 13.12 -34.56 -2.69
N VAL A 371 12.82 -34.18 -1.46
CA VAL A 371 12.65 -35.17 -0.36
C VAL A 371 11.37 -35.97 -0.60
N MET A 372 10.29 -35.33 -1.08
CA MET A 372 9.01 -36.07 -1.26
C MET A 372 9.18 -37.13 -2.37
N LYS A 373 9.89 -36.84 -3.46
CA LYS A 373 10.02 -37.86 -4.53
C LYS A 373 10.94 -39.00 -4.03
N ALA A 374 12.03 -38.67 -3.35
CA ALA A 374 12.94 -39.68 -2.77
C ALA A 374 12.17 -40.60 -1.80
N LEU A 375 11.29 -40.05 -0.94
CA LEU A 375 10.48 -40.88 -0.01
C LEU A 375 9.47 -41.71 -0.79
N LEU A 376 8.79 -41.13 -1.79
CA LEU A 376 7.74 -41.86 -2.53
C LEU A 376 8.37 -43.08 -3.21
N ASP A 377 9.50 -42.89 -3.89
CA ASP A 377 10.17 -43.98 -4.65
C ASP A 377 10.65 -45.08 -3.71
N ALA A 378 10.95 -44.78 -2.47
CA ALA A 378 11.37 -45.78 -1.45
C ALA A 378 10.16 -46.44 -0.76
N GLY A 379 8.93 -46.11 -1.12
CA GLY A 379 7.72 -46.61 -0.44
C GLY A 379 7.52 -45.99 0.92
N LEU A 380 8.00 -44.77 1.14
CA LEU A 380 7.89 -44.08 2.45
C LEU A 380 6.98 -42.86 2.36
N LEU A 381 6.20 -42.75 1.28
CA LEU A 381 5.22 -41.64 1.11
C LEU A 381 3.98 -42.24 0.45
N HIS A 382 2.80 -41.81 0.89
CA HIS A 382 1.55 -42.19 0.21
C HIS A 382 1.38 -41.30 -1.02
N GLY A 383 1.39 -41.91 -2.21
CA GLY A 383 1.38 -41.12 -3.47
C GLY A 383 -0.05 -40.80 -3.88
N ASP A 384 -1.07 -41.48 -3.33
CA ASP A 384 -2.48 -41.34 -3.83
C ASP A 384 -3.21 -40.23 -3.07
N CYS A 385 -2.54 -39.51 -2.18
CA CYS A 385 -3.19 -38.43 -1.40
C CYS A 385 -3.60 -37.29 -2.34
N LEU A 386 -4.87 -36.87 -2.26
CA LEU A 386 -5.35 -35.67 -2.99
C LEU A 386 -4.65 -34.43 -2.39
N THR A 387 -4.36 -33.45 -3.24
CA THR A 387 -3.71 -32.18 -2.87
C THR A 387 -4.45 -30.98 -3.45
N VAL A 388 -3.98 -29.78 -3.08
CA VAL A 388 -4.64 -28.50 -3.51
C VAL A 388 -4.45 -28.28 -5.01
N THR A 389 -3.65 -29.10 -5.72
CA THR A 389 -3.60 -29.01 -7.20
C THR A 389 -4.85 -29.61 -7.84
N GLY A 390 -5.67 -30.31 -7.08
CA GLY A 390 -6.76 -31.16 -7.59
C GLY A 390 -6.22 -32.51 -8.07
N HIS A 391 -4.92 -32.72 -7.99
CA HIS A 391 -4.31 -34.03 -8.38
C HIS A 391 -3.66 -34.66 -7.15
N THR A 392 -3.18 -35.90 -7.28
CA THR A 392 -2.53 -36.61 -6.17
C THR A 392 -1.08 -36.15 -6.03
N MET A 393 -0.48 -36.43 -4.88
CA MET A 393 0.94 -36.22 -4.57
C MET A 393 1.82 -36.83 -5.67
N ALA A 394 1.56 -38.08 -6.05
CA ALA A 394 2.37 -38.79 -7.06
C ALA A 394 2.19 -38.13 -8.42
N GLU A 395 0.98 -37.72 -8.76
CA GLU A 395 0.78 -36.97 -10.04
C GLU A 395 1.61 -35.67 -10.02
N ASN A 396 1.60 -34.94 -8.90
CA ASN A 396 2.28 -33.62 -8.81
C ASN A 396 3.81 -33.82 -9.01
N LEU A 397 4.36 -34.84 -8.37
CA LEU A 397 5.81 -35.14 -8.43
C LEU A 397 6.20 -35.58 -9.85
N ALA A 398 5.36 -36.31 -10.56
CA ALA A 398 5.56 -36.68 -11.99
C ALA A 398 5.55 -35.42 -12.86
N ALA A 399 4.67 -34.46 -12.58
CA ALA A 399 4.60 -33.19 -13.36
C ALA A 399 5.85 -32.33 -13.09
N ILE A 400 6.40 -32.32 -11.89
CA ILE A 400 7.54 -31.43 -11.48
C ILE A 400 8.89 -32.07 -11.87
N THR A 401 8.98 -33.40 -11.84
CA THR A 401 10.22 -34.21 -11.98
C THR A 401 11.36 -33.58 -11.18
N PRO A 402 11.31 -33.59 -9.84
CA PRO A 402 12.41 -33.02 -9.07
C PRO A 402 13.71 -33.78 -9.30
N PRO A 403 14.89 -33.16 -9.09
CA PRO A 403 16.14 -33.89 -9.10
C PRO A 403 16.24 -34.86 -7.91
N ASP A 404 17.22 -35.75 -7.95
CA ASP A 404 17.54 -36.62 -6.79
C ASP A 404 18.16 -35.73 -5.70
N PRO A 405 18.18 -36.20 -4.43
CA PRO A 405 18.95 -35.54 -3.40
C PRO A 405 20.35 -35.22 -3.89
N ASP A 406 20.80 -33.99 -3.65
CA ASP A 406 22.12 -33.49 -4.11
C ASP A 406 23.25 -34.26 -3.41
N GLY A 407 23.02 -34.73 -2.20
CA GLY A 407 24.03 -35.51 -1.45
C GLY A 407 24.62 -34.75 -0.29
N LYS A 408 24.56 -33.40 -0.29
CA LYS A 408 25.18 -32.56 0.75
C LYS A 408 24.09 -31.90 1.63
N VAL A 409 23.16 -31.20 1.01
CA VAL A 409 22.07 -30.51 1.76
C VAL A 409 21.07 -31.58 2.17
N LEU A 410 20.65 -32.36 1.19
CA LEU A 410 19.86 -33.58 1.39
C LEU A 410 20.71 -34.79 1.00
N ARG A 411 21.01 -35.63 1.98
CA ARG A 411 21.74 -36.89 1.77
C ARG A 411 20.97 -37.77 0.80
N ALA A 412 21.73 -38.52 0.03
CA ALA A 412 21.22 -39.72 -0.64
C ALA A 412 20.55 -40.62 0.42
N LEU A 413 19.43 -41.22 0.06
CA LEU A 413 18.70 -42.19 0.90
C LEU A 413 19.65 -43.29 1.41
N ALA A 414 20.61 -43.70 0.59
CA ALA A 414 21.61 -44.74 0.95
C ALA A 414 22.70 -44.22 1.90
N ASN A 415 22.80 -42.91 2.15
CA ASN A 415 23.87 -42.27 2.97
C ASN A 415 23.22 -41.33 3.98
N PRO A 416 22.25 -41.80 4.80
CA PRO A 416 21.53 -40.91 5.71
C PRO A 416 22.42 -40.40 6.83
N ILE A 417 22.03 -39.28 7.44
CA ILE A 417 22.75 -38.75 8.62
C ILE A 417 22.44 -39.66 9.82
N HIS A 418 21.18 -40.11 9.97
CA HIS A 418 20.77 -41.11 10.99
C HIS A 418 19.86 -42.08 10.26
N PRO A 419 19.90 -43.38 10.60
CA PRO A 419 19.14 -44.38 9.86
C PRO A 419 17.62 -44.29 10.11
N SER A 420 17.19 -43.61 11.18
CA SER A 420 15.74 -43.43 11.50
C SER A 420 15.48 -41.92 11.70
N GLY A 421 14.24 -41.54 11.98
CA GLY A 421 13.82 -40.12 11.90
C GLY A 421 14.53 -39.17 12.83
N GLY A 422 14.53 -37.88 12.50
CA GLY A 422 15.28 -36.87 13.27
C GLY A 422 14.60 -36.48 14.56
N ILE A 423 13.36 -36.92 14.76
CA ILE A 423 12.61 -36.77 16.05
C ILE A 423 12.29 -38.14 16.63
N THR A 424 12.60 -38.31 17.90
CA THR A 424 12.32 -39.55 18.67
C THR A 424 11.32 -39.25 19.79
N ILE A 425 10.36 -40.14 19.95
CA ILE A 425 9.36 -40.11 21.05
C ILE A 425 9.90 -41.00 22.18
N LEU A 426 9.95 -40.47 23.39
CA LEU A 426 10.37 -41.18 24.62
C LEU A 426 9.18 -41.41 25.55
N HIS A 427 9.26 -42.44 26.37
CA HIS A 427 8.45 -42.56 27.61
C HIS A 427 9.46 -42.70 28.78
N GLY A 428 9.21 -43.63 29.70
CA GLY A 428 10.13 -43.82 30.83
C GLY A 428 9.53 -43.30 32.10
N SER A 429 10.27 -43.51 33.17
CA SER A 429 9.81 -43.20 34.53
C SER A 429 9.58 -41.69 34.66
N LEU A 430 10.29 -40.83 33.91
CA LEU A 430 10.17 -39.35 34.03
C LEU A 430 9.15 -38.77 33.00
N ALA A 431 8.73 -39.55 32.01
CA ALA A 431 7.79 -39.10 30.94
C ALA A 431 6.81 -40.21 30.62
N PRO A 432 6.04 -40.69 31.61
CA PRO A 432 5.13 -41.81 31.37
C PRO A 432 4.13 -41.57 30.23
N GLU A 433 3.75 -40.31 30.00
CA GLU A 433 2.75 -39.97 28.96
C GLU A 433 3.43 -39.37 27.72
N GLY A 434 4.75 -39.49 27.61
CA GLY A 434 5.49 -39.15 26.38
C GLY A 434 6.37 -37.93 26.57
N ALA A 435 7.41 -37.85 25.75
CA ALA A 435 8.26 -36.68 25.60
C ALA A 435 8.88 -36.74 24.21
N VAL A 436 9.55 -35.67 23.83
CA VAL A 436 10.15 -35.62 22.49
C VAL A 436 11.61 -35.23 22.62
N VAL A 437 12.42 -35.68 21.67
CA VAL A 437 13.83 -35.24 21.58
C VAL A 437 14.21 -35.25 20.11
N LYS A 438 14.88 -34.20 19.69
CA LYS A 438 15.36 -34.12 18.31
C LYS A 438 16.72 -34.79 18.22
N THR A 439 16.71 -36.09 17.93
CA THR A 439 17.92 -36.93 17.80
C THR A 439 18.75 -36.51 16.58
N ALA A 440 18.16 -35.76 15.63
CA ALA A 440 18.95 -35.15 14.55
C ALA A 440 20.07 -34.29 15.14
N GLY A 441 19.88 -33.79 16.38
CA GLY A 441 20.72 -32.80 17.07
C GLY A 441 21.96 -33.38 17.74
N PHE A 442 22.18 -34.70 17.71
CA PHE A 442 23.38 -35.31 18.36
C PHE A 442 23.63 -36.71 17.81
N ASP A 443 24.75 -37.35 18.18
CA ASP A 443 25.03 -38.73 17.71
C ASP A 443 25.02 -39.74 18.88
N SER A 444 25.29 -39.31 20.13
CA SER A 444 25.34 -40.19 21.32
C SER A 444 24.01 -40.96 21.47
N ASP A 445 24.09 -42.23 21.89
CA ASP A 445 22.93 -43.12 22.04
C ASP A 445 22.39 -43.04 23.47
N VAL A 446 23.26 -43.05 24.49
CA VAL A 446 22.82 -42.96 25.91
C VAL A 446 23.58 -41.81 26.57
N PHE A 447 22.89 -41.07 27.44
CA PHE A 447 23.51 -40.01 28.26
C PHE A 447 23.00 -40.12 29.68
N GLU A 448 23.90 -39.97 30.64
CA GLU A 448 23.56 -39.97 32.10
C GLU A 448 24.17 -38.74 32.75
N GLY A 449 23.36 -38.01 33.50
CA GLY A 449 23.85 -36.83 34.23
C GLY A 449 23.28 -36.80 35.63
N THR A 450 23.72 -35.83 36.41
CA THR A 450 23.27 -35.56 37.79
C THR A 450 22.27 -34.42 37.76
N ALA A 451 21.05 -34.67 38.24
CA ALA A 451 19.92 -33.70 38.24
C ALA A 451 20.37 -32.40 38.92
N ARG A 452 20.24 -31.30 38.18
CA ARG A 452 20.23 -29.94 38.76
C ARG A 452 18.84 -29.34 38.44
N VAL A 453 18.03 -29.10 39.46
CA VAL A 453 16.58 -28.86 39.26
C VAL A 453 16.30 -27.36 39.39
N PHE A 454 15.51 -26.82 38.44
CA PHE A 454 15.05 -25.42 38.46
C PHE A 454 13.53 -25.40 38.24
N ASP A 455 12.86 -24.57 39.04
CA ASP A 455 11.42 -24.20 38.91
C ASP A 455 11.42 -22.96 38.01
N GLY A 456 11.31 -23.20 36.72
CA GLY A 456 11.25 -22.16 35.69
C GLY A 456 12.59 -21.89 35.00
N GLU A 457 12.48 -21.32 33.80
CA GLU A 457 13.62 -21.00 32.92
C GLU A 457 14.53 -19.96 33.56
N ARG A 458 13.99 -18.90 34.19
CA ARG A 458 14.77 -17.73 34.67
C ARG A 458 15.85 -18.24 35.64
N ALA A 459 15.51 -19.17 36.53
CA ALA A 459 16.47 -19.72 37.53
C ALA A 459 17.57 -20.52 36.79
N ALA A 460 17.22 -21.28 35.75
CA ALA A 460 18.21 -22.05 34.93
C ALA A 460 19.13 -21.09 34.20
N LEU A 461 18.59 -20.01 33.61
CA LEU A 461 19.46 -19.02 32.90
C LEU A 461 20.41 -18.36 33.91
N ASP A 462 19.91 -18.01 35.10
CA ASP A 462 20.73 -17.42 36.21
C ASP A 462 21.89 -18.38 36.52
N ALA A 463 21.63 -19.69 36.55
CA ALA A 463 22.60 -20.74 36.98
C ALA A 463 23.60 -20.99 35.85
N LEU A 464 23.27 -20.64 34.61
CA LEU A 464 24.31 -20.66 33.53
C LEU A 464 25.19 -19.40 33.64
N GLU A 465 24.59 -18.21 33.80
CA GLU A 465 25.30 -16.90 33.87
C GLU A 465 26.28 -16.90 35.07
N ASP A 466 25.89 -17.41 36.24
CA ASP A 466 26.72 -17.34 37.48
C ASP A 466 27.66 -18.57 37.63
N GLY A 467 27.79 -19.42 36.60
CA GLY A 467 28.78 -20.52 36.54
C GLY A 467 28.39 -21.78 37.27
N THR A 468 27.16 -21.92 37.77
CA THR A 468 26.68 -23.13 38.51
C THR A 468 26.48 -24.34 37.57
N ILE A 469 25.84 -24.15 36.41
CA ILE A 469 25.63 -25.27 35.45
C ILE A 469 26.98 -25.68 34.85
N THR A 470 27.31 -26.97 34.91
CA THR A 470 28.63 -27.45 34.42
C THR A 470 28.52 -28.87 33.87
N VAL A 471 29.62 -29.32 33.30
CA VAL A 471 29.85 -30.70 32.79
C VAL A 471 29.16 -31.73 33.70
N GLY A 472 28.42 -32.66 33.10
CA GLY A 472 27.77 -33.82 33.78
C GLY A 472 26.36 -33.56 34.28
N ASP A 473 25.87 -32.31 34.22
CA ASP A 473 24.52 -31.91 34.70
C ASP A 473 23.47 -32.55 33.80
N ALA A 474 22.36 -32.96 34.41
CA ALA A 474 21.02 -33.13 33.79
C ALA A 474 20.19 -31.94 34.29
N VAL A 475 20.17 -30.86 33.52
CA VAL A 475 19.45 -29.61 33.88
C VAL A 475 17.94 -29.88 33.76
N VAL A 476 17.21 -29.70 34.85
CA VAL A 476 15.74 -29.96 34.82
C VAL A 476 15.03 -28.60 34.95
N ILE A 477 14.19 -28.27 33.98
CA ILE A 477 13.35 -27.04 34.05
C ILE A 477 11.89 -27.48 34.10
N ARG A 478 11.24 -27.32 35.26
CA ARG A 478 9.87 -27.81 35.48
C ARG A 478 8.96 -26.62 35.81
N TYR A 479 7.64 -26.86 35.79
CA TYR A 479 6.57 -25.85 35.84
C TYR A 479 6.64 -24.91 34.63
N GLU A 480 7.02 -25.44 33.45
CA GLU A 480 6.95 -24.67 32.18
C GLU A 480 5.99 -25.33 31.18
N GLY A 481 5.08 -26.20 31.64
CA GLY A 481 4.13 -26.88 30.78
C GLY A 481 3.02 -25.95 30.28
N PRO A 482 2.07 -26.50 29.50
CA PRO A 482 0.91 -25.75 29.02
C PRO A 482 0.13 -25.06 30.14
N LYS A 483 -0.12 -25.77 31.25
CA LYS A 483 -0.85 -25.14 32.38
C LYS A 483 0.13 -24.55 33.39
N GLY A 484 1.28 -25.16 33.67
CA GLY A 484 2.15 -24.67 34.75
C GLY A 484 2.86 -23.38 34.42
N GLY A 485 3.27 -23.18 33.17
CA GLY A 485 4.02 -21.98 32.76
C GLY A 485 3.35 -20.68 33.22
N PRO A 486 2.12 -20.39 32.76
CA PRO A 486 1.44 -21.16 31.74
C PRO A 486 1.92 -20.89 30.30
N GLY A 487 1.34 -21.59 29.33
CA GLY A 487 1.55 -21.31 27.89
C GLY A 487 2.74 -22.04 27.26
N MET A 488 3.37 -22.98 27.97
CA MET A 488 4.42 -23.86 27.42
C MET A 488 5.46 -23.04 26.62
N ARG A 489 6.15 -22.15 27.31
CA ARG A 489 7.31 -21.39 26.80
C ARG A 489 8.33 -22.30 26.11
N GLU A 490 8.90 -21.78 25.02
CA GLU A 490 10.10 -22.36 24.35
C GLU A 490 11.34 -22.01 25.16
N MET A 491 12.30 -22.94 25.24
CA MET A 491 13.47 -22.83 26.14
C MET A 491 14.73 -22.53 25.34
N LEU A 492 14.63 -21.91 24.16
CA LEU A 492 15.83 -21.71 23.31
C LEU A 492 16.85 -20.81 24.03
N ALA A 493 16.45 -19.85 24.86
CA ALA A 493 17.46 -18.96 25.49
C ALA A 493 18.42 -19.82 26.35
N ILE A 494 17.89 -20.81 27.08
CA ILE A 494 18.74 -21.66 27.96
C ILE A 494 19.41 -22.73 27.10
N THR A 495 18.72 -23.36 26.16
CA THR A 495 19.34 -24.45 25.33
C THR A 495 20.47 -23.81 24.49
N GLY A 496 20.20 -22.66 23.88
CA GLY A 496 21.19 -21.90 23.09
C GLY A 496 22.39 -21.51 23.94
N ALA A 497 22.14 -20.98 25.13
CA ALA A 497 23.21 -20.50 26.05
C ALA A 497 24.08 -21.69 26.49
N ILE A 498 23.49 -22.84 26.78
CA ILE A 498 24.28 -24.06 27.16
C ILE A 498 25.24 -24.40 26.00
N LYS A 499 24.75 -24.43 24.77
CA LYS A 499 25.57 -24.71 23.57
C LYS A 499 26.66 -23.65 23.42
N GLY A 500 26.32 -22.37 23.53
CA GLY A 500 27.30 -21.26 23.43
C GLY A 500 28.39 -21.36 24.50
N ALA A 501 28.02 -21.85 25.70
CA ALA A 501 28.92 -22.02 26.86
C ALA A 501 29.90 -23.18 26.60
N GLY A 502 29.79 -23.87 25.46
CA GLY A 502 30.62 -25.05 25.12
C GLY A 502 30.25 -26.30 25.94
N LEU A 503 29.02 -26.38 26.48
CA LEU A 503 28.60 -27.52 27.34
C LEU A 503 27.69 -28.50 26.59
N GLY A 504 27.48 -28.29 25.29
CA GLY A 504 26.45 -29.02 24.53
C GLY A 504 26.68 -30.53 24.51
N LYS A 505 27.93 -30.96 24.59
CA LYS A 505 28.18 -32.42 24.54
C LYS A 505 28.09 -33.01 25.96
N ASP A 506 28.02 -32.16 26.99
CA ASP A 506 28.31 -32.58 28.37
C ASP A 506 27.15 -32.31 29.31
N VAL A 507 26.05 -31.74 28.83
CA VAL A 507 24.89 -31.38 29.70
C VAL A 507 23.62 -31.84 29.02
N LEU A 508 22.78 -32.60 29.75
CA LEU A 508 21.43 -32.98 29.31
C LEU A 508 20.45 -31.92 29.82
N LEU A 509 19.45 -31.54 29.04
CA LEU A 509 18.37 -30.63 29.55
C LEU A 509 17.02 -31.29 29.30
N LEU A 510 16.17 -31.32 30.33
CA LEU A 510 14.83 -31.94 30.23
C LEU A 510 13.78 -30.97 30.80
N THR A 511 12.62 -30.88 30.13
CA THR A 511 11.61 -29.85 30.52
C THR A 511 10.21 -30.33 30.19
N ASP A 512 9.25 -29.85 30.98
CA ASP A 512 7.81 -30.01 30.63
C ASP A 512 7.41 -28.85 29.70
N GLY A 513 8.31 -27.88 29.53
CA GLY A 513 8.26 -26.85 28.49
C GLY A 513 8.58 -27.42 27.12
N ARG A 514 8.77 -26.53 26.16
CA ARG A 514 9.04 -26.93 24.76
C ARG A 514 10.26 -26.14 24.28
N PHE A 515 10.58 -26.31 23.00
CA PHE A 515 11.83 -25.79 22.38
C PHE A 515 11.42 -24.96 21.16
N SER A 516 12.39 -24.22 20.62
CA SER A 516 12.33 -23.61 19.27
C SER A 516 12.67 -24.68 18.26
N GLY A 517 12.21 -24.50 17.03
CA GLY A 517 12.80 -25.20 15.89
C GLY A 517 14.33 -25.08 15.85
N GLY A 518 14.93 -24.02 16.42
CA GLY A 518 16.39 -23.79 16.40
C GLY A 518 17.15 -24.42 17.58
N THR A 519 16.44 -25.11 18.48
CA THR A 519 17.07 -25.91 19.57
C THR A 519 17.82 -27.09 18.94
N THR A 520 18.95 -27.47 19.53
CA THR A 520 19.68 -28.70 19.12
C THR A 520 20.31 -29.33 20.37
N GLY A 521 21.03 -30.43 20.21
CA GLY A 521 21.73 -31.06 21.34
C GLY A 521 20.80 -31.88 22.24
N LEU A 522 21.28 -32.17 23.45
CA LEU A 522 20.68 -33.17 24.35
C LEU A 522 19.56 -32.44 25.09
N CYS A 523 18.41 -32.30 24.43
CA CYS A 523 17.28 -31.47 24.92
C CYS A 523 15.99 -32.27 24.80
N VAL A 524 15.41 -32.64 25.95
CA VAL A 524 14.17 -33.45 26.00
C VAL A 524 13.01 -32.57 26.47
N GLY A 525 11.91 -32.58 25.72
CA GLY A 525 10.80 -31.65 26.06
C GLY A 525 9.43 -32.29 25.98
N HIS A 526 8.42 -31.47 26.29
CA HIS A 526 7.00 -31.85 26.25
C HIS A 526 6.74 -32.96 27.29
N ILE A 527 7.60 -33.10 28.30
CA ILE A 527 7.43 -34.19 29.30
C ILE A 527 6.03 -34.10 29.92
N ALA A 528 5.30 -35.19 29.80
CA ALA A 528 3.93 -35.34 30.32
C ALA A 528 3.91 -36.53 31.29
N PRO A 529 3.11 -36.47 32.39
CA PRO A 529 2.35 -35.29 32.77
C PRO A 529 3.31 -34.18 33.19
N GLU A 530 2.87 -32.92 33.05
CA GLU A 530 3.71 -31.76 33.45
C GLU A 530 3.78 -31.68 34.99
N ALA A 531 4.71 -30.87 35.49
CA ALA A 531 5.05 -30.71 36.91
C ALA A 531 3.80 -30.28 37.67
N VAL A 532 2.99 -29.40 37.08
CA VAL A 532 1.87 -28.79 37.84
C VAL A 532 0.75 -29.83 37.99
N ASP A 533 0.75 -30.88 37.17
CA ASP A 533 -0.23 -31.98 37.25
C ASP A 533 0.35 -33.11 38.13
N GLY A 534 1.48 -32.88 38.80
CA GLY A 534 2.17 -33.85 39.69
C GLY A 534 2.87 -34.96 38.93
N GLY A 535 3.30 -34.71 37.70
CA GLY A 535 4.01 -35.75 36.94
C GLY A 535 5.32 -36.10 37.63
N PRO A 536 5.94 -37.26 37.32
CA PRO A 536 7.20 -37.63 37.95
C PRO A 536 8.28 -36.55 37.92
N ILE A 537 8.26 -35.67 36.91
CA ILE A 537 9.28 -34.60 36.80
C ILE A 537 9.23 -33.77 38.08
N ALA A 538 8.05 -33.64 38.70
CA ALA A 538 7.85 -32.82 39.92
C ALA A 538 8.60 -33.47 41.11
N LEU A 539 8.89 -34.76 41.06
CA LEU A 539 9.49 -35.52 42.20
C LEU A 539 11.02 -35.51 42.16
N LEU A 540 11.64 -35.05 41.07
CA LEU A 540 13.13 -34.99 40.96
C LEU A 540 13.72 -34.07 42.02
N ARG A 541 14.94 -34.40 42.47
CA ARG A 541 15.74 -33.60 43.42
C ARG A 541 17.18 -33.47 42.93
N ASN A 542 17.86 -32.39 43.30
CA ASN A 542 19.30 -32.23 43.01
C ASN A 542 20.02 -33.54 43.41
N GLY A 543 20.91 -34.05 42.55
CA GLY A 543 21.69 -35.27 42.84
C GLY A 543 21.11 -36.53 42.22
N ASP A 544 19.80 -36.59 41.94
CA ASP A 544 19.19 -37.73 41.20
C ASP A 544 19.95 -37.97 39.87
N ARG A 545 20.23 -39.24 39.57
CA ARG A 545 20.90 -39.63 38.31
C ARG A 545 19.81 -39.80 37.25
N ILE A 546 19.98 -39.17 36.10
CA ILE A 546 18.95 -39.23 35.02
C ILE A 546 19.61 -39.83 33.78
N ARG A 547 18.96 -40.80 33.17
CA ARG A 547 19.45 -41.44 31.93
C ARG A 547 18.51 -41.10 30.77
N LEU A 548 19.08 -40.54 29.69
CA LEU A 548 18.42 -40.57 28.36
C LEU A 548 18.87 -41.85 27.63
N ASP A 549 17.94 -42.71 27.25
CA ASP A 549 18.26 -43.91 26.43
C ASP A 549 17.45 -43.82 25.14
N VAL A 550 18.07 -43.40 24.04
CA VAL A 550 17.38 -43.16 22.74
C VAL A 550 16.94 -44.52 22.16
N ALA A 551 17.84 -45.52 22.14
CA ALA A 551 17.51 -46.86 21.62
C ALA A 551 16.33 -47.44 22.40
N GLY A 552 16.34 -47.34 23.72
CA GLY A 552 15.27 -47.88 24.57
C GLY A 552 14.11 -46.90 24.71
N ARG A 553 14.18 -45.71 24.10
CA ARG A 553 13.00 -44.79 24.02
C ARG A 553 12.49 -44.46 25.42
N VAL A 554 13.38 -44.15 26.36
CA VAL A 554 12.96 -43.76 27.75
C VAL A 554 13.87 -42.66 28.27
N LEU A 555 13.26 -41.79 29.08
CA LEU A 555 13.90 -40.85 29.99
C LEU A 555 13.56 -41.37 31.39
N ASP A 556 14.59 -41.80 32.13
CA ASP A 556 14.45 -42.54 33.42
C ASP A 556 15.23 -41.78 34.50
N VAL A 557 14.68 -41.79 35.71
CA VAL A 557 15.42 -41.44 36.94
C VAL A 557 15.99 -42.75 37.50
N LEU A 558 17.25 -42.74 37.93
CA LEU A 558 17.95 -43.93 38.49
C LEU A 558 17.78 -43.86 40.01
N ALA A 559 16.54 -44.00 40.47
CA ALA A 559 16.17 -44.06 41.90
C ALA A 559 15.31 -45.31 42.10
N ASP A 560 15.18 -45.81 43.33
CA ASP A 560 14.24 -46.92 43.63
C ASP A 560 12.83 -46.40 43.38
N PRO A 561 11.99 -47.12 42.59
CA PRO A 561 10.65 -46.62 42.22
C PRO A 561 9.77 -46.21 43.42
N ALA A 562 9.78 -47.00 44.49
CA ALA A 562 8.94 -46.76 45.69
C ALA A 562 9.44 -45.52 46.43
N GLU A 563 10.74 -45.42 46.72
CA GLU A 563 11.33 -44.21 47.37
C GLU A 563 10.98 -42.96 46.55
N PHE A 564 11.10 -43.04 45.23
CA PHE A 564 10.86 -41.90 44.29
C PHE A 564 9.39 -41.48 44.34
N ALA A 565 8.47 -42.43 44.10
CA ALA A 565 7.01 -42.18 44.09
C ALA A 565 6.53 -41.74 45.48
N SER A 566 7.25 -42.04 46.57
CA SER A 566 6.84 -41.69 47.96
CA SER A 566 6.85 -41.69 47.96
C SER A 566 7.21 -40.24 48.29
N ARG A 567 8.01 -39.57 47.45
CA ARG A 567 8.63 -38.29 47.87
C ARG A 567 7.55 -37.23 48.15
N GLN A 568 7.73 -36.51 49.26
CA GLN A 568 6.88 -35.35 49.65
C GLN A 568 7.61 -34.11 49.15
N GLN A 569 7.14 -33.55 48.03
CA GLN A 569 7.76 -32.38 47.37
C GLN A 569 6.96 -31.12 47.70
N ASP A 570 7.66 -29.98 47.78
CA ASP A 570 7.05 -28.64 47.64
C ASP A 570 6.36 -28.54 46.28
N PHE A 571 5.09 -28.11 46.28
CA PHE A 571 4.31 -27.74 45.08
C PHE A 571 4.71 -26.32 44.72
N SER A 572 5.38 -26.09 43.59
CA SER A 572 6.10 -24.83 43.33
C SER A 572 5.83 -24.31 41.91
N PRO A 573 4.54 -24.09 41.54
CA PRO A 573 4.22 -23.37 40.30
C PRO A 573 4.75 -21.95 40.43
N PRO A 574 4.93 -21.18 39.33
CA PRO A 574 5.24 -19.76 39.44
C PRO A 574 4.19 -19.05 40.33
N PRO A 575 4.57 -17.98 41.05
CA PRO A 575 3.59 -17.12 41.71
C PRO A 575 2.48 -16.71 40.75
N PRO A 576 1.21 -16.57 41.21
CA PRO A 576 0.09 -16.21 40.33
C PRO A 576 0.38 -14.95 39.49
N ARG A 577 0.02 -14.97 38.21
CA ARG A 577 0.41 -13.84 37.33
C ARG A 577 -0.73 -13.51 36.36
N TYR A 578 -0.92 -14.39 35.38
CA TYR A 578 -1.88 -14.25 34.25
C TYR A 578 -3.18 -14.97 34.62
N THR A 579 -3.88 -14.48 35.65
CA THR A 579 -5.05 -15.15 36.28
C THR A 579 -6.34 -14.63 35.66
N THR A 580 -6.25 -13.64 34.77
CA THR A 580 -7.39 -13.19 33.92
C THR A 580 -6.88 -13.02 32.49
N GLY A 581 -7.79 -12.90 31.55
CA GLY A 581 -7.44 -12.77 30.12
C GLY A 581 -7.11 -14.07 29.43
N VAL A 582 -6.46 -13.96 28.27
CA VAL A 582 -6.30 -15.05 27.29
C VAL A 582 -5.59 -16.25 27.97
N LEU A 583 -4.62 -16.02 28.85
CA LEU A 583 -3.89 -17.18 29.48
C LEU A 583 -4.72 -17.82 30.60
N SER A 584 -5.58 -17.10 31.29
CA SER A 584 -6.53 -17.73 32.26
CA SER A 584 -6.52 -17.73 32.27
C SER A 584 -7.48 -18.66 31.51
N LYS A 585 -7.95 -18.27 30.33
CA LYS A 585 -8.85 -19.11 29.51
C LYS A 585 -8.08 -20.31 28.94
N TYR A 586 -6.83 -20.10 28.54
CA TYR A 586 -5.97 -21.15 27.96
C TYR A 586 -5.82 -22.27 28.98
N VAL A 587 -5.47 -21.90 30.21
CA VAL A 587 -5.23 -22.85 31.33
C VAL A 587 -6.48 -23.68 31.63
N LYS A 588 -7.68 -23.12 31.46
CA LYS A 588 -8.94 -23.86 31.72
C LYS A 588 -9.25 -24.85 30.61
N LEU A 589 -8.80 -24.61 29.37
CA LEU A 589 -9.18 -25.40 28.18
C LEU A 589 -8.06 -26.31 27.66
N VAL A 590 -6.79 -26.08 27.99
CA VAL A 590 -5.67 -26.72 27.23
C VAL A 590 -5.48 -28.17 27.69
N SER A 591 -5.23 -29.06 26.73
CA SER A 591 -4.86 -30.47 26.98
C SER A 591 -3.38 -30.60 27.34
N SER A 592 -2.97 -31.83 27.63
CA SER A 592 -1.57 -32.27 27.67
C SER A 592 -0.88 -31.98 26.34
N ALA A 593 0.42 -31.72 26.38
CA ALA A 593 1.29 -31.66 25.19
C ALA A 593 1.32 -33.01 24.46
N ALA A 594 1.07 -34.11 25.18
CA ALA A 594 1.06 -35.48 24.62
C ALA A 594 0.05 -35.60 23.49
N VAL A 595 -1.05 -34.83 23.51
CA VAL A 595 -2.08 -34.85 22.44
C VAL A 595 -2.16 -33.48 21.73
N GLY A 596 -1.11 -32.67 21.80
CA GLY A 596 -0.91 -31.50 20.94
C GLY A 596 -1.26 -30.19 21.62
N ALA A 597 -1.57 -30.18 22.93
CA ALA A 597 -1.98 -28.95 23.66
C ALA A 597 -3.17 -28.31 22.94
N VAL A 598 -4.16 -29.13 22.58
CA VAL A 598 -5.40 -28.64 21.96
C VAL A 598 -6.32 -28.02 23.04
N CYS A 599 -7.15 -27.07 22.62
CA CYS A 599 -8.08 -26.35 23.51
C CYS A 599 -9.55 -26.73 23.22
N GLY A 600 -9.89 -27.15 22.02
CA GLY A 600 -11.26 -27.58 21.65
C GLY A 600 -11.58 -28.98 22.16
N ALA B 40 17.42 31.00 9.70
CA ALA B 40 16.85 30.82 8.32
C ALA B 40 15.32 30.64 8.37
N ASP B 41 14.61 31.16 7.37
CA ASP B 41 13.16 30.88 7.13
C ASP B 41 13.03 29.41 6.71
N ILE B 42 12.33 28.61 7.52
CA ILE B 42 12.24 27.14 7.29
C ILE B 42 11.25 26.88 6.15
N LYS B 43 10.49 27.89 5.73
CA LYS B 43 9.54 27.78 4.59
C LYS B 43 9.91 28.77 3.50
N PRO B 44 11.05 28.55 2.80
CA PRO B 44 11.49 29.46 1.74
C PRO B 44 10.52 29.55 0.56
N ARG B 45 9.63 28.56 0.41
CA ARG B 45 8.73 28.46 -0.77
C ARG B 45 7.26 28.35 -0.35
N SER B 46 6.97 27.52 0.67
CA SER B 46 5.59 27.02 0.94
C SER B 46 4.71 28.12 1.55
N ARG B 47 5.30 29.28 1.95
CA ARG B 47 4.50 30.45 2.41
C ARG B 47 3.59 30.90 1.25
N ASP B 48 3.97 30.62 0.00
CA ASP B 48 3.16 30.86 -1.22
C ASP B 48 1.86 30.06 -1.19
N VAL B 49 1.76 28.99 -0.40
CA VAL B 49 0.53 28.13 -0.38
C VAL B 49 -0.07 28.04 1.02
N THR B 50 0.58 28.52 2.08
CA THR B 50 0.07 28.29 3.46
C THR B 50 -0.19 29.60 4.22
N ASP B 51 0.36 30.72 3.79
CA ASP B 51 0.45 31.94 4.65
C ASP B 51 -0.42 33.05 4.04
N GLY B 52 -1.16 33.73 4.89
CA GLY B 52 -1.91 34.96 4.55
C GLY B 52 -3.33 34.66 4.17
N LEU B 53 -4.15 35.71 4.12
CA LEU B 53 -5.58 35.62 3.75
C LEU B 53 -5.68 34.98 2.36
N GLU B 54 -4.81 35.40 1.46
CA GLU B 54 -4.95 35.11 0.01
C GLU B 54 -4.74 33.61 -0.24
N LYS B 55 -4.25 32.86 0.74
CA LYS B 55 -3.91 31.42 0.51
C LYS B 55 -5.05 30.52 1.02
N ALA B 56 -6.25 31.05 1.23
CA ALA B 56 -7.41 30.28 1.76
C ALA B 56 -7.68 29.07 0.84
N ALA B 57 -7.66 29.25 -0.48
CA ALA B 57 -8.02 28.16 -1.41
C ALA B 57 -6.95 27.04 -1.34
N ALA B 58 -5.68 27.40 -1.31
CA ALA B 58 -4.56 26.42 -1.31
C ALA B 58 -4.62 25.65 0.02
N ARG B 59 -4.84 26.35 1.14
CA ARG B 59 -4.97 25.73 2.48
C ARG B 59 -6.12 24.74 2.44
N GLY B 60 -7.25 25.13 1.85
CA GLY B 60 -8.48 24.32 1.76
C GLY B 60 -8.23 23.03 0.99
N MET B 61 -7.41 23.06 -0.05
N MET B 61 -7.39 23.12 -0.04
CA MET B 61 -7.06 21.84 -0.83
CA MET B 61 -7.00 21.96 -0.87
C MET B 61 -6.03 21.03 -0.04
C MET B 61 -6.05 21.07 -0.06
N LEU B 62 -5.12 21.69 0.65
CA LEU B 62 -4.07 20.99 1.43
C LEU B 62 -4.73 20.26 2.59
N ARG B 63 -5.84 20.77 3.11
CA ARG B 63 -6.56 20.02 4.17
C ARG B 63 -7.04 18.67 3.63
N ALA B 64 -7.41 18.60 2.35
CA ALA B 64 -8.00 17.36 1.77
C ALA B 64 -6.91 16.31 1.53
N VAL B 65 -5.62 16.64 1.58
CA VAL B 65 -4.58 15.57 1.54
C VAL B 65 -4.16 15.22 2.97
N GLY B 66 -4.73 15.90 3.97
CA GLY B 66 -4.58 15.51 5.39
C GLY B 66 -3.96 16.58 6.26
N MET B 67 -3.57 17.73 5.73
CA MET B 67 -2.94 18.78 6.60
C MET B 67 -4.02 19.34 7.51
N ASP B 68 -3.64 19.65 8.75
CA ASP B 68 -4.52 20.36 9.68
C ASP B 68 -3.84 21.67 10.12
N ASP B 69 -4.50 22.37 11.03
CA ASP B 69 -4.14 23.76 11.43
C ASP B 69 -2.66 23.82 11.79
N GLU B 70 -2.15 22.84 12.52
CA GLU B 70 -0.76 22.81 13.08
C GLU B 70 0.25 22.53 11.96
N ASP B 71 -0.17 22.06 10.80
CA ASP B 71 0.78 21.64 9.74
C ASP B 71 1.13 22.81 8.80
N PHE B 72 0.33 23.87 8.76
CA PHE B 72 0.62 25.03 7.86
C PHE B 72 1.95 25.72 8.19
N ALA B 73 2.46 25.61 9.42
CA ALA B 73 3.70 26.25 9.91
C ALA B 73 4.94 25.38 9.62
N LYS B 74 4.73 24.19 9.07
CA LYS B 74 5.82 23.23 8.83
C LYS B 74 6.35 23.39 7.41
N PRO B 75 7.64 23.07 7.22
CA PRO B 75 8.21 22.96 5.89
C PRO B 75 7.53 21.81 5.18
N GLN B 76 7.30 21.98 3.88
CA GLN B 76 6.73 20.94 2.99
C GLN B 76 7.84 20.28 2.19
N ILE B 77 7.95 18.96 2.31
CA ILE B 77 9.01 18.19 1.60
C ILE B 77 8.36 17.35 0.52
N GLY B 78 8.71 17.57 -0.75
CA GLY B 78 8.34 16.65 -1.82
C GLY B 78 9.14 15.35 -1.73
N VAL B 79 8.44 14.24 -1.68
CA VAL B 79 9.11 12.89 -1.65
C VAL B 79 8.85 12.26 -3.00
N ALA B 80 9.83 12.40 -3.89
CA ALA B 80 9.72 12.04 -5.32
C ALA B 80 10.24 10.61 -5.49
N SER B 81 9.34 9.72 -5.83
CA SER B 81 9.62 8.29 -6.01
C SER B 81 9.59 7.97 -7.50
N SER B 82 10.64 7.33 -8.00
CA SER B 82 10.63 6.65 -9.32
C SER B 82 10.30 5.16 -9.13
N TRP B 83 9.55 4.82 -8.08
CA TRP B 83 8.99 3.45 -7.94
C TRP B 83 8.20 3.05 -9.19
N ASN B 84 8.31 1.78 -9.57
CA ASN B 84 7.43 1.13 -10.57
C ASN B 84 7.70 -0.38 -10.51
N GLU B 85 7.00 -1.14 -11.32
CA GLU B 85 7.08 -2.62 -11.33
C GLU B 85 7.64 -3.10 -12.66
N ILE B 86 8.13 -2.19 -13.50
CA ILE B 86 8.58 -2.54 -14.87
C ILE B 86 10.00 -3.13 -14.81
N THR B 87 10.69 -3.01 -13.69
CA THR B 87 12.07 -3.53 -13.51
C THR B 87 12.31 -3.75 -12.03
N PRO B 88 13.10 -4.77 -11.64
CA PRO B 88 13.37 -5.04 -10.22
C PRO B 88 14.07 -3.89 -9.53
N CYS B 89 14.81 -3.09 -10.31
CA CYS B 89 15.67 -1.97 -9.83
C CYS B 89 14.83 -0.99 -8.97
N ASN B 90 13.53 -0.84 -9.23
CA ASN B 90 12.68 0.21 -8.63
C ASN B 90 11.75 -0.31 -7.53
N LEU B 91 11.69 -1.62 -7.32
CA LEU B 91 10.67 -2.23 -6.43
C LEU B 91 10.82 -1.75 -4.98
N SER B 92 12.03 -1.55 -4.45
CA SER B 92 12.19 -1.20 -3.02
C SER B 92 11.75 0.25 -2.76
N LEU B 93 11.60 1.06 -3.81
CA LEU B 93 11.39 2.52 -3.60
C LEU B 93 10.04 2.81 -2.91
N ASP B 94 9.05 1.95 -3.01
CA ASP B 94 7.72 2.13 -2.36
C ASP B 94 7.90 2.18 -0.84
N ARG B 95 8.47 1.13 -0.24
CA ARG B 95 8.69 1.14 1.23
C ARG B 95 9.68 2.23 1.63
N LEU B 96 10.73 2.51 0.83
CA LEU B 96 11.72 3.54 1.21
C LEU B 96 11.08 4.93 1.16
N ALA B 97 10.20 5.22 0.18
CA ALA B 97 9.48 6.52 0.17
C ALA B 97 8.72 6.66 1.49
N ASN B 98 8.09 5.58 1.92
CA ASN B 98 7.23 5.59 3.13
C ASN B 98 8.12 5.89 4.33
N ALA B 99 9.30 5.29 4.40
CA ALA B 99 10.23 5.53 5.52
C ALA B 99 10.76 6.99 5.45
N VAL B 100 11.00 7.56 4.25
CA VAL B 100 11.42 8.99 4.17
C VAL B 100 10.33 9.85 4.83
N LYS B 101 9.07 9.59 4.51
CA LYS B 101 7.94 10.37 5.07
C LYS B 101 7.99 10.28 6.59
N GLU B 102 8.17 9.08 7.13
CA GLU B 102 8.27 8.92 8.60
C GLU B 102 9.40 9.80 9.14
N GLY B 103 10.54 9.85 8.44
CA GLY B 103 11.67 10.70 8.86
C GLY B 103 11.31 12.18 8.91
N VAL B 104 10.71 12.67 7.84
CA VAL B 104 10.29 14.09 7.69
C VAL B 104 9.32 14.42 8.82
N PHE B 105 8.33 13.56 9.07
CA PHE B 105 7.37 13.75 10.20
C PHE B 105 8.15 13.81 11.54
N SER B 106 9.11 12.92 11.76
CA SER B 106 9.89 12.87 13.02
C SER B 106 10.70 14.16 13.25
N ALA B 107 11.01 14.93 12.20
CA ALA B 107 11.89 16.12 12.27
C ALA B 107 11.02 17.38 12.26
N GLY B 108 9.69 17.25 12.20
CA GLY B 108 8.78 18.41 12.29
C GLY B 108 8.40 18.95 10.92
N GLY B 109 8.65 18.21 9.86
CA GLY B 109 8.19 18.61 8.51
C GLY B 109 6.90 17.91 8.11
N TYR B 110 6.38 18.29 6.94
CA TYR B 110 5.21 17.65 6.32
C TYR B 110 5.62 17.14 4.96
N PRO B 111 5.72 15.80 4.78
CA PRO B 111 6.07 15.24 3.48
C PRO B 111 4.86 15.07 2.57
N LEU B 112 5.04 15.28 1.29
CA LEU B 112 4.04 14.97 0.27
C LEU B 112 4.71 14.13 -0.82
N GLU B 113 4.25 12.90 -1.01
CA GLU B 113 4.79 11.93 -1.98
C GLU B 113 4.22 12.19 -3.36
N PHE B 114 5.04 12.06 -4.38
CA PHE B 114 4.60 12.03 -5.79
C PHE B 114 5.50 11.04 -6.52
N GLY B 115 5.07 10.72 -7.74
CA GLY B 115 5.75 9.71 -8.56
C GLY B 115 6.38 10.31 -9.80
N THR B 116 7.45 9.72 -10.28
CA THR B 116 7.87 9.96 -11.68
C THR B 116 8.28 8.65 -12.32
N ILE B 117 8.61 8.71 -13.60
CA ILE B 117 8.95 7.51 -14.40
C ILE B 117 10.37 7.06 -14.10
N SER B 118 10.65 5.85 -14.56
CA SER B 118 12.03 5.32 -14.72
C SER B 118 11.91 4.27 -15.81
N VAL B 119 12.97 4.01 -16.57
CA VAL B 119 12.91 2.86 -17.52
C VAL B 119 13.91 1.82 -16.99
N SER B 120 13.84 0.61 -17.55
CA SER B 120 14.81 -0.48 -17.31
C SER B 120 15.91 -0.39 -18.38
N ASP B 121 17.11 -0.03 -17.99
CA ASP B 121 18.30 -0.13 -18.88
C ASP B 121 18.52 -1.59 -19.33
N GLY B 122 18.21 -2.60 -18.48
CA GLY B 122 18.34 -4.03 -18.83
C GLY B 122 17.26 -4.54 -19.77
N ILE B 123 15.98 -4.32 -19.44
CA ILE B 123 14.87 -4.87 -20.25
C ILE B 123 14.82 -4.13 -21.60
N SER B 124 15.37 -2.91 -21.67
CA SER B 124 15.38 -2.08 -22.90
C SER B 124 16.44 -2.57 -23.89
N MET B 125 17.37 -3.46 -23.50
CA MET B 125 18.51 -3.88 -24.35
C MET B 125 18.04 -4.78 -25.50
N GLY B 126 18.57 -4.54 -26.70
CA GLY B 126 18.40 -5.42 -27.87
C GLY B 126 17.16 -5.11 -28.72
N HIS B 127 16.56 -3.94 -28.59
CA HIS B 127 15.36 -3.56 -29.41
C HIS B 127 15.22 -2.04 -29.45
N GLU B 128 14.17 -1.51 -30.06
CA GLU B 128 14.01 -0.06 -30.32
C GLU B 128 13.94 0.72 -28.98
N GLY B 129 13.60 0.06 -27.86
CA GLY B 129 13.50 0.71 -26.54
C GLY B 129 14.78 1.38 -26.10
N MET B 130 15.93 0.93 -26.59
CA MET B 130 17.25 1.48 -26.19
C MET B 130 17.33 2.96 -26.58
N HIS B 131 16.62 3.35 -27.64
CA HIS B 131 16.58 4.77 -28.08
C HIS B 131 15.89 5.65 -27.02
N PHE B 132 15.17 5.07 -26.03
CA PHE B 132 14.36 5.85 -25.05
C PHE B 132 14.97 5.84 -23.65
N SER B 133 16.17 5.26 -23.48
CA SER B 133 16.86 5.16 -22.18
C SER B 133 17.42 6.52 -21.77
N LEU B 134 18.33 7.11 -22.55
CA LEU B 134 19.01 8.34 -22.06
C LEU B 134 17.99 9.49 -21.91
N VAL B 135 17.03 9.59 -22.82
CA VAL B 135 16.06 10.73 -22.78
C VAL B 135 15.23 10.66 -21.48
N SER B 136 15.01 9.48 -20.90
CA SER B 136 14.32 9.31 -19.59
C SER B 136 14.98 10.19 -18.53
N ARG B 137 16.29 10.36 -18.59
CA ARG B 137 17.00 11.24 -17.63
C ARG B 137 16.41 12.65 -17.70
N GLU B 138 16.17 13.17 -18.90
CA GLU B 138 15.73 14.58 -19.11
C GLU B 138 14.27 14.69 -18.63
N VAL B 139 13.46 13.69 -18.94
CA VAL B 139 12.02 13.72 -18.57
C VAL B 139 11.90 13.71 -17.04
N ILE B 140 12.70 12.89 -16.36
CA ILE B 140 12.67 12.76 -14.87
C ILE B 140 13.06 14.11 -14.26
N ALA B 141 14.12 14.73 -14.78
CA ALA B 141 14.64 16.01 -14.25
C ALA B 141 13.52 17.07 -14.38
N ASP B 142 12.93 17.14 -15.56
CA ASP B 142 11.83 18.10 -15.84
C ASP B 142 10.64 17.81 -14.93
N SER B 143 10.34 16.53 -14.71
CA SER B 143 9.17 16.05 -13.91
CA SER B 143 9.11 16.16 -13.97
C SER B 143 9.25 16.65 -12.51
N VAL B 144 10.43 16.52 -11.90
CA VAL B 144 10.66 16.93 -10.49
C VAL B 144 10.65 18.46 -10.43
N GLU B 145 11.23 19.11 -11.42
CA GLU B 145 11.27 20.59 -11.48
C GLU B 145 9.82 21.09 -11.49
N VAL B 146 8.99 20.52 -12.36
CA VAL B 146 7.58 20.96 -12.58
C VAL B 146 6.80 20.84 -11.27
N VAL B 147 6.91 19.70 -10.61
CA VAL B 147 6.08 19.50 -9.39
C VAL B 147 6.58 20.46 -8.31
N MET B 148 7.90 20.56 -8.12
CA MET B 148 8.46 21.35 -7.01
C MET B 148 8.13 22.83 -7.25
N GLN B 149 8.18 23.28 -8.49
CA GLN B 149 7.95 24.72 -8.80
C GLN B 149 6.44 25.01 -8.71
N ALA B 150 5.59 24.12 -9.18
CA ALA B 150 4.12 24.37 -9.19
C ALA B 150 3.57 24.38 -7.75
N GLU B 151 4.06 23.49 -6.87
CA GLU B 151 3.41 23.27 -5.54
C GLU B 151 4.09 24.09 -4.45
N ARG B 152 5.21 24.77 -4.75
CA ARG B 152 5.94 25.65 -3.81
C ARG B 152 6.44 24.85 -2.60
N LEU B 153 7.00 23.66 -2.84
CA LEU B 153 7.60 22.83 -1.77
C LEU B 153 8.99 23.40 -1.43
N ASP B 154 9.37 23.24 -0.17
CA ASP B 154 10.55 23.88 0.46
C ASP B 154 11.82 23.07 0.17
N GLY B 155 11.67 21.76 0.01
CA GLY B 155 12.78 20.82 -0.19
C GLY B 155 12.24 19.49 -0.68
N SER B 156 13.15 18.57 -1.02
CA SER B 156 12.80 17.26 -1.59
C SER B 156 13.73 16.17 -1.04
N VAL B 157 13.20 14.96 -1.00
CA VAL B 157 14.00 13.72 -0.94
C VAL B 157 13.68 12.99 -2.23
N LEU B 158 14.70 12.61 -2.98
CA LEU B 158 14.57 12.09 -4.36
C LEU B 158 15.06 10.64 -4.34
N LEU B 159 14.23 9.69 -4.78
CA LEU B 159 14.49 8.23 -4.67
C LEU B 159 14.55 7.62 -6.07
N ALA B 160 15.63 6.91 -6.38
CA ALA B 160 15.84 6.29 -7.71
C ALA B 160 16.59 4.96 -7.56
N GLY B 161 16.36 4.07 -8.52
CA GLY B 161 16.92 2.71 -8.63
C GLY B 161 17.71 2.50 -9.91
N CYS B 162 17.04 2.55 -11.07
CA CYS B 162 17.64 2.13 -12.36
C CYS B 162 18.44 3.26 -13.02
N ASP B 163 19.56 2.89 -13.67
CA ASP B 163 20.63 3.70 -14.33
C ASP B 163 20.28 5.19 -14.43
N SER B 165 17.59 7.12 -13.83
CA SER B 165 16.78 7.85 -12.85
C SER B 165 17.67 8.53 -11.80
N LEU B 166 18.84 7.97 -11.47
CA LEU B 166 19.73 8.61 -10.48
C LEU B 166 20.19 9.98 -10.99
N PRO B 167 20.82 10.10 -12.19
CA PRO B 167 21.26 11.41 -12.65
C PRO B 167 20.08 12.35 -12.94
N GLY B 168 18.95 11.81 -13.36
CA GLY B 168 17.70 12.61 -13.53
C GLY B 168 17.32 13.35 -12.25
N MET B 169 17.30 12.65 -11.10
CA MET B 169 17.00 13.25 -9.78
C MET B 169 18.09 14.27 -9.42
N LEU B 170 19.36 13.90 -9.60
CA LEU B 170 20.46 14.80 -9.19
C LEU B 170 20.39 16.08 -10.03
N MET B 171 20.08 15.98 -11.32
CA MET B 171 19.95 17.14 -12.22
C MET B 171 18.81 18.06 -11.75
N ALA B 172 17.62 17.52 -11.41
CA ALA B 172 16.54 18.32 -10.82
C ALA B 172 17.02 19.00 -9.55
N ALA B 173 17.68 18.27 -8.62
CA ALA B 173 18.15 18.89 -7.36
C ALA B 173 19.07 20.09 -7.68
N ALA B 174 20.05 19.90 -8.56
CA ALA B 174 21.00 20.96 -8.97
C ALA B 174 20.21 22.15 -9.58
N ARG B 175 19.30 21.86 -10.51
CA ARG B 175 18.49 22.89 -11.23
C ARG B 175 17.60 23.68 -10.26
N LEU B 176 16.99 23.05 -9.27
CA LEU B 176 16.06 23.75 -8.35
C LEU B 176 16.80 24.64 -7.34
N ASP B 177 17.95 24.20 -6.86
CA ASP B 177 18.73 24.87 -5.78
C ASP B 177 17.82 25.08 -4.57
N LEU B 178 17.13 24.04 -4.15
CA LEU B 178 16.48 23.96 -2.81
C LEU B 178 17.21 22.86 -2.04
N ALA B 179 16.96 22.75 -0.74
CA ALA B 179 17.31 21.56 0.09
C ALA B 179 16.86 20.28 -0.63
N ALA B 180 17.78 19.35 -0.81
CA ALA B 180 17.52 18.08 -1.50
C ALA B 180 18.46 16.99 -0.96
N VAL B 181 17.91 15.81 -0.68
CA VAL B 181 18.68 14.60 -0.28
C VAL B 181 18.33 13.52 -1.29
N PHE B 182 19.34 12.83 -1.83
CA PHE B 182 19.11 11.73 -2.76
C PHE B 182 19.27 10.40 -2.01
N LEU B 183 18.37 9.44 -2.26
CA LEU B 183 18.44 8.07 -1.67
C LEU B 183 18.25 7.04 -2.75
N TYR B 184 19.15 6.05 -2.79
CA TYR B 184 19.22 4.96 -3.77
C TYR B 184 18.31 3.80 -3.36
N ALA B 185 17.79 3.09 -4.33
CA ALA B 185 16.93 1.90 -4.11
C ALA B 185 17.73 0.79 -3.43
N GLY B 186 19.04 0.73 -3.72
CA GLY B 186 19.94 -0.34 -3.25
C GLY B 186 20.07 -1.43 -4.30
N SER B 187 21.10 -2.27 -4.16
CA SER B 187 21.46 -3.33 -5.12
C SER B 187 20.66 -4.61 -4.90
N ILE B 188 20.45 -5.31 -6.01
CA ILE B 188 19.94 -6.70 -6.04
C ILE B 188 20.93 -7.66 -5.38
N LEU B 189 20.43 -8.80 -4.87
CA LEU B 189 21.28 -9.89 -4.32
C LEU B 189 21.77 -10.75 -5.48
N PRO B 190 22.99 -11.31 -5.36
CA PRO B 190 23.56 -12.11 -6.46
C PRO B 190 22.84 -13.46 -6.54
N GLY B 191 22.58 -13.96 -7.73
CA GLY B 191 21.98 -15.29 -7.92
C GLY B 191 22.97 -16.29 -8.49
N ARG B 192 22.81 -17.57 -8.15
CA ARG B 192 23.75 -18.68 -8.47
C ARG B 192 23.02 -19.67 -9.36
N ALA B 193 23.57 -19.93 -10.55
CA ALA B 193 23.01 -20.88 -11.53
C ALA B 193 23.81 -22.19 -11.49
N LYS B 194 23.13 -23.34 -11.34
CA LYS B 194 23.78 -24.67 -11.45
C LYS B 194 23.64 -25.08 -12.92
N LEU B 195 24.77 -25.36 -13.58
CA LEU B 195 24.84 -25.71 -15.03
C LEU B 195 24.94 -27.23 -15.18
N SER B 196 24.50 -27.74 -16.33
CA SER B 196 24.39 -29.19 -16.65
C SER B 196 25.70 -29.90 -16.32
N ASP B 197 26.85 -29.23 -16.52
CA ASP B 197 28.21 -29.81 -16.27
C ASP B 197 28.59 -29.66 -14.79
N GLY B 198 27.60 -29.64 -13.87
CA GLY B 198 27.82 -29.59 -12.41
C GLY B 198 28.45 -28.27 -11.95
N SER B 199 28.92 -27.42 -12.86
CA SER B 199 29.46 -26.06 -12.56
C SER B 199 28.43 -25.25 -11.74
N GLU B 200 28.90 -24.26 -10.98
CA GLU B 200 28.03 -23.28 -10.28
C GLU B 200 28.70 -21.90 -10.32
N ARG B 201 27.97 -20.91 -10.82
CA ARG B 201 28.50 -19.55 -11.08
C ARG B 201 27.47 -18.51 -10.60
N ASP B 202 27.94 -17.37 -10.09
CA ASP B 202 27.10 -16.16 -9.90
C ASP B 202 26.92 -15.51 -11.27
N VAL B 203 25.68 -15.22 -11.64
CA VAL B 203 25.36 -14.75 -13.02
C VAL B 203 24.58 -13.45 -12.98
N THR B 204 24.70 -12.61 -14.01
CA THR B 204 23.84 -11.42 -14.20
C THR B 204 23.53 -11.21 -15.68
N ILE B 205 23.00 -10.03 -16.02
CA ILE B 205 22.49 -9.69 -17.37
C ILE B 205 23.53 -10.07 -18.41
N ILE B 206 24.78 -9.62 -18.24
CA ILE B 206 25.86 -9.87 -19.23
C ILE B 206 26.04 -11.40 -19.36
N ASP B 207 25.93 -12.14 -18.24
CA ASP B 207 26.00 -13.63 -18.25
C ASP B 207 24.86 -14.22 -19.06
N ALA B 208 23.67 -13.61 -19.04
CA ALA B 208 22.52 -14.13 -19.82
C ALA B 208 22.79 -13.84 -21.32
N PHE B 209 23.25 -12.62 -21.64
CA PHE B 209 23.56 -12.23 -23.05
C PHE B 209 24.71 -13.10 -23.59
N GLU B 210 25.76 -13.33 -22.79
CA GLU B 210 26.89 -14.23 -23.19
C GLU B 210 26.36 -15.66 -23.38
N ALA B 211 25.50 -16.16 -22.49
CA ALA B 211 24.94 -17.53 -22.59
C ALA B 211 24.23 -17.65 -23.94
N VAL B 212 23.48 -16.62 -24.34
CA VAL B 212 22.70 -16.63 -25.61
C VAL B 212 23.68 -16.85 -26.79
N GLY B 213 24.81 -16.13 -26.77
CA GLY B 213 25.85 -16.18 -27.81
C GLY B 213 26.49 -17.56 -27.88
N ALA B 214 26.87 -18.11 -26.72
CA ALA B 214 27.46 -19.46 -26.55
C ALA B 214 26.50 -20.51 -27.11
N CYS B 215 25.21 -20.40 -26.80
CA CYS B 215 24.17 -21.37 -27.25
C CYS B 215 23.99 -21.32 -28.77
N SER B 216 24.04 -20.12 -29.38
CA SER B 216 23.83 -19.97 -30.85
C SER B 216 25.06 -20.49 -31.59
N ARG B 217 26.23 -20.52 -30.95
CA ARG B 217 27.48 -21.07 -31.53
C ARG B 217 27.64 -22.56 -31.17
N GLY B 218 26.61 -23.21 -30.63
CA GLY B 218 26.59 -24.64 -30.25
C GLY B 218 27.50 -24.99 -29.08
N LEU B 219 27.95 -24.01 -28.28
CA LEU B 219 28.91 -24.25 -27.17
C LEU B 219 28.22 -24.28 -25.81
N MET B 220 26.90 -24.09 -25.74
CA MET B 220 26.09 -24.18 -24.49
C MET B 220 24.68 -24.63 -24.85
N SER B 221 24.09 -25.50 -24.04
CA SER B 221 22.71 -26.00 -24.24
C SER B 221 21.72 -24.88 -23.91
N ARG B 222 20.54 -24.94 -24.54
CA ARG B 222 19.39 -24.07 -24.19
C ARG B 222 19.05 -24.27 -22.70
N ALA B 223 19.17 -25.50 -22.16
CA ALA B 223 18.96 -25.84 -20.73
C ALA B 223 19.78 -24.91 -19.85
N ASP B 224 21.08 -24.77 -20.13
CA ASP B 224 21.99 -23.93 -19.30
C ASP B 224 21.62 -22.44 -19.45
N VAL B 225 21.21 -22.01 -20.63
CA VAL B 225 20.77 -20.60 -20.86
C VAL B 225 19.56 -20.36 -19.94
N ASP B 226 18.60 -21.30 -19.93
CA ASP B 226 17.39 -21.20 -19.06
C ASP B 226 17.79 -21.17 -17.59
N ALA B 227 18.74 -22.01 -17.15
CA ALA B 227 19.21 -22.03 -15.74
C ALA B 227 19.77 -20.66 -15.36
N ILE B 228 20.50 -19.99 -16.27
CA ILE B 228 21.07 -18.66 -15.98
C ILE B 228 19.92 -17.63 -15.94
N GLU B 229 19.01 -17.69 -16.90
CA GLU B 229 17.84 -16.79 -16.93
C GLU B 229 17.16 -16.78 -15.55
N ARG B 230 16.92 -17.95 -14.98
CA ARG B 230 16.12 -18.13 -13.74
C ARG B 230 16.88 -17.59 -12.52
N ALA B 231 18.20 -17.43 -12.60
CA ALA B 231 19.06 -17.09 -11.42
C ALA B 231 19.49 -15.62 -11.40
N ILE B 232 19.52 -14.90 -12.53
CA ILE B 232 20.24 -13.60 -12.63
C ILE B 232 19.62 -12.55 -11.68
N CYS B 233 18.30 -12.51 -11.54
CA CYS B 233 17.58 -11.47 -10.77
C CYS B 233 16.57 -12.14 -9.83
N PRO B 234 16.90 -12.34 -8.55
CA PRO B 234 15.98 -13.03 -7.64
C PRO B 234 14.79 -12.14 -7.22
N GLY B 235 14.96 -10.82 -7.22
CA GLY B 235 13.90 -9.90 -6.76
C GLY B 235 14.40 -8.48 -6.75
N GLU B 236 14.00 -7.67 -5.77
CA GLU B 236 14.18 -6.19 -5.82
C GLU B 236 15.66 -5.82 -5.77
N GLY B 237 15.98 -4.68 -6.40
CA GLY B 237 17.32 -4.08 -6.33
C GLY B 237 17.89 -3.86 -7.72
N ALA B 238 18.78 -2.89 -7.84
CA ALA B 238 19.45 -2.52 -9.11
C ALA B 238 20.62 -3.50 -9.32
N CYS B 239 21.14 -3.54 -10.54
CA CYS B 239 22.34 -4.35 -10.91
C CYS B 239 23.43 -4.22 -9.86
N GLY B 240 24.03 -5.35 -9.47
CA GLY B 240 25.00 -5.38 -8.37
C GLY B 240 26.38 -4.98 -8.81
N GLY B 241 26.69 -5.10 -10.10
CA GLY B 241 27.97 -4.60 -10.63
C GLY B 241 28.08 -3.10 -10.58
N MET B 242 29.25 -2.58 -10.93
CA MET B 242 29.54 -1.13 -10.90
C MET B 242 29.14 -0.57 -12.26
N TYR B 243 27.86 -0.77 -12.59
CA TYR B 243 27.18 -0.18 -13.76
C TYR B 243 26.76 1.23 -13.39
N THR B 244 25.94 1.86 -14.21
CA THR B 244 25.57 3.27 -13.96
C THR B 244 24.95 3.43 -12.58
N ALA B 245 24.02 2.56 -12.20
CA ALA B 245 23.26 2.77 -10.96
C ALA B 245 24.23 2.81 -9.77
N ASN B 246 25.03 1.76 -9.56
CA ASN B 246 25.95 1.74 -8.39
C ASN B 246 27.00 2.85 -8.54
N THR B 247 27.47 3.15 -9.76
CA THR B 247 28.47 4.23 -9.95
C THR B 247 27.87 5.55 -9.46
N MET B 248 26.66 5.87 -9.91
CA MET B 248 26.03 7.16 -9.55
C MET B 248 25.57 7.18 -8.09
N ALA B 249 25.16 6.05 -7.51
CA ALA B 249 24.83 5.97 -6.05
C ALA B 249 26.09 6.30 -5.25
N SER B 250 27.22 5.70 -5.65
CA SER B 250 28.54 5.97 -5.03
C SER B 250 28.90 7.43 -5.26
N ALA B 251 28.71 7.96 -6.46
CA ALA B 251 29.05 9.37 -6.78
C ALA B 251 28.18 10.32 -5.94
N ALA B 252 26.94 9.92 -5.64
CA ALA B 252 26.00 10.76 -4.84
C ALA B 252 26.52 10.90 -3.42
N GLU B 253 27.06 9.85 -2.83
CA GLU B 253 27.74 9.99 -1.52
C GLU B 253 28.92 10.96 -1.71
N ALA B 254 29.67 10.79 -2.79
CA ALA B 254 30.92 11.58 -3.05
C ALA B 254 30.57 13.05 -3.25
N LEU B 255 29.44 13.36 -3.91
CA LEU B 255 28.93 14.75 -4.11
C LEU B 255 28.48 15.36 -2.77
N GLY B 256 28.29 14.55 -1.74
CA GLY B 256 27.68 15.01 -0.48
C GLY B 256 26.15 15.07 -0.57
N MET B 257 25.55 14.48 -1.60
CA MET B 257 24.08 14.61 -1.84
C MET B 257 23.32 13.40 -1.23
N SER B 258 24.01 12.33 -0.88
CA SER B 258 23.45 11.18 -0.12
C SER B 258 24.19 11.08 1.21
N LEU B 259 23.48 10.60 2.25
CA LEU B 259 24.08 10.31 3.56
C LEU B 259 25.24 9.34 3.33
N PRO B 260 26.38 9.53 4.03
CA PRO B 260 27.51 8.62 3.90
C PRO B 260 27.12 7.23 4.42
N GLY B 261 27.55 6.19 3.70
CA GLY B 261 27.22 4.78 3.95
C GLY B 261 25.93 4.34 3.28
N SER B 262 25.13 5.24 2.70
CA SER B 262 23.75 4.90 2.25
C SER B 262 23.75 4.10 0.95
N ALA B 263 24.77 4.15 0.10
CA ALA B 263 24.71 3.52 -1.24
C ALA B 263 24.73 1.99 -1.14
N ALA B 264 25.52 1.42 -0.24
CA ALA B 264 25.96 -0.01 -0.38
C ALA B 264 24.92 -1.02 0.11
N PRO B 265 24.16 -0.76 1.19
CA PRO B 265 23.27 -1.80 1.70
C PRO B 265 22.33 -2.28 0.60
N PRO B 266 22.15 -3.61 0.46
CA PRO B 266 21.27 -4.14 -0.57
C PRO B 266 19.81 -3.66 -0.39
N ALA B 267 19.09 -3.61 -1.50
CA ALA B 267 17.67 -3.18 -1.58
C ALA B 267 16.83 -3.94 -0.52
N THR B 268 17.05 -5.25 -0.38
CA THR B 268 16.32 -6.15 0.56
C THR B 268 16.73 -5.98 2.02
N ASP B 269 17.71 -5.13 2.32
CA ASP B 269 18.25 -5.04 3.71
C ASP B 269 17.57 -3.88 4.41
N ARG B 270 17.10 -4.08 5.64
CA ARG B 270 16.29 -3.05 6.31
C ARG B 270 17.12 -1.90 6.85
N ARG B 271 18.45 -1.95 6.76
CA ARG B 271 19.26 -0.74 7.03
C ARG B 271 18.87 0.37 6.05
N ARG B 272 18.38 0.02 4.85
CA ARG B 272 18.01 1.07 3.85
C ARG B 272 16.87 1.91 4.45
N ASP B 273 15.98 1.29 5.23
CA ASP B 273 14.83 1.99 5.85
C ASP B 273 15.36 3.05 6.84
N GLY B 274 16.39 2.72 7.62
CA GLY B 274 16.96 3.72 8.54
C GLY B 274 17.60 4.89 7.80
N PHE B 275 18.30 4.63 6.71
CA PHE B 275 18.90 5.70 5.87
C PHE B 275 17.76 6.54 5.28
N ALA B 276 16.65 5.93 4.94
CA ALA B 276 15.45 6.65 4.42
C ALA B 276 14.93 7.62 5.48
N ARG B 277 14.70 7.16 6.71
N ARG B 277 14.69 7.17 6.71
CA ARG B 277 14.18 8.01 7.83
CA ARG B 277 14.19 8.04 7.81
C ARG B 277 15.21 9.13 8.08
C ARG B 277 15.21 9.14 8.06
N ARG B 278 16.50 8.80 8.10
CA ARG B 278 17.58 9.80 8.33
C ARG B 278 17.65 10.77 7.14
N SER B 279 17.28 10.33 5.93
CA SER B 279 17.23 11.25 4.76
C SER B 279 16.09 12.26 4.94
N GLY B 280 14.92 11.83 5.41
CA GLY B 280 13.81 12.78 5.69
C GLY B 280 14.16 13.71 6.83
N GLN B 281 14.84 13.21 7.87
CA GLN B 281 15.30 14.08 8.96
C GLN B 281 16.30 15.09 8.38
N ALA B 282 17.26 14.64 7.56
CA ALA B 282 18.38 15.49 7.09
C ALA B 282 17.83 16.67 6.28
N VAL B 283 16.88 16.44 5.37
CA VAL B 283 16.38 17.53 4.48
C VAL B 283 15.72 18.62 5.33
N VAL B 284 15.03 18.29 6.42
CA VAL B 284 14.38 19.32 7.26
C VAL B 284 15.47 20.14 7.97
N GLU B 285 16.53 19.50 8.42
CA GLU B 285 17.68 20.18 9.09
C GLU B 285 18.36 21.12 8.08
N LEU B 286 18.45 20.74 6.81
CA LEU B 286 19.06 21.63 5.79
C LEU B 286 18.24 22.92 5.74
N LEU B 287 16.91 22.82 5.75
CA LEU B 287 15.99 23.98 5.76
C LEU B 287 16.28 24.83 7.00
N ARG B 288 16.40 24.22 8.16
CA ARG B 288 16.66 24.97 9.41
C ARG B 288 17.98 25.73 9.30
N ARG B 289 18.98 25.20 8.59
CA ARG B 289 20.32 25.82 8.42
C ARG B 289 20.38 26.70 7.16
N GLY B 290 19.29 26.77 6.38
CA GLY B 290 19.20 27.51 5.11
C GLY B 290 20.17 27.02 4.06
N ILE B 291 20.50 25.72 4.03
CA ILE B 291 21.36 25.05 3.03
C ILE B 291 20.51 24.57 1.85
N THR B 292 20.98 24.81 0.63
CA THR B 292 20.37 24.32 -0.62
C THR B 292 21.41 23.53 -1.42
N ALA B 293 20.96 22.85 -2.46
CA ALA B 293 21.77 21.89 -3.24
C ALA B 293 23.06 22.54 -3.76
N ARG B 294 23.01 23.78 -4.27
CA ARG B 294 24.22 24.42 -4.86
C ARG B 294 25.21 24.81 -3.76
N ASP B 295 24.81 24.84 -2.49
CA ASP B 295 25.74 24.99 -1.34
C ASP B 295 26.62 23.74 -1.25
N ILE B 296 26.13 22.59 -1.74
CA ILE B 296 26.78 21.25 -1.59
C ILE B 296 27.47 20.90 -2.91
N LEU B 297 26.86 21.23 -4.04
CA LEU B 297 27.37 20.84 -5.38
C LEU B 297 28.34 21.91 -5.88
N THR B 298 29.43 22.10 -5.16
CA THR B 298 30.56 23.00 -5.53
C THR B 298 31.46 22.28 -6.54
N LYS B 299 32.32 23.04 -7.22
CA LYS B 299 33.39 22.44 -8.07
C LYS B 299 34.08 21.31 -7.28
N GLU B 300 34.41 21.55 -6.01
CA GLU B 300 35.20 20.61 -5.17
C GLU B 300 34.41 19.32 -4.97
N ALA B 301 33.09 19.41 -4.82
CA ALA B 301 32.23 18.21 -4.65
C ALA B 301 32.26 17.41 -5.95
N PHE B 302 32.21 18.06 -7.10
CA PHE B 302 32.27 17.34 -8.40
C PHE B 302 33.63 16.63 -8.53
N GLU B 303 34.71 17.29 -8.14
CA GLU B 303 36.06 16.66 -8.17
C GLU B 303 36.10 15.48 -7.17
N ASN B 304 35.42 15.57 -6.01
CA ASN B 304 35.26 14.42 -5.09
C ASN B 304 34.58 13.27 -5.84
N ALA B 305 33.49 13.55 -6.56
CA ALA B 305 32.70 12.53 -7.27
C ALA B 305 33.57 11.87 -8.32
N ILE B 306 34.30 12.67 -9.10
CA ILE B 306 35.20 12.10 -10.15
C ILE B 306 36.24 11.19 -9.46
N ALA B 307 36.84 11.64 -8.36
CA ALA B 307 37.85 10.88 -7.61
C ALA B 307 37.28 9.50 -7.23
N VAL B 308 36.10 9.51 -6.59
CA VAL B 308 35.45 8.27 -6.08
C VAL B 308 35.07 7.38 -7.25
N VAL B 309 34.57 7.95 -8.34
CA VAL B 309 34.19 7.14 -9.53
C VAL B 309 35.47 6.49 -10.12
N MET B 310 36.55 7.25 -10.21
CA MET B 310 37.82 6.71 -10.75
C MET B 310 38.26 5.52 -9.88
N ALA B 311 38.23 5.70 -8.55
CA ALA B 311 38.68 4.70 -7.57
C ALA B 311 37.80 3.44 -7.62
N PHE B 312 36.51 3.57 -7.92
CA PHE B 312 35.56 2.41 -7.96
C PHE B 312 35.59 1.69 -9.30
N GLY B 313 36.43 2.09 -10.25
CA GLY B 313 36.34 1.57 -11.62
C GLY B 313 34.95 1.79 -12.18
N GLY B 314 34.36 2.94 -11.88
CA GLY B 314 32.98 3.31 -12.25
C GLY B 314 32.73 3.34 -13.75
N SER B 315 31.44 3.25 -14.13
CA SER B 315 30.92 3.31 -15.52
C SER B 315 31.37 4.62 -16.20
N THR B 316 31.77 4.53 -17.47
CA THR B 316 32.03 5.67 -18.38
C THR B 316 30.77 6.56 -18.47
N ASN B 317 29.58 6.03 -18.18
CA ASN B 317 28.34 6.84 -18.17
C ASN B 317 28.44 7.96 -17.15
N ALA B 318 29.20 7.78 -16.07
CA ALA B 318 29.36 8.81 -15.01
C ALA B 318 29.97 10.09 -15.60
N VAL B 319 30.77 9.99 -16.66
CA VAL B 319 31.34 11.18 -17.34
C VAL B 319 30.18 12.00 -17.87
N LEU B 320 29.27 11.36 -18.62
CA LEU B 320 28.11 12.04 -19.21
C LEU B 320 27.24 12.65 -18.10
N HIS B 321 26.99 11.90 -17.01
CA HIS B 321 26.01 12.33 -15.97
C HIS B 321 26.60 13.43 -15.10
N LEU B 322 27.88 13.36 -14.72
CA LEU B 322 28.42 14.40 -13.82
C LEU B 322 28.58 15.69 -14.63
N LEU B 323 28.89 15.61 -15.91
CA LEU B 323 28.99 16.85 -16.74
C LEU B 323 27.62 17.52 -16.71
N ALA B 324 26.55 16.74 -16.92
CA ALA B 324 25.17 17.27 -16.95
C ALA B 324 24.79 17.80 -15.59
N ILE B 325 25.10 17.09 -14.50
CA ILE B 325 24.69 17.59 -13.15
C ILE B 325 25.42 18.90 -12.85
N ALA B 326 26.69 19.04 -13.26
CA ALA B 326 27.42 20.32 -13.02
C ALA B 326 26.76 21.43 -13.82
N HIS B 327 26.44 21.19 -15.07
CA HIS B 327 25.73 22.17 -15.92
C HIS B 327 24.45 22.63 -15.19
N GLU B 328 23.69 21.71 -14.62
CA GLU B 328 22.42 22.08 -13.92
C GLU B 328 22.68 22.89 -12.64
N ALA B 329 23.85 22.72 -12.02
CA ALA B 329 24.29 23.45 -10.80
C ALA B 329 24.96 24.80 -11.15
N ASN B 330 25.14 25.11 -12.44
CA ASN B 330 25.86 26.30 -12.95
C ASN B 330 27.31 26.24 -12.46
N VAL B 331 27.92 25.07 -12.52
CA VAL B 331 29.34 24.86 -12.13
C VAL B 331 30.12 24.46 -13.38
N ALA B 332 31.26 25.12 -13.61
CA ALA B 332 32.19 24.82 -14.73
C ALA B 332 32.78 23.42 -14.54
N LEU B 333 32.41 22.47 -15.39
CA LEU B 333 33.03 21.12 -15.39
C LEU B 333 33.21 20.62 -16.84
N SER B 334 34.42 20.16 -17.18
CA SER B 334 34.81 19.76 -18.55
C SER B 334 35.43 18.36 -18.53
N LEU B 335 35.56 17.77 -19.70
CA LEU B 335 36.30 16.50 -19.92
C LEU B 335 37.74 16.61 -19.38
N GLN B 336 38.38 17.77 -19.50
CA GLN B 336 39.80 17.92 -19.04
C GLN B 336 39.83 17.80 -17.50
N ASP B 337 38.74 18.16 -16.82
CA ASP B 337 38.64 18.00 -15.34
C ASP B 337 38.69 16.51 -15.00
N PHE B 338 38.07 15.67 -15.82
CA PHE B 338 38.05 14.19 -15.64
C PHE B 338 39.45 13.62 -15.86
N SER B 339 40.13 14.11 -16.89
CA SER B 339 41.50 13.66 -17.23
C SER B 339 42.45 14.05 -16.09
N ARG B 340 42.32 15.24 -15.55
CA ARG B 340 43.25 15.78 -14.50
C ARG B 340 43.10 14.94 -13.23
N ILE B 341 41.88 14.86 -12.69
CA ILE B 341 41.57 14.06 -11.47
C ILE B 341 41.94 12.60 -11.74
N GLY B 342 41.59 12.08 -12.92
CA GLY B 342 41.80 10.67 -13.27
C GLY B 342 43.29 10.30 -13.26
N SER B 343 44.16 11.23 -13.64
CA SER B 343 45.62 11.00 -13.73
C SER B 343 46.18 10.72 -12.34
N GLY B 344 45.59 11.30 -11.28
CA GLY B 344 46.10 11.24 -9.89
C GLY B 344 45.34 10.29 -8.97
N VAL B 345 44.48 9.40 -9.49
CA VAL B 345 43.57 8.57 -8.63
C VAL B 345 43.57 7.13 -9.11
N PRO B 346 44.15 6.19 -8.33
CA PRO B 346 44.23 4.80 -8.76
C PRO B 346 42.89 4.05 -8.62
N HIS B 347 42.69 3.05 -9.48
CA HIS B 347 41.58 2.08 -9.44
C HIS B 347 41.81 1.15 -8.25
N LEU B 348 40.87 1.10 -7.31
CA LEU B 348 41.01 0.36 -6.03
C LEU B 348 39.99 -0.79 -5.94
N ALA B 349 38.79 -0.63 -6.51
CA ALA B 349 37.67 -1.57 -6.27
C ALA B 349 37.77 -2.73 -7.24
N ASP B 350 37.82 -3.95 -6.71
CA ASP B 350 37.83 -5.20 -7.53
C ASP B 350 36.38 -5.63 -7.76
N VAL B 351 35.69 -4.95 -8.68
CA VAL B 351 34.20 -5.06 -8.80
C VAL B 351 33.80 -5.30 -10.27
N LYS B 352 32.81 -6.17 -10.46
CA LYS B 352 32.16 -6.41 -11.78
C LYS B 352 31.76 -5.07 -12.39
N PRO B 353 31.70 -4.94 -13.73
CA PRO B 353 32.00 -6.04 -14.67
C PRO B 353 33.48 -6.42 -14.93
N PHE B 354 34.44 -5.52 -14.69
CA PHE B 354 35.88 -5.73 -14.92
C PHE B 354 36.47 -6.62 -13.81
N GLY B 355 36.05 -6.44 -12.56
CA GLY B 355 36.54 -7.17 -11.38
C GLY B 355 35.63 -8.31 -10.97
N ARG B 356 35.82 -8.81 -9.75
CA ARG B 356 35.15 -10.07 -9.29
C ARG B 356 33.89 -9.78 -8.45
N HIS B 357 33.85 -8.68 -7.70
CA HIS B 357 32.85 -8.46 -6.61
C HIS B 357 31.67 -7.60 -7.06
N VAL B 358 30.59 -7.64 -6.28
CA VAL B 358 29.35 -6.84 -6.50
C VAL B 358 29.15 -5.94 -5.28
N MET B 359 28.16 -5.04 -5.33
CA MET B 359 27.99 -3.98 -4.30
C MET B 359 27.74 -4.61 -2.92
N SER B 360 27.08 -5.75 -2.86
CA SER B 360 26.83 -6.46 -1.57
C SER B 360 28.16 -6.87 -0.91
N ASP B 361 29.21 -7.13 -1.71
CA ASP B 361 30.58 -7.43 -1.19
C ASP B 361 31.18 -6.14 -0.64
N VAL B 362 30.94 -5.02 -1.34
CA VAL B 362 31.46 -3.68 -0.96
C VAL B 362 30.80 -3.31 0.37
N ASP B 363 29.52 -3.64 0.51
CA ASP B 363 28.72 -3.37 1.73
C ASP B 363 29.36 -4.13 2.89
N HIS B 364 29.71 -5.39 2.66
CA HIS B 364 30.19 -6.30 3.75
C HIS B 364 31.45 -5.71 4.40
N ILE B 365 32.28 -5.01 3.62
CA ILE B 365 33.61 -4.50 4.07
C ILE B 365 33.55 -3.01 4.42
N GLY B 366 32.39 -2.35 4.39
CA GLY B 366 32.19 -1.01 4.99
C GLY B 366 31.58 0.02 4.02
N GLY B 367 31.33 -0.36 2.77
CA GLY B 367 30.65 0.49 1.77
C GLY B 367 31.52 1.63 1.26
N VAL B 368 30.89 2.66 0.70
CA VAL B 368 31.56 3.73 -0.09
C VAL B 368 32.46 4.57 0.80
N PRO B 369 32.13 4.82 2.08
CA PRO B 369 33.02 5.58 2.96
C PRO B 369 34.45 5.01 3.13
N VAL B 370 34.64 3.71 2.95
CA VAL B 370 35.99 3.08 3.02
C VAL B 370 36.87 3.67 1.92
N VAL B 371 36.35 3.80 0.70
CA VAL B 371 37.07 4.42 -0.46
C VAL B 371 37.26 5.91 -0.16
N MET B 372 36.25 6.55 0.42
CA MET B 372 36.28 8.01 0.60
C MET B 372 37.34 8.37 1.66
N LYS B 373 37.46 7.61 2.75
CA LYS B 373 38.46 7.87 3.83
C LYS B 373 39.85 7.63 3.24
N ALA B 374 40.05 6.56 2.47
CA ALA B 374 41.36 6.24 1.88
C ALA B 374 41.81 7.41 1.00
N LEU B 375 40.93 7.92 0.13
CA LEU B 375 41.26 9.07 -0.75
C LEU B 375 41.58 10.31 0.09
N LEU B 376 40.77 10.60 1.09
CA LEU B 376 40.95 11.83 1.91
C LEU B 376 42.30 11.75 2.62
N ASP B 377 42.64 10.59 3.19
CA ASP B 377 43.90 10.40 3.97
C ASP B 377 45.09 10.72 3.05
N ALA B 378 44.98 10.36 1.77
CA ALA B 378 46.04 10.56 0.76
C ALA B 378 45.99 11.96 0.15
N GLY B 379 45.14 12.86 0.65
CA GLY B 379 44.91 14.19 0.06
C GLY B 379 44.31 14.13 -1.34
N LEU B 380 43.54 13.08 -1.67
CA LEU B 380 42.88 12.90 -3.00
C LEU B 380 41.37 13.15 -2.90
N LEU B 381 40.92 13.88 -1.88
CA LEU B 381 39.51 14.26 -1.66
C LEU B 381 39.50 15.59 -0.91
N HIS B 382 38.59 16.48 -1.26
CA HIS B 382 38.38 17.77 -0.56
C HIS B 382 37.54 17.48 0.68
N GLY B 383 38.12 17.62 1.87
CA GLY B 383 37.47 17.29 3.15
C GLY B 383 36.46 18.33 3.58
N ASP B 384 36.59 19.58 3.12
CA ASP B 384 35.83 20.74 3.67
C ASP B 384 34.50 20.90 2.93
N CYS B 385 34.19 20.03 1.97
CA CYS B 385 32.92 20.13 1.19
C CYS B 385 31.73 19.90 2.13
N LEU B 386 30.80 20.87 2.17
CA LEU B 386 29.51 20.70 2.87
C LEU B 386 28.70 19.58 2.18
N THR B 387 27.98 18.80 3.00
CA THR B 387 27.14 17.64 2.62
C THR B 387 25.72 17.81 3.17
N VAL B 388 24.85 16.89 2.81
CA VAL B 388 23.43 16.89 3.27
C VAL B 388 23.32 16.58 4.77
N THR B 389 24.37 16.11 5.43
CA THR B 389 24.36 15.93 6.91
C THR B 389 24.39 17.27 7.63
N GLY B 390 24.66 18.37 6.92
CA GLY B 390 24.90 19.69 7.51
C GLY B 390 26.35 19.86 7.95
N HIS B 391 27.18 18.83 7.79
CA HIS B 391 28.62 18.79 8.15
C HIS B 391 29.45 18.44 6.90
N THR B 392 30.78 18.48 7.02
CA THR B 392 31.68 18.33 5.86
C THR B 392 32.02 16.86 5.68
N MET B 393 32.51 16.51 4.50
CA MET B 393 32.96 15.14 4.14
C MET B 393 33.91 14.63 5.23
N ALA B 394 34.89 15.43 5.66
CA ALA B 394 35.88 15.04 6.70
C ALA B 394 35.16 14.76 8.03
N GLU B 395 34.31 15.69 8.49
CA GLU B 395 33.52 15.51 9.73
C GLU B 395 32.65 14.25 9.63
N ASN B 396 31.99 13.99 8.50
CA ASN B 396 31.17 12.76 8.34
C ASN B 396 32.07 11.54 8.52
N LEU B 397 33.21 11.53 7.85
CA LEU B 397 34.08 10.32 7.86
C LEU B 397 34.66 10.13 9.27
N ALA B 398 34.98 11.22 9.98
CA ALA B 398 35.41 11.20 11.41
C ALA B 398 34.32 10.60 12.29
N ALA B 399 33.05 10.96 12.06
CA ALA B 399 31.89 10.47 12.82
C ALA B 399 31.70 8.97 12.61
N ILE B 400 31.83 8.46 11.39
CA ILE B 400 31.47 7.05 11.08
C ILE B 400 32.71 6.13 11.11
N THR B 401 33.91 6.69 11.23
CA THR B 401 35.23 5.99 11.30
C THR B 401 35.21 4.72 10.44
N PRO B 402 35.18 4.82 9.11
CA PRO B 402 35.18 3.61 8.29
C PRO B 402 36.49 2.84 8.48
N PRO B 403 36.49 1.50 8.25
CA PRO B 403 37.72 0.72 8.24
C PRO B 403 38.59 0.98 7.00
N ASP B 404 39.87 0.60 7.08
CA ASP B 404 40.83 0.65 5.94
C ASP B 404 40.34 -0.30 4.86
N PRO B 405 40.79 -0.14 3.61
CA PRO B 405 40.50 -1.14 2.57
C PRO B 405 40.88 -2.56 3.04
N ASP B 406 40.06 -3.54 2.69
CA ASP B 406 40.20 -4.93 3.19
C ASP B 406 41.33 -5.65 2.42
N GLY B 407 41.72 -5.16 1.23
CA GLY B 407 42.78 -5.76 0.40
C GLY B 407 42.23 -6.65 -0.71
N LYS B 408 41.05 -7.26 -0.52
CA LYS B 408 40.40 -8.15 -1.52
C LYS B 408 39.36 -7.38 -2.34
N VAL B 409 38.29 -6.90 -1.71
CA VAL B 409 37.18 -6.20 -2.44
C VAL B 409 37.65 -4.78 -2.75
N LEU B 410 38.23 -4.08 -1.77
CA LEU B 410 38.89 -2.77 -2.00
C LEU B 410 40.36 -2.91 -1.66
N ARG B 411 41.22 -2.38 -2.54
CA ARG B 411 42.70 -2.35 -2.38
C ARG B 411 43.10 -1.06 -1.65
N ALA B 412 44.12 -1.11 -0.80
CA ALA B 412 44.81 0.10 -0.30
C ALA B 412 45.39 0.86 -1.49
N LEU B 413 45.68 2.14 -1.29
CA LEU B 413 46.19 3.06 -2.34
C LEU B 413 47.53 2.57 -2.88
N ALA B 414 48.42 2.12 -2.00
CA ALA B 414 49.77 1.65 -2.39
C ALA B 414 49.64 0.35 -3.21
N ASN B 415 48.44 -0.21 -3.38
CA ASN B 415 48.25 -1.59 -3.90
C ASN B 415 47.15 -1.65 -4.97
N PRO B 416 47.14 -0.72 -5.94
CA PRO B 416 45.96 -0.52 -6.77
C PRO B 416 45.76 -1.59 -7.85
N ILE B 417 44.55 -1.69 -8.38
CA ILE B 417 44.20 -2.57 -9.54
C ILE B 417 44.85 -1.99 -10.81
N HIS B 418 44.88 -0.66 -10.92
CA HIS B 418 45.64 0.11 -11.94
C HIS B 418 46.14 1.36 -11.23
N PRO B 419 47.37 1.85 -11.52
CA PRO B 419 47.90 3.01 -10.77
C PRO B 419 47.16 4.33 -11.05
N SER B 420 46.27 4.36 -12.05
CA SER B 420 45.51 5.57 -12.47
C SER B 420 44.02 5.22 -12.69
N GLY B 421 43.15 6.22 -12.84
CA GLY B 421 41.68 6.04 -12.96
C GLY B 421 41.31 5.14 -14.13
N GLY B 422 40.29 4.31 -14.00
CA GLY B 422 39.83 3.41 -15.09
C GLY B 422 39.38 4.18 -16.33
N ILE B 423 38.90 5.42 -16.16
CA ILE B 423 38.27 6.23 -17.25
C ILE B 423 39.33 7.16 -17.86
N THR B 424 39.64 6.96 -19.14
CA THR B 424 40.61 7.80 -19.91
C THR B 424 39.84 8.72 -20.86
N ILE B 425 40.19 10.01 -20.83
CA ILE B 425 39.65 11.02 -21.78
C ILE B 425 40.59 11.16 -22.98
N LEU B 426 40.07 10.97 -24.20
CA LEU B 426 40.83 11.22 -25.45
C LEU B 426 40.37 12.51 -26.13
N HIS B 427 41.28 13.09 -26.89
CA HIS B 427 41.00 14.11 -27.93
C HIS B 427 41.77 13.70 -29.18
N GLY B 428 42.06 14.66 -30.05
CA GLY B 428 42.82 14.41 -31.29
C GLY B 428 41.92 14.62 -32.49
N SER B 429 42.43 14.32 -33.66
CA SER B 429 41.83 14.76 -34.95
C SER B 429 40.51 14.02 -35.20
N LEU B 430 40.26 12.86 -34.59
CA LEU B 430 38.97 12.15 -34.81
C LEU B 430 37.97 12.58 -33.72
N ALA B 431 38.44 13.02 -32.57
CA ALA B 431 37.60 13.44 -31.43
C ALA B 431 38.08 14.79 -30.89
N PRO B 432 37.94 15.89 -31.68
CA PRO B 432 38.42 17.20 -31.25
C PRO B 432 37.73 17.73 -29.98
N GLU B 433 36.48 17.34 -29.77
CA GLU B 433 35.70 17.77 -28.58
C GLU B 433 35.70 16.67 -27.51
N GLY B 434 36.45 15.58 -27.71
CA GLY B 434 36.65 14.59 -26.63
C GLY B 434 36.03 13.25 -26.95
N ALA B 435 36.53 12.20 -26.31
CA ALA B 435 35.97 10.83 -26.33
C ALA B 435 36.41 10.12 -25.04
N VAL B 436 35.73 9.01 -24.72
CA VAL B 436 35.84 8.32 -23.41
C VAL B 436 36.09 6.83 -23.64
N VAL B 437 37.07 6.26 -22.95
CA VAL B 437 37.45 4.83 -23.11
C VAL B 437 37.82 4.27 -21.73
N LYS B 438 37.28 3.10 -21.41
CA LYS B 438 37.69 2.30 -20.23
C LYS B 438 39.00 1.59 -20.59
N THR B 439 40.10 1.95 -19.92
CA THR B 439 41.46 1.40 -20.18
C THR B 439 41.81 0.30 -19.18
N ALA B 440 40.84 -0.56 -18.86
CA ALA B 440 41.04 -1.86 -18.14
C ALA B 440 42.41 -1.88 -17.46
N SER B 444 49.00 0.77 -21.55
CA SER B 444 48.83 2.17 -22.06
C SER B 444 49.63 2.37 -23.35
N ASP B 445 49.33 1.59 -24.40
CA ASP B 445 50.11 1.57 -25.66
C ASP B 445 49.33 2.25 -26.79
N VAL B 446 49.90 2.19 -27.99
CA VAL B 446 49.31 2.73 -29.24
C VAL B 446 48.57 1.60 -29.96
N PHE B 447 47.28 1.80 -30.24
CA PHE B 447 46.44 0.85 -31.02
C PHE B 447 46.07 1.53 -32.34
N GLU B 448 46.03 0.77 -33.42
CA GLU B 448 45.74 1.29 -34.77
C GLU B 448 44.73 0.40 -35.50
N GLY B 449 44.37 0.78 -36.73
CA GLY B 449 43.50 -0.02 -37.60
C GLY B 449 43.15 0.70 -38.88
N THR B 450 42.79 -0.05 -39.91
CA THR B 450 42.17 0.48 -41.14
C THR B 450 40.67 0.61 -40.83
N ALA B 451 40.14 1.79 -41.07
CA ALA B 451 38.75 2.13 -40.73
C ALA B 451 37.82 1.21 -41.51
N ARG B 452 36.91 0.56 -40.81
CA ARG B 452 35.69 -0.03 -41.38
C ARG B 452 34.53 0.78 -40.81
N VAL B 453 33.78 1.43 -41.68
CA VAL B 453 32.89 2.56 -41.31
C VAL B 453 31.45 2.14 -41.55
N PHE B 454 30.62 2.23 -40.52
CA PHE B 454 29.18 1.87 -40.61
C PHE B 454 28.33 3.01 -40.07
N ASP B 455 27.23 3.24 -40.79
CA ASP B 455 26.13 4.17 -40.39
C ASP B 455 25.14 3.36 -39.58
N GLY B 456 25.32 3.32 -38.25
CA GLY B 456 24.45 2.56 -37.34
C GLY B 456 24.96 1.16 -37.09
N GLU B 457 24.62 0.61 -35.93
CA GLU B 457 25.13 -0.69 -35.44
C GLU B 457 24.73 -1.83 -36.37
N ARG B 458 23.53 -1.81 -36.95
CA ARG B 458 23.03 -2.93 -37.79
C ARG B 458 24.02 -3.18 -38.93
N ALA B 459 24.53 -2.13 -39.57
CA ALA B 459 25.39 -2.31 -40.76
C ALA B 459 26.69 -2.99 -40.33
N ALA B 460 27.20 -2.68 -39.13
CA ALA B 460 28.42 -3.28 -38.54
C ALA B 460 28.18 -4.78 -38.26
N LEU B 461 27.01 -5.14 -37.76
CA LEU B 461 26.66 -6.56 -37.42
C LEU B 461 26.55 -7.35 -38.73
N ASP B 462 25.84 -6.79 -39.73
CA ASP B 462 25.68 -7.37 -41.09
C ASP B 462 27.06 -7.65 -41.69
N ALA B 463 28.03 -6.75 -41.48
CA ALA B 463 29.42 -6.87 -41.98
C ALA B 463 30.15 -7.98 -41.23
N LEU B 464 30.01 -8.05 -39.90
CA LEU B 464 30.64 -9.13 -39.07
C LEU B 464 30.11 -10.47 -39.57
N GLU B 465 28.82 -10.55 -39.86
CA GLU B 465 28.16 -11.78 -40.38
C GLU B 465 28.70 -12.13 -41.78
N ASP B 466 29.09 -11.14 -42.59
CA ASP B 466 29.54 -11.37 -43.99
C ASP B 466 31.07 -11.53 -44.05
N GLY B 467 31.72 -11.61 -42.88
CA GLY B 467 33.17 -11.83 -42.73
C GLY B 467 34.01 -10.64 -43.18
N THR B 468 33.39 -9.49 -43.53
CA THR B 468 34.12 -8.29 -44.06
C THR B 468 34.80 -7.54 -42.91
N ILE B 469 34.70 -7.97 -41.65
CA ILE B 469 35.49 -7.37 -40.52
C ILE B 469 36.51 -8.38 -40.05
N THR B 470 37.80 -8.01 -40.06
CA THR B 470 38.94 -8.93 -39.77
C THR B 470 39.87 -8.31 -38.73
N VAL B 471 40.85 -9.09 -38.28
CA VAL B 471 41.93 -8.67 -37.34
C VAL B 471 42.53 -7.36 -37.85
N GLY B 472 42.90 -6.47 -36.93
CA GLY B 472 43.51 -5.15 -37.23
C GLY B 472 42.53 -4.08 -37.71
N ASP B 473 41.25 -4.39 -37.96
CA ASP B 473 40.24 -3.39 -38.39
C ASP B 473 39.92 -2.43 -37.23
N ALA B 474 39.74 -1.14 -37.54
CA ALA B 474 39.18 -0.12 -36.62
C ALA B 474 37.71 0.08 -36.98
N VAL B 475 36.80 -0.51 -36.20
CA VAL B 475 35.35 -0.59 -36.53
C VAL B 475 34.66 0.69 -36.00
N VAL B 476 34.16 1.51 -36.92
CA VAL B 476 33.55 2.84 -36.62
C VAL B 476 32.06 2.73 -36.83
N ILE B 477 31.29 2.92 -35.75
CA ILE B 477 29.81 2.95 -35.81
C ILE B 477 29.40 4.39 -35.55
N ARG B 478 28.91 5.07 -36.58
CA ARG B 478 28.63 6.52 -36.45
C ARG B 478 27.13 6.69 -36.60
N TYR B 479 26.64 7.91 -36.37
CA TYR B 479 25.19 8.21 -36.31
C TYR B 479 24.54 7.39 -35.18
N GLU B 480 25.22 7.27 -34.05
CA GLU B 480 24.64 6.70 -32.80
C GLU B 480 24.78 7.75 -31.69
N GLY B 481 25.01 9.01 -32.05
CA GLY B 481 25.16 10.07 -31.04
C GLY B 481 23.82 10.43 -30.40
N PRO B 482 23.78 11.45 -29.51
CA PRO B 482 22.51 11.96 -29.00
C PRO B 482 21.50 12.28 -30.11
N LYS B 483 21.93 13.01 -31.15
CA LYS B 483 21.05 13.32 -32.31
C LYS B 483 20.94 12.15 -33.28
N GLY B 484 22.06 11.48 -33.60
CA GLY B 484 22.12 10.52 -34.74
C GLY B 484 21.35 9.24 -34.52
N GLY B 485 21.45 8.67 -33.31
CA GLY B 485 20.85 7.39 -32.92
C GLY B 485 19.36 7.33 -33.26
N PRO B 486 18.51 8.22 -32.69
CA PRO B 486 18.90 9.18 -31.66
C PRO B 486 18.98 8.56 -30.26
N GLY B 487 19.42 9.34 -29.24
CA GLY B 487 19.38 8.96 -27.82
C GLY B 487 20.65 8.29 -27.35
N MET B 488 21.70 8.24 -28.18
CA MET B 488 23.05 7.80 -27.73
C MET B 488 22.93 6.44 -27.02
N ARG B 489 22.51 5.42 -27.77
CA ARG B 489 22.37 4.03 -27.27
C ARG B 489 23.70 3.54 -26.67
N GLU B 490 23.62 2.75 -25.59
CA GLU B 490 24.75 1.92 -25.08
C GLU B 490 24.69 0.59 -25.79
N MET B 491 25.43 0.47 -26.89
CA MET B 491 25.34 -0.67 -27.81
C MET B 491 26.00 -1.90 -27.18
N LEU B 492 25.28 -3.02 -27.18
CA LEU B 492 25.78 -4.31 -26.64
C LEU B 492 25.87 -5.38 -27.73
N ALA B 493 25.11 -5.27 -28.84
CA ALA B 493 25.03 -6.35 -29.85
C ALA B 493 26.40 -6.48 -30.55
N ILE B 494 27.04 -5.37 -30.89
CA ILE B 494 28.30 -5.41 -31.70
C ILE B 494 29.45 -5.86 -30.80
N THR B 495 29.49 -5.42 -29.55
CA THR B 495 30.59 -5.77 -28.61
C THR B 495 30.52 -7.28 -28.34
N GLY B 496 29.30 -7.79 -28.13
CA GLY B 496 29.03 -9.21 -27.87
C GLY B 496 29.39 -10.05 -29.06
N ALA B 497 28.97 -9.62 -30.26
CA ALA B 497 29.20 -10.36 -31.51
C ALA B 497 30.71 -10.43 -31.81
N ILE B 498 31.45 -9.32 -31.66
CA ILE B 498 32.92 -9.25 -31.90
C ILE B 498 33.60 -10.20 -30.92
N LYS B 499 33.29 -10.10 -29.63
CA LYS B 499 33.91 -10.99 -28.61
C LYS B 499 33.59 -12.46 -28.95
N GLY B 500 32.34 -12.76 -29.27
CA GLY B 500 31.86 -14.12 -29.62
C GLY B 500 32.58 -14.69 -30.83
N ALA B 501 32.92 -13.83 -31.79
CA ALA B 501 33.67 -14.17 -33.02
C ALA B 501 35.17 -14.32 -32.73
N GLY B 502 35.63 -14.08 -31.50
CA GLY B 502 37.04 -14.19 -31.09
C GLY B 502 37.91 -12.99 -31.49
N LEU B 503 37.31 -11.87 -31.93
CA LEU B 503 38.04 -10.66 -32.43
C LEU B 503 38.13 -9.59 -31.34
N GLY B 504 37.77 -9.91 -30.11
CA GLY B 504 37.74 -8.95 -28.99
C GLY B 504 39.01 -8.13 -28.90
N LYS B 505 40.16 -8.79 -28.82
CA LYS B 505 41.47 -8.12 -28.55
C LYS B 505 42.15 -7.76 -29.88
N ASP B 506 41.52 -8.03 -31.03
CA ASP B 506 42.13 -7.91 -32.37
C ASP B 506 41.60 -6.67 -33.12
N VAL B 507 40.48 -6.08 -32.70
CA VAL B 507 39.87 -4.91 -33.40
C VAL B 507 39.67 -3.78 -32.39
N LEU B 508 39.61 -2.56 -32.91
CA LEU B 508 39.28 -1.33 -32.15
C LEU B 508 37.79 -1.02 -32.41
N LEU B 509 37.04 -0.66 -31.37
CA LEU B 509 35.62 -0.22 -31.48
C LEU B 509 35.51 1.28 -31.14
N LEU B 510 34.83 2.02 -32.02
CA LEU B 510 34.74 3.51 -31.98
C LEU B 510 33.31 3.92 -32.31
N THR B 511 32.72 4.83 -31.52
CA THR B 511 31.35 5.33 -31.79
C THR B 511 31.16 6.74 -31.23
N ASP B 512 30.25 7.48 -31.85
CA ASP B 512 29.71 8.74 -31.28
C ASP B 512 28.58 8.42 -30.30
N GLY B 513 28.18 7.15 -30.18
CA GLY B 513 27.25 6.69 -29.14
C GLY B 513 27.99 6.18 -27.93
N ARG B 514 27.50 5.09 -27.35
CA ARG B 514 28.09 4.51 -26.12
C ARG B 514 28.23 3.00 -26.33
N PHE B 515 29.10 2.36 -25.53
CA PHE B 515 29.28 0.89 -25.53
C PHE B 515 29.06 0.33 -24.12
N SER B 516 28.57 -0.89 -24.05
CA SER B 516 28.56 -1.75 -22.84
C SER B 516 29.11 -3.14 -23.20
N GLY B 517 29.87 -3.78 -22.28
CA GLY B 517 30.64 -5.02 -22.53
C GLY B 517 31.93 -4.75 -23.31
N GLY B 518 32.94 -5.61 -23.16
CA GLY B 518 34.22 -5.53 -23.90
C GLY B 518 35.37 -5.16 -22.97
N LEU B 522 39.29 -2.77 -27.11
CA LEU B 522 39.12 -1.37 -26.64
C LEU B 522 37.87 -0.77 -27.29
N CYS B 523 37.08 -0.03 -26.51
CA CYS B 523 35.73 0.46 -26.89
C CYS B 523 35.68 1.95 -26.59
N VAL B 524 35.73 2.79 -27.63
CA VAL B 524 35.78 4.27 -27.48
C VAL B 524 34.39 4.81 -27.76
N GLY B 525 33.84 5.57 -26.82
CA GLY B 525 32.50 6.17 -26.98
C GLY B 525 32.54 7.68 -26.89
N HIS B 526 31.37 8.30 -27.09
CA HIS B 526 31.18 9.76 -26.86
C HIS B 526 31.97 10.58 -27.89
N ILE B 527 32.39 9.98 -29.01
CA ILE B 527 33.30 10.69 -29.96
C ILE B 527 32.57 11.97 -30.38
N ALA B 528 33.18 13.11 -30.16
CA ALA B 528 32.53 14.42 -30.41
C ALA B 528 33.43 15.29 -31.27
N PRO B 529 32.87 16.17 -32.14
CA PRO B 529 31.43 16.25 -32.40
C PRO B 529 30.90 14.97 -33.04
N GLU B 530 29.64 14.66 -32.80
CA GLU B 530 29.02 13.45 -33.40
C GLU B 530 28.82 13.66 -34.90
N ALA B 531 28.53 12.57 -35.60
CA ALA B 531 28.45 12.50 -37.07
C ALA B 531 27.42 13.51 -37.61
N VAL B 532 26.24 13.55 -37.01
CA VAL B 532 25.13 14.45 -37.43
C VAL B 532 25.63 15.92 -37.46
N ASP B 533 26.51 16.32 -36.55
CA ASP B 533 27.07 17.69 -36.47
C ASP B 533 28.30 17.88 -37.39
N GLY B 534 28.61 16.94 -38.29
CA GLY B 534 29.70 17.03 -39.28
C GLY B 534 31.07 17.00 -38.62
N GLY B 535 31.17 16.38 -37.45
CA GLY B 535 32.45 16.07 -36.81
C GLY B 535 33.32 15.19 -37.73
N PRO B 536 34.64 15.14 -37.49
CA PRO B 536 35.54 14.27 -38.24
C PRO B 536 34.99 12.86 -38.44
N ILE B 537 34.29 12.28 -37.43
CA ILE B 537 33.76 10.89 -37.58
C ILE B 537 32.85 10.82 -38.82
N ALA B 538 32.17 11.88 -39.21
CA ALA B 538 31.27 11.85 -40.38
C ALA B 538 32.08 11.83 -41.68
N LEU B 539 33.32 12.29 -41.64
CA LEU B 539 34.14 12.39 -42.88
C LEU B 539 34.97 11.11 -43.06
N LEU B 540 35.08 10.26 -42.04
CA LEU B 540 35.87 8.99 -42.16
C LEU B 540 35.41 8.23 -43.39
N ARG B 541 36.36 7.60 -44.08
CA ARG B 541 36.06 6.61 -45.14
C ARG B 541 36.77 5.29 -44.83
N ASN B 542 36.18 4.20 -45.31
CA ASN B 542 36.81 2.85 -45.37
C ASN B 542 38.26 3.03 -45.86
N GLY B 543 39.24 2.60 -45.08
CA GLY B 543 40.66 2.69 -45.47
C GLY B 543 41.44 3.70 -44.68
N ASP B 544 40.78 4.75 -44.17
CA ASP B 544 41.49 5.74 -43.33
C ASP B 544 42.15 5.01 -42.16
N ARG B 545 43.31 5.49 -41.76
CA ARG B 545 44.14 4.93 -40.67
C ARG B 545 43.79 5.68 -39.40
N ILE B 546 43.42 4.94 -38.35
CA ILE B 546 43.05 5.52 -37.04
C ILE B 546 44.07 5.02 -36.03
N ARG B 547 44.47 5.91 -35.13
CA ARG B 547 45.47 5.67 -34.08
C ARG B 547 44.85 6.07 -32.75
N LEU B 548 44.80 5.14 -31.80
CA LEU B 548 44.46 5.42 -30.39
C LEU B 548 45.75 5.39 -29.57
N ASP B 549 46.10 6.49 -28.92
CA ASP B 549 47.34 6.60 -28.12
C ASP B 549 46.90 6.86 -26.69
N VAL B 550 46.83 5.81 -25.87
CA VAL B 550 46.27 5.93 -24.49
C VAL B 550 47.13 6.89 -23.68
N ALA B 551 48.46 6.70 -23.71
CA ALA B 551 49.44 7.50 -22.95
C ALA B 551 49.27 8.99 -23.27
N GLY B 552 49.21 9.33 -24.56
CA GLY B 552 49.12 10.72 -25.05
C GLY B 552 47.69 11.23 -25.04
N ARG B 553 46.71 10.35 -24.77
CA ARG B 553 45.26 10.73 -24.70
C ARG B 553 44.82 11.27 -26.08
N VAL B 554 45.18 10.57 -27.15
CA VAL B 554 44.92 11.01 -28.55
C VAL B 554 44.11 9.96 -29.29
N LEU B 555 43.09 10.36 -30.03
CA LEU B 555 42.41 9.53 -31.04
C LEU B 555 42.46 10.27 -32.37
N ASP B 556 43.35 9.84 -33.27
CA ASP B 556 43.69 10.58 -34.51
C ASP B 556 43.22 9.81 -35.74
N VAL B 557 42.71 10.54 -36.73
CA VAL B 557 42.65 9.99 -38.11
C VAL B 557 43.94 10.47 -38.78
N LEU B 558 44.71 9.56 -39.39
CA LEU B 558 46.07 9.85 -39.91
C LEU B 558 45.99 10.30 -41.37
N ALA B 559 44.87 10.87 -41.78
CA ALA B 559 44.70 11.45 -43.14
C ALA B 559 45.45 12.78 -43.19
N ASP B 560 45.91 13.17 -44.38
CA ASP B 560 46.45 14.52 -44.62
C ASP B 560 45.36 15.53 -44.24
N PRO B 561 45.66 16.52 -43.37
CA PRO B 561 44.61 17.41 -42.87
C PRO B 561 43.84 18.15 -43.98
N ALA B 562 44.56 18.58 -45.02
CA ALA B 562 43.98 19.27 -46.18
C ALA B 562 43.03 18.34 -46.93
N GLU B 563 43.49 17.14 -47.32
CA GLU B 563 42.66 16.15 -48.04
C GLU B 563 41.42 15.84 -47.19
N PHE B 564 41.62 15.67 -45.88
CA PHE B 564 40.51 15.33 -44.95
C PHE B 564 39.49 16.48 -44.91
N ALA B 565 39.93 17.73 -44.81
CA ALA B 565 39.03 18.91 -44.78
C ALA B 565 38.35 19.07 -46.14
N SER B 566 38.97 18.62 -47.24
CA SER B 566 38.35 18.69 -48.59
C SER B 566 37.12 17.79 -48.68
N ARG B 567 36.92 16.90 -47.69
CA ARG B 567 35.72 16.01 -47.63
C ARG B 567 34.50 16.74 -47.04
N GLN B 568 34.69 17.85 -46.30
CA GLN B 568 33.57 18.51 -45.54
C GLN B 568 32.41 18.89 -46.47
N GLN B 569 32.72 19.39 -47.67
CA GLN B 569 31.71 19.85 -48.66
C GLN B 569 30.78 18.70 -49.04
N ASP B 570 31.27 17.45 -49.01
CA ASP B 570 30.53 16.21 -49.41
C ASP B 570 29.61 15.70 -48.29
N PHE B 571 29.73 16.21 -47.06
CA PHE B 571 28.90 15.80 -45.89
C PHE B 571 27.50 16.40 -46.00
N SER B 572 26.48 15.60 -45.74
CA SER B 572 25.12 16.09 -45.41
C SER B 572 24.47 15.11 -44.43
N PRO B 573 23.89 15.62 -43.32
CA PRO B 573 23.34 14.75 -42.28
C PRO B 573 22.09 14.06 -42.79
N PRO B 574 21.79 12.82 -42.35
CA PRO B 574 20.49 12.20 -42.64
C PRO B 574 19.36 13.02 -42.02
N PRO B 575 18.12 12.91 -42.54
CA PRO B 575 16.99 13.56 -41.88
C PRO B 575 16.64 12.80 -40.60
N PRO B 576 16.18 13.48 -39.53
CA PRO B 576 15.74 12.80 -38.31
C PRO B 576 14.78 11.64 -38.59
N ARG B 577 15.09 10.49 -38.00
CA ARG B 577 14.25 9.26 -38.06
C ARG B 577 12.96 9.48 -37.26
N TYR B 578 13.06 9.93 -36.02
CA TYR B 578 11.86 10.25 -35.18
C TYR B 578 11.44 11.67 -35.53
N THR B 579 10.25 11.83 -36.11
CA THR B 579 9.68 13.15 -36.52
C THR B 579 8.56 13.60 -35.57
N THR B 580 8.21 12.79 -34.57
CA THR B 580 7.18 13.15 -33.57
C THR B 580 7.66 12.76 -32.16
N GLY B 581 7.06 13.37 -31.15
CA GLY B 581 7.23 12.91 -29.76
C GLY B 581 8.56 13.26 -29.15
N VAL B 582 8.85 12.63 -28.01
CA VAL B 582 9.95 13.06 -27.09
C VAL B 582 11.29 13.04 -27.82
N LEU B 583 11.51 12.09 -28.71
CA LEU B 583 12.82 11.97 -29.41
C LEU B 583 12.95 13.06 -30.50
N SER B 584 11.86 13.53 -31.10
CA SER B 584 11.96 14.65 -32.09
C SER B 584 12.36 15.91 -31.32
N LYS B 585 11.83 16.06 -30.11
CA LYS B 585 12.13 17.21 -29.25
C LYS B 585 13.56 17.12 -28.76
N TYR B 586 13.99 15.92 -28.39
CA TYR B 586 15.32 15.69 -27.77
C TYR B 586 16.41 16.12 -28.77
N VAL B 587 16.27 15.67 -30.01
CA VAL B 587 17.22 15.93 -31.13
C VAL B 587 17.31 17.44 -31.35
N LYS B 588 16.19 18.17 -31.21
CA LYS B 588 16.20 19.63 -31.39
C LYS B 588 16.97 20.33 -30.28
N LEU B 589 17.02 19.78 -29.06
CA LEU B 589 17.51 20.56 -27.90
C LEU B 589 18.84 20.03 -27.36
N VAL B 590 19.24 18.80 -27.65
CA VAL B 590 20.36 18.16 -26.93
C VAL B 590 21.69 18.79 -27.34
N SER B 591 22.60 18.93 -26.39
CA SER B 591 23.98 19.42 -26.58
C SER B 591 24.86 18.27 -27.07
N SER B 592 26.12 18.58 -27.33
CA SER B 592 27.22 17.59 -27.47
C SER B 592 27.32 16.69 -26.23
N ALA B 593 27.70 15.42 -26.41
CA ALA B 593 28.11 14.54 -25.30
C ALA B 593 29.29 15.14 -24.55
N ALA B 594 30.08 16.00 -25.20
CA ALA B 594 31.29 16.60 -24.62
C ALA B 594 30.93 17.50 -23.45
N VAL B 595 29.69 18.02 -23.36
CA VAL B 595 29.25 18.85 -22.21
C VAL B 595 28.06 18.18 -21.51
N GLY B 596 27.84 16.88 -21.73
CA GLY B 596 26.93 16.08 -20.92
C GLY B 596 25.62 15.75 -21.59
N ALA B 597 25.43 16.05 -22.88
CA ALA B 597 24.17 15.78 -23.60
C ALA B 597 23.00 16.41 -22.81
N VAL B 598 23.23 17.63 -22.33
CA VAL B 598 22.21 18.50 -21.67
C VAL B 598 21.27 19.10 -22.71
N CYS B 599 20.04 19.42 -22.28
CA CYS B 599 18.98 19.90 -23.20
C CYS B 599 18.61 21.36 -22.93
N GLY B 600 19.09 21.95 -21.84
CA GLY B 600 18.58 23.23 -21.33
C GLY B 600 19.20 23.62 -20.02
N VAL C 39 10.57 10.84 37.28
CA VAL C 39 9.94 10.88 35.93
C VAL C 39 9.55 9.44 35.56
N ALA C 40 8.47 9.27 34.79
CA ALA C 40 8.05 7.92 34.36
C ALA C 40 9.07 7.40 33.35
N ASP C 41 9.28 6.10 33.37
CA ASP C 41 10.11 5.41 32.35
C ASP C 41 9.26 5.39 31.06
N ILE C 42 9.74 5.96 29.97
CA ILE C 42 8.96 6.04 28.71
C ILE C 42 8.96 4.65 28.03
N LYS C 43 9.77 3.71 28.54
CA LYS C 43 9.75 2.31 28.09
C LYS C 43 9.40 1.43 29.29
N PRO C 44 8.14 1.45 29.74
CA PRO C 44 7.73 0.60 30.84
C PRO C 44 7.73 -0.90 30.50
N ARG C 45 7.71 -1.29 29.23
CA ARG C 45 7.72 -2.73 28.86
C ARG C 45 8.90 -3.11 27.95
N SER C 46 9.27 -2.24 26.99
CA SER C 46 10.12 -2.63 25.83
C SER C 46 11.61 -2.75 26.21
N ARG C 47 12.06 -2.43 27.42
CA ARG C 47 13.46 -2.79 27.81
C ARG C 47 13.61 -4.32 27.86
N ASP C 48 12.51 -5.07 27.98
CA ASP C 48 12.50 -6.56 27.86
C ASP C 48 12.96 -7.04 26.48
N VAL C 49 12.91 -6.22 25.43
CA VAL C 49 13.35 -6.63 24.08
C VAL C 49 14.51 -5.73 23.56
N THR C 50 14.91 -4.66 24.23
CA THR C 50 15.99 -3.77 23.69
C THR C 50 17.25 -3.73 24.57
N ASP C 51 17.15 -3.95 25.90
CA ASP C 51 18.23 -3.60 26.85
C ASP C 51 18.85 -4.87 27.49
N GLY C 52 20.17 -5.01 27.33
CA GLY C 52 20.95 -6.07 28.00
C GLY C 52 21.48 -7.10 27.01
N LEU C 53 22.50 -7.84 27.45
CA LEU C 53 23.20 -8.87 26.65
C LEU C 53 22.18 -9.88 26.14
N GLU C 54 21.26 -10.32 27.01
CA GLU C 54 20.31 -11.41 26.69
C GLU C 54 19.37 -11.02 25.54
N LYS C 55 19.23 -9.72 25.28
CA LYS C 55 18.30 -9.14 24.27
C LYS C 55 18.95 -9.02 22.89
N ALA C 56 20.11 -9.64 22.67
CA ALA C 56 20.83 -9.56 21.37
C ALA C 56 19.94 -10.07 20.23
N ALA C 57 19.31 -11.22 20.39
CA ALA C 57 18.43 -11.80 19.34
C ALA C 57 17.30 -10.82 19.03
N ALA C 58 16.59 -10.38 20.06
CA ALA C 58 15.41 -9.49 19.93
C ALA C 58 15.84 -8.23 19.17
N ARG C 59 16.98 -7.62 19.53
CA ARG C 59 17.50 -6.42 18.82
C ARG C 59 17.72 -6.73 17.35
N GLY C 60 18.38 -7.85 17.05
CA GLY C 60 18.69 -8.28 15.66
C GLY C 60 17.41 -8.44 14.86
N MET C 61 16.35 -8.95 15.48
CA MET C 61 15.02 -9.08 14.80
C MET C 61 14.39 -7.69 14.62
N LEU C 62 14.47 -6.80 15.60
CA LEU C 62 13.88 -5.45 15.46
C LEU C 62 14.63 -4.65 14.37
N ARG C 63 15.93 -4.90 14.15
CA ARG C 63 16.68 -4.23 13.06
C ARG C 63 15.99 -4.58 11.73
N ALA C 64 15.52 -5.82 11.59
CA ALA C 64 15.01 -6.38 10.32
C ALA C 64 13.61 -5.81 10.04
N VAL C 65 12.98 -5.16 11.01
CA VAL C 65 11.71 -4.44 10.69
C VAL C 65 12.03 -2.95 10.57
N GLY C 66 13.29 -2.53 10.73
CA GLY C 66 13.70 -1.16 10.40
C GLY C 66 14.38 -0.38 11.50
N MET C 67 14.41 -0.87 12.74
CA MET C 67 15.02 -0.11 13.86
C MET C 67 16.53 -0.04 13.65
N ASP C 68 17.11 1.10 13.98
CA ASP C 68 18.57 1.30 14.05
C ASP C 68 18.88 1.62 15.51
N ASP C 69 20.13 1.99 15.79
CA ASP C 69 20.66 2.10 17.16
C ASP C 69 19.83 3.10 17.96
N GLU C 70 19.45 4.23 17.36
CA GLU C 70 18.73 5.34 18.03
C GLU C 70 17.30 4.91 18.40
N ASP C 71 16.72 3.93 17.70
CA ASP C 71 15.28 3.61 17.91
C ASP C 71 15.10 2.72 19.15
N PHE C 72 16.17 2.08 19.64
CA PHE C 72 16.10 1.18 20.82
C PHE C 72 15.76 2.00 22.07
N ALA C 73 16.00 3.33 22.09
CA ALA C 73 15.70 4.18 23.27
C ALA C 73 14.28 4.77 23.18
N LYS C 74 13.57 4.52 22.09
CA LYS C 74 12.19 5.07 21.92
C LYS C 74 11.13 4.12 22.50
N PRO C 75 9.99 4.66 22.95
CA PRO C 75 8.84 3.83 23.28
C PRO C 75 8.37 3.14 22.01
N GLN C 76 7.87 1.91 22.17
CA GLN C 76 7.39 1.06 21.06
C GLN C 76 5.87 1.07 21.15
N ILE C 77 5.21 1.50 20.10
CA ILE C 77 3.72 1.66 20.08
C ILE C 77 3.15 0.63 19.11
N GLY C 78 2.36 -0.30 19.63
CA GLY C 78 1.57 -1.21 18.80
C GLY C 78 0.47 -0.43 18.14
N VAL C 79 0.38 -0.49 16.81
CA VAL C 79 -0.73 0.11 16.03
C VAL C 79 -1.56 -1.05 15.52
N ALA C 80 -2.68 -1.31 16.18
CA ALA C 80 -3.55 -2.46 15.92
C ALA C 80 -4.70 -2.00 15.05
N SER C 81 -4.77 -2.52 13.84
CA SER C 81 -5.79 -2.16 12.85
C SER C 81 -6.66 -3.40 12.61
N SER C 82 -7.99 -3.22 12.62
CA SER C 82 -8.95 -4.23 12.15
C SER C 82 -9.29 -3.95 10.68
N TRP C 83 -8.41 -3.31 9.94
CA TRP C 83 -8.59 -3.15 8.46
C TRP C 83 -8.95 -4.50 7.83
N ASN C 84 -9.89 -4.47 6.88
CA ASN C 84 -10.11 -5.59 5.94
C ASN C 84 -11.03 -5.11 4.83
N GLU C 85 -11.33 -5.99 3.87
CA GLU C 85 -12.18 -5.62 2.71
C GLU C 85 -13.50 -6.37 2.82
N ILE C 86 -13.80 -7.00 3.94
CA ILE C 86 -14.97 -7.91 3.95
C ILE C 86 -16.21 -7.05 4.18
N THR C 87 -16.03 -5.77 4.55
CA THR C 87 -17.13 -4.81 4.85
C THR C 87 -16.61 -3.40 4.65
N PRO C 88 -17.44 -2.45 4.18
CA PRO C 88 -16.97 -1.09 3.93
C PRO C 88 -16.53 -0.35 5.20
N CYS C 89 -17.09 -0.78 6.33
CA CYS C 89 -16.86 -0.24 7.70
C CYS C 89 -15.35 -0.11 7.96
N ASN C 90 -14.54 -1.02 7.41
CA ASN C 90 -13.13 -1.19 7.83
C ASN C 90 -12.17 -0.56 6.81
N LEU C 91 -12.64 -0.17 5.62
CA LEU C 91 -11.73 0.18 4.49
C LEU C 91 -10.82 1.36 4.83
N SER C 92 -11.27 2.37 5.58
CA SER C 92 -10.46 3.57 5.88
C SER C 92 -9.31 3.25 6.84
N LEU C 93 -9.34 2.10 7.49
CA LEU C 93 -8.37 1.85 8.59
C LEU C 93 -6.96 1.68 8.08
N ASP C 94 -6.78 1.27 6.83
CA ASP C 94 -5.43 1.13 6.28
C ASP C 94 -4.73 2.52 6.29
N ARG C 95 -5.37 3.53 5.73
CA ARG C 95 -4.74 4.87 5.61
C ARG C 95 -4.66 5.47 7.03
N LEU C 96 -5.64 5.20 7.88
CA LEU C 96 -5.63 5.84 9.21
C LEU C 96 -4.51 5.21 10.04
N ALA C 97 -4.30 3.90 9.96
CA ALA C 97 -3.16 3.23 10.64
C ALA C 97 -1.83 3.87 10.20
N ASN C 98 -1.69 4.13 8.91
CA ASN C 98 -0.49 4.81 8.37
C ASN C 98 -0.34 6.20 9.02
N ALA C 99 -1.43 6.95 9.16
CA ALA C 99 -1.33 8.31 9.72
C ALA C 99 -1.03 8.22 11.22
N VAL C 100 -1.56 7.21 11.91
CA VAL C 100 -1.15 6.98 13.32
C VAL C 100 0.37 6.84 13.41
N LYS C 101 0.97 6.05 12.54
CA LYS C 101 2.41 5.78 12.57
C LYS C 101 3.17 7.10 12.41
N GLU C 102 2.70 7.96 11.48
CA GLU C 102 3.34 9.28 11.23
C GLU C 102 3.31 10.09 12.54
N GLY C 103 2.19 10.06 13.25
CA GLY C 103 2.07 10.73 14.56
C GLY C 103 3.05 10.19 15.57
N VAL C 104 3.16 8.87 15.66
CA VAL C 104 4.07 8.23 16.65
C VAL C 104 5.50 8.69 16.33
N PHE C 105 5.87 8.65 15.06
CA PHE C 105 7.24 9.06 14.65
C PHE C 105 7.42 10.54 14.99
N SER C 106 6.39 11.35 14.77
CA SER C 106 6.47 12.82 14.96
C SER C 106 6.78 13.13 16.45
N ALA C 107 6.34 12.28 17.38
CA ALA C 107 6.44 12.50 18.85
C ALA C 107 7.63 11.73 19.43
N GLY C 108 8.48 11.09 18.62
CA GLY C 108 9.70 10.41 19.08
C GLY C 108 9.47 8.94 19.47
N GLY C 109 8.33 8.35 19.11
CA GLY C 109 8.06 6.91 19.33
C GLY C 109 8.49 6.07 18.13
N TYR C 110 8.40 4.76 18.25
CA TYR C 110 8.58 3.83 17.10
C TYR C 110 7.31 2.99 17.02
N PRO C 111 6.49 3.17 15.97
CA PRO C 111 5.26 2.39 15.80
C PRO C 111 5.55 1.06 15.11
N LEU C 112 4.80 0.03 15.49
CA LEU C 112 4.82 -1.29 14.83
C LEU C 112 3.36 -1.67 14.58
N GLU C 113 2.96 -1.70 13.30
CA GLU C 113 1.60 -2.00 12.89
C GLU C 113 1.35 -3.51 12.92
N PHE C 114 0.15 -3.91 13.34
CA PHE C 114 -0.29 -5.32 13.20
C PHE C 114 -1.78 -5.34 12.98
N GLY C 115 -2.33 -6.48 12.60
CA GLY C 115 -3.73 -6.57 12.20
C GLY C 115 -4.49 -7.57 13.04
N THR C 116 -5.80 -7.35 13.19
N THR C 116 -5.80 -7.36 13.17
CA THR C 116 -6.75 -8.26 13.84
CA THR C 116 -6.74 -8.30 13.80
C THR C 116 -7.95 -8.41 12.92
C THR C 116 -7.97 -8.40 12.92
N ILE C 117 -8.82 -9.39 13.20
CA ILE C 117 -10.04 -9.59 12.41
C ILE C 117 -11.06 -8.51 12.78
N SER C 118 -12.10 -8.51 11.96
CA SER C 118 -13.44 -7.94 12.30
C SER C 118 -14.41 -8.69 11.44
N VAL C 119 -15.67 -8.73 11.84
CA VAL C 119 -16.71 -9.25 10.95
C VAL C 119 -17.58 -8.06 10.55
N SER C 120 -18.51 -8.30 9.66
CA SER C 120 -19.54 -7.34 9.22
C SER C 120 -20.81 -7.71 9.98
N ASP C 121 -21.25 -6.84 10.87
CA ASP C 121 -22.59 -7.00 11.48
C ASP C 121 -23.71 -6.89 10.44
N GLY C 122 -23.49 -6.13 9.35
CA GLY C 122 -24.46 -6.02 8.23
C GLY C 122 -24.51 -7.25 7.34
N ILE C 123 -23.35 -7.68 6.80
CA ILE C 123 -23.31 -8.82 5.86
C ILE C 123 -23.63 -10.12 6.61
N SER C 124 -23.38 -10.18 7.94
CA SER C 124 -23.64 -11.41 8.71
C SER C 124 -25.15 -11.61 8.92
N MET C 125 -26.00 -10.58 8.70
CA MET C 125 -27.45 -10.63 9.04
C MET C 125 -28.16 -11.66 8.15
N GLY C 126 -29.05 -12.48 8.73
CA GLY C 126 -30.00 -13.32 7.98
C GLY C 126 -29.51 -14.73 7.72
N HIS C 127 -28.41 -15.19 8.32
CA HIS C 127 -27.89 -16.57 8.09
C HIS C 127 -27.06 -16.99 9.32
N GLU C 128 -26.47 -18.17 9.23
CA GLU C 128 -25.68 -18.81 10.32
C GLU C 128 -24.54 -17.89 10.79
N GLY C 129 -24.01 -17.02 9.94
CA GLY C 129 -22.92 -16.09 10.32
C GLY C 129 -23.23 -15.22 11.52
N MET C 130 -24.50 -14.97 11.82
CA MET C 130 -24.92 -14.13 12.94
C MET C 130 -24.41 -14.73 14.24
N HIS C 131 -24.30 -16.05 14.31
CA HIS C 131 -23.81 -16.73 15.55
C HIS C 131 -22.34 -16.42 15.84
N PHE C 132 -21.63 -15.77 14.91
CA PHE C 132 -20.18 -15.50 15.02
C PHE C 132 -19.91 -14.00 15.23
N SER C 133 -20.93 -13.13 15.33
CA SER C 133 -20.73 -11.68 15.53
C SER C 133 -20.20 -11.38 16.93
N LEU C 134 -20.93 -11.69 17.99
CA LEU C 134 -20.50 -11.23 19.35
C LEU C 134 -19.16 -11.90 19.73
N VAL C 135 -18.94 -13.15 19.35
CA VAL C 135 -17.68 -13.85 19.73
C VAL C 135 -16.47 -13.14 19.09
N SER C 136 -16.65 -12.38 18.02
CA SER C 136 -15.54 -11.64 17.38
C SER C 136 -15.01 -10.59 18.35
N ARG C 137 -15.86 -9.99 19.20
CA ARG C 137 -15.45 -9.04 20.25
C ARG C 137 -14.37 -9.70 21.11
N GLU C 138 -14.59 -10.96 21.53
CA GLU C 138 -13.70 -11.66 22.51
C GLU C 138 -12.39 -12.03 21.79
N VAL C 139 -12.46 -12.43 20.53
CA VAL C 139 -11.28 -12.83 19.72
C VAL C 139 -10.42 -11.60 19.45
N ILE C 140 -11.04 -10.45 19.21
CA ILE C 140 -10.30 -9.19 18.94
C ILE C 140 -9.57 -8.79 20.24
N ALA C 141 -10.27 -8.80 21.39
CA ALA C 141 -9.68 -8.48 22.69
C ALA C 141 -8.47 -9.40 22.95
N ASP C 142 -8.65 -10.71 22.79
CA ASP C 142 -7.56 -11.67 23.07
C ASP C 142 -6.40 -11.40 22.12
N SER C 143 -6.70 -11.08 20.86
CA SER C 143 -5.71 -10.84 19.78
CA SER C 143 -5.66 -10.90 19.83
C SER C 143 -4.78 -9.70 20.19
N VAL C 144 -5.34 -8.58 20.62
CA VAL C 144 -4.51 -7.41 20.98
C VAL C 144 -3.75 -7.72 22.26
N GLU C 145 -4.37 -8.44 23.19
CA GLU C 145 -3.69 -8.79 24.47
C GLU C 145 -2.43 -9.60 24.13
N VAL C 146 -2.60 -10.63 23.31
CA VAL C 146 -1.52 -11.57 22.93
C VAL C 146 -0.34 -10.79 22.33
N VAL C 147 -0.58 -9.89 21.39
CA VAL C 147 0.53 -9.22 20.66
C VAL C 147 1.23 -8.28 21.61
N MET C 148 0.46 -7.50 22.37
CA MET C 148 1.02 -6.48 23.24
C MET C 148 1.88 -7.18 24.31
N GLN C 149 1.40 -8.31 24.86
CA GLN C 149 2.12 -9.00 25.95
C GLN C 149 3.33 -9.74 25.38
N ALA C 150 3.19 -10.36 24.20
CA ALA C 150 4.31 -11.13 23.59
C ALA C 150 5.46 -10.18 23.25
N GLU C 151 5.16 -9.05 22.62
CA GLU C 151 6.18 -8.16 22.01
C GLU C 151 6.71 -7.12 23.02
N ARG C 152 6.11 -7.04 24.21
CA ARG C 152 6.49 -6.12 25.30
C ARG C 152 6.43 -4.69 24.78
N LEU C 153 5.34 -4.36 24.06
CA LEU C 153 5.14 -2.97 23.60
C LEU C 153 4.70 -2.07 24.75
N ASP C 154 5.05 -0.79 24.69
CA ASP C 154 4.87 0.21 25.75
C ASP C 154 3.44 0.77 25.77
N GLY C 155 2.77 0.81 24.63
CA GLY C 155 1.44 1.45 24.54
C GLY C 155 0.86 1.16 23.18
N SER C 156 -0.39 1.50 22.95
CA SER C 156 -1.10 1.10 21.70
C SER C 156 -1.97 2.22 21.18
N VAL C 157 -2.11 2.24 19.88
CA VAL C 157 -3.26 2.93 19.20
C VAL C 157 -4.08 1.85 18.53
N LEU C 158 -5.36 1.80 18.87
CA LEU C 158 -6.32 0.74 18.47
C LEU C 158 -7.33 1.34 17.50
N LEU C 159 -7.48 0.74 16.32
CA LEU C 159 -8.30 1.31 15.21
C LEU C 159 -9.38 0.32 14.87
N ALA C 160 -10.64 0.74 14.88
CA ALA C 160 -11.77 -0.16 14.59
C ALA C 160 -12.88 0.58 13.83
N GLY C 161 -13.66 -0.18 13.11
CA GLY C 161 -14.74 0.35 12.25
C GLY C 161 -16.06 -0.32 12.53
N CYS C 162 -16.16 -1.64 12.34
CA CYS C 162 -17.47 -2.32 12.45
C CYS C 162 -17.83 -2.67 13.90
N ASP C 163 -19.13 -2.62 14.22
CA ASP C 163 -19.82 -2.83 15.51
C ASP C 163 -18.91 -3.48 16.57
N SER C 165 -15.95 -4.64 16.75
CA SER C 165 -14.50 -4.41 16.80
C SER C 165 -14.18 -3.25 17.73
N LEU C 166 -15.07 -2.25 17.87
CA LEU C 166 -14.81 -1.11 18.78
C LEU C 166 -14.80 -1.62 20.21
N PRO C 167 -15.81 -2.35 20.74
CA PRO C 167 -15.69 -2.81 22.13
C PRO C 167 -14.58 -3.86 22.36
N GLY C 168 -14.25 -4.67 21.35
CA GLY C 168 -13.11 -5.59 21.38
C GLY C 168 -11.82 -4.87 21.69
N MET C 169 -11.56 -3.80 20.97
CA MET C 169 -10.39 -2.93 21.15
C MET C 169 -10.43 -2.24 22.53
N LEU C 170 -11.58 -1.72 22.96
CA LEU C 170 -11.69 -1.02 24.27
C LEU C 170 -11.48 -2.01 25.41
N MET C 171 -11.95 -3.23 25.23
CA MET C 171 -11.81 -4.29 26.25
C MET C 171 -10.32 -4.60 26.37
N ALA C 172 -9.62 -4.81 25.25
CA ALA C 172 -8.15 -5.04 25.28
C ALA C 172 -7.43 -3.90 26.02
N ALA C 173 -7.78 -2.65 25.73
CA ALA C 173 -7.15 -1.47 26.35
C ALA C 173 -7.33 -1.52 27.87
N ALA C 174 -8.53 -1.79 28.33
CA ALA C 174 -8.86 -1.90 29.77
C ALA C 174 -8.05 -3.04 30.44
N ARG C 175 -7.98 -4.19 29.76
CA ARG C 175 -7.35 -5.44 30.25
C ARG C 175 -5.85 -5.29 30.41
N LEU C 176 -5.18 -4.60 29.46
CA LEU C 176 -3.73 -4.46 29.43
C LEU C 176 -3.28 -3.41 30.45
N ASP C 177 -4.09 -2.38 30.69
CA ASP C 177 -3.74 -1.23 31.53
C ASP C 177 -2.37 -0.68 31.15
N LEU C 178 -2.14 -0.41 29.87
CA LEU C 178 -1.00 0.33 29.33
C LEU C 178 -1.58 1.61 28.75
N ALA C 179 -0.76 2.59 28.40
CA ALA C 179 -1.21 3.75 27.59
C ALA C 179 -1.89 3.25 26.30
N ALA C 180 -3.07 3.77 25.98
CA ALA C 180 -3.90 3.33 24.83
C ALA C 180 -4.72 4.51 24.34
N VAL C 181 -4.78 4.66 23.01
CA VAL C 181 -5.68 5.62 22.37
C VAL C 181 -6.53 4.84 21.37
N PHE C 182 -7.85 5.09 21.37
CA PHE C 182 -8.79 4.45 20.42
C PHE C 182 -9.13 5.45 19.30
N LEU C 183 -9.12 4.97 18.04
CA LEU C 183 -9.51 5.78 16.86
C LEU C 183 -10.48 4.99 16.01
N TYR C 184 -11.61 5.60 15.70
CA TYR C 184 -12.67 5.03 14.86
C TYR C 184 -12.33 5.19 13.37
N ALA C 185 -12.81 4.27 12.54
CA ALA C 185 -12.73 4.35 11.05
C ALA C 185 -13.45 5.60 10.51
N GLY C 186 -14.55 5.97 11.15
CA GLY C 186 -15.50 6.99 10.65
C GLY C 186 -16.71 6.40 9.96
N SER C 187 -17.76 7.21 9.86
CA SER C 187 -19.05 6.79 9.27
CA SER C 187 -19.06 6.83 9.27
C SER C 187 -19.03 6.89 7.74
N ILE C 188 -19.85 6.06 7.12
CA ILE C 188 -20.13 6.05 5.66
C ILE C 188 -20.96 7.30 5.33
N LEU C 189 -20.94 7.73 4.08
CA LEU C 189 -21.80 8.86 3.67
C LEU C 189 -23.19 8.34 3.32
N PRO C 190 -24.24 9.18 3.44
CA PRO C 190 -25.60 8.73 3.14
C PRO C 190 -25.76 8.56 1.63
N GLY C 191 -26.57 7.59 1.23
CA GLY C 191 -26.84 7.30 -0.19
C GLY C 191 -28.26 7.68 -0.52
N ARG C 192 -28.50 8.09 -1.76
CA ARG C 192 -29.80 8.64 -2.22
C ARG C 192 -30.40 7.71 -3.26
N ALA C 193 -31.54 7.09 -2.97
CA ALA C 193 -32.28 6.20 -3.89
C ALA C 193 -33.32 7.03 -4.63
N LYS C 194 -33.36 6.91 -5.96
CA LYS C 194 -34.48 7.41 -6.79
C LYS C 194 -35.38 6.22 -7.09
N LEU C 195 -36.65 6.28 -6.69
CA LEU C 195 -37.59 5.16 -6.83
C LEU C 195 -38.48 5.35 -8.06
N SER C 196 -39.03 4.26 -8.60
CA SER C 196 -39.98 4.22 -9.75
C SER C 196 -41.06 5.27 -9.52
N ASP C 197 -41.54 5.36 -8.27
CA ASP C 197 -42.47 6.37 -7.69
C ASP C 197 -42.06 7.79 -8.10
N GLY C 198 -40.79 8.04 -8.41
CA GLY C 198 -40.26 9.40 -8.67
C GLY C 198 -39.81 10.07 -7.39
N SER C 199 -40.20 9.53 -6.22
CA SER C 199 -39.69 9.98 -4.90
C SER C 199 -38.18 9.75 -4.80
N GLU C 200 -37.53 10.43 -3.85
CA GLU C 200 -36.10 10.20 -3.54
C GLU C 200 -35.96 10.07 -2.01
N ARG C 201 -35.23 9.06 -1.56
CA ARG C 201 -35.06 8.77 -0.11
C ARG C 201 -33.56 8.64 0.17
N ASP C 202 -33.13 9.06 1.36
CA ASP C 202 -31.80 8.68 1.90
C ASP C 202 -31.97 7.32 2.56
N VAL C 203 -31.15 6.32 2.18
CA VAL C 203 -31.40 4.91 2.62
C VAL C 203 -30.15 4.31 3.27
N THR C 204 -30.36 3.21 4.01
CA THR C 204 -29.29 2.36 4.58
C THR C 204 -29.87 0.97 4.83
N ILE C 205 -29.09 0.10 5.48
CA ILE C 205 -29.35 -1.36 5.57
C ILE C 205 -30.81 -1.60 5.94
N ILE C 206 -31.31 -0.96 7.00
CA ILE C 206 -32.69 -1.24 7.49
C ILE C 206 -33.65 -0.99 6.31
N ASP C 207 -33.40 0.04 5.50
CA ASP C 207 -34.26 0.39 4.32
C ASP C 207 -34.18 -0.75 3.29
N ALA C 208 -32.99 -1.34 3.09
CA ALA C 208 -32.84 -2.55 2.23
C ALA C 208 -33.68 -3.70 2.82
N PHE C 209 -33.57 -4.01 4.12
CA PHE C 209 -34.37 -5.13 4.73
C PHE C 209 -35.87 -4.81 4.68
N GLU C 210 -36.27 -3.56 4.92
CA GLU C 210 -37.71 -3.18 4.88
C GLU C 210 -38.18 -3.18 3.42
N ALA C 211 -37.31 -2.79 2.48
CA ALA C 211 -37.62 -2.88 1.03
C ALA C 211 -38.00 -4.32 0.68
N VAL C 212 -37.21 -5.28 1.15
CA VAL C 212 -37.45 -6.73 0.91
C VAL C 212 -38.83 -7.16 1.46
N GLY C 213 -39.15 -6.75 2.70
CA GLY C 213 -40.46 -7.06 3.33
C GLY C 213 -41.61 -6.47 2.54
N ALA C 214 -41.50 -5.21 2.15
CA ALA C 214 -42.51 -4.47 1.35
C ALA C 214 -42.67 -5.16 -0.01
N CYS C 215 -41.59 -5.64 -0.62
CA CYS C 215 -41.65 -6.30 -1.94
C CYS C 215 -42.44 -7.62 -1.85
N SER C 216 -42.16 -8.48 -0.88
CA SER C 216 -42.81 -9.82 -0.75
C SER C 216 -44.28 -9.64 -0.36
N ARG C 217 -44.69 -8.48 0.16
CA ARG C 217 -46.11 -8.16 0.44
C ARG C 217 -46.74 -7.32 -0.68
N GLY C 218 -46.12 -7.30 -1.87
CA GLY C 218 -46.61 -6.59 -3.08
C GLY C 218 -46.72 -5.08 -2.92
N LEU C 219 -46.04 -4.47 -1.94
CA LEU C 219 -46.08 -3.00 -1.66
C LEU C 219 -44.88 -2.24 -2.24
N MET C 220 -43.90 -2.92 -2.85
CA MET C 220 -42.75 -2.28 -3.53
C MET C 220 -42.29 -3.18 -4.69
N SER C 221 -41.96 -2.60 -5.83
CA SER C 221 -41.44 -3.34 -7.01
C SER C 221 -40.03 -3.88 -6.71
N ARG C 222 -39.63 -4.93 -7.43
CA ARG C 222 -38.25 -5.46 -7.35
C ARG C 222 -37.30 -4.36 -7.82
N ALA C 223 -37.67 -3.56 -8.85
CA ALA C 223 -36.86 -2.46 -9.39
C ALA C 223 -36.46 -1.51 -8.25
N ASP C 224 -37.41 -1.18 -7.36
CA ASP C 224 -37.19 -0.21 -6.27
C ASP C 224 -36.29 -0.82 -5.18
N VAL C 225 -36.40 -2.11 -4.92
CA VAL C 225 -35.49 -2.81 -3.97
C VAL C 225 -34.06 -2.69 -4.53
N ASP C 226 -33.90 -2.94 -5.82
CA ASP C 226 -32.60 -2.86 -6.53
CA ASP C 226 -32.57 -2.87 -6.50
C ASP C 226 -32.05 -1.44 -6.43
N ALA C 227 -32.89 -0.42 -6.69
CA ALA C 227 -32.51 1.01 -6.55
C ALA C 227 -31.98 1.29 -5.14
N ILE C 228 -32.63 0.76 -4.12
CA ILE C 228 -32.21 0.95 -2.69
C ILE C 228 -30.86 0.20 -2.49
N GLU C 229 -30.78 -1.04 -2.95
CA GLU C 229 -29.55 -1.87 -2.81
C GLU C 229 -28.37 -1.06 -3.35
N ARG C 230 -28.52 -0.42 -4.51
CA ARG C 230 -27.43 0.29 -5.21
C ARG C 230 -27.01 1.56 -4.45
N ALA C 231 -27.84 2.12 -3.58
CA ALA C 231 -27.59 3.45 -2.96
C ALA C 231 -27.10 3.34 -1.51
N ILE C 232 -27.41 2.26 -0.79
CA ILE C 232 -27.28 2.24 0.70
C ILE C 232 -25.83 2.46 1.13
N CYS C 233 -24.85 1.91 0.40
CA CYS C 233 -23.42 1.98 0.83
C CYS C 233 -22.51 2.42 -0.30
N PRO C 234 -22.21 3.73 -0.42
CA PRO C 234 -21.42 4.19 -1.56
C PRO C 234 -19.94 3.76 -1.58
N GLY C 235 -19.36 3.49 -0.41
CA GLY C 235 -17.88 3.43 -0.24
C GLY C 235 -17.54 3.25 1.20
N GLU C 236 -16.33 3.64 1.59
CA GLU C 236 -15.76 3.31 2.91
C GLU C 236 -16.58 3.96 4.03
N GLY C 237 -16.61 3.29 5.19
CA GLY C 237 -17.22 3.83 6.40
C GLY C 237 -18.20 2.90 7.04
N ALA C 238 -18.41 3.08 8.34
CA ALA C 238 -19.36 2.35 9.19
C ALA C 238 -20.77 2.92 9.04
N CYS C 239 -21.79 2.14 9.41
CA CYS C 239 -23.21 2.56 9.36
C CYS C 239 -23.37 3.95 9.93
N GLY C 240 -24.07 4.84 9.22
CA GLY C 240 -24.19 6.27 9.55
C GLY C 240 -25.14 6.55 10.71
N GLY C 241 -26.14 5.68 10.94
CA GLY C 241 -27.07 5.84 12.07
C GLY C 241 -26.42 5.58 13.42
N MET C 242 -27.19 5.70 14.51
CA MET C 242 -26.68 5.47 15.88
C MET C 242 -26.82 4.00 16.23
N TYR C 243 -26.20 3.15 15.41
CA TYR C 243 -26.04 1.71 15.72
C TYR C 243 -24.80 1.53 16.58
N THR C 244 -24.33 0.30 16.70
CA THR C 244 -23.33 -0.02 17.73
C THR C 244 -22.06 0.78 17.44
N ALA C 245 -21.61 0.82 16.18
CA ALA C 245 -20.34 1.49 15.83
C ALA C 245 -20.39 2.97 16.23
N ASN C 246 -21.33 3.76 15.68
CA ASN C 246 -21.39 5.21 16.02
C ASN C 246 -21.65 5.39 17.50
N THR C 247 -22.49 4.57 18.10
CA THR C 247 -22.77 4.69 19.55
C THR C 247 -21.46 4.48 20.31
N MET C 248 -20.69 3.44 19.99
CA MET C 248 -19.48 3.10 20.77
C MET C 248 -18.35 4.08 20.43
N ALA C 249 -18.31 4.63 19.20
CA ALA C 249 -17.33 5.66 18.82
C ALA C 249 -17.58 6.92 19.67
N SER C 250 -18.86 7.27 19.87
CA SER C 250 -19.28 8.42 20.71
C SER C 250 -18.96 8.10 22.17
N ALA C 251 -19.25 6.87 22.59
CA ALA C 251 -18.96 6.40 23.95
C ALA C 251 -17.46 6.48 24.21
N ALA C 252 -16.64 6.22 23.21
CA ALA C 252 -15.17 6.23 23.37
C ALA C 252 -14.69 7.66 23.63
N GLU C 253 -15.28 8.66 22.96
CA GLU C 253 -14.94 10.09 23.25
C GLU C 253 -15.38 10.38 24.70
N ALA C 254 -16.51 9.83 25.12
CA ALA C 254 -17.08 10.15 26.44
C ALA C 254 -16.28 9.46 27.53
N LEU C 255 -15.67 8.30 27.23
CA LEU C 255 -14.83 7.55 28.18
C LEU C 255 -13.49 8.27 28.35
N GLY C 256 -13.16 9.22 27.46
CA GLY C 256 -11.83 9.85 27.40
C GLY C 256 -10.76 9.00 26.71
N MET C 257 -11.16 7.98 25.96
CA MET C 257 -10.24 6.99 25.33
C MET C 257 -9.95 7.39 23.87
N SER C 258 -10.78 8.27 23.31
CA SER C 258 -10.55 8.88 21.98
C SER C 258 -10.42 10.38 22.14
N LEU C 259 -9.67 11.01 21.22
CA LEU C 259 -9.47 12.47 21.19
C LEU C 259 -10.84 13.10 21.03
N PRO C 260 -11.12 14.21 21.73
CA PRO C 260 -12.43 14.84 21.58
C PRO C 260 -12.61 15.39 20.16
N GLY C 261 -13.77 15.12 19.57
CA GLY C 261 -14.14 15.55 18.22
C GLY C 261 -13.75 14.50 17.20
N SER C 262 -13.08 13.40 17.61
CA SER C 262 -12.55 12.42 16.63
C SER C 262 -13.63 11.49 16.06
N ALA C 263 -14.76 11.26 16.74
CA ALA C 263 -15.73 10.23 16.29
C ALA C 263 -16.46 10.65 15.02
N ALA C 264 -16.89 11.90 14.92
CA ALA C 264 -17.97 12.29 13.98
C ALA C 264 -17.48 12.47 12.55
N PRO C 265 -16.26 12.93 12.23
CA PRO C 265 -15.91 13.19 10.83
C PRO C 265 -16.04 11.93 9.97
N PRO C 266 -16.71 11.99 8.81
CA PRO C 266 -16.89 10.79 7.98
C PRO C 266 -15.56 10.09 7.63
N ALA C 267 -15.60 8.78 7.40
CA ALA C 267 -14.44 7.97 6.96
C ALA C 267 -13.71 8.63 5.78
N THR C 268 -14.44 9.17 4.80
CA THR C 268 -13.90 9.76 3.57
C THR C 268 -13.28 11.15 3.81
N ASP C 269 -13.44 11.71 5.01
CA ASP C 269 -13.01 13.10 5.31
C ASP C 269 -11.58 13.04 5.84
N ARG C 270 -10.67 13.76 5.21
CA ARG C 270 -9.24 13.76 5.57
C ARG C 270 -8.95 14.39 6.93
N ARG C 271 -9.92 15.03 7.58
CA ARG C 271 -9.76 15.41 9.01
C ARG C 271 -9.48 14.17 9.88
N ARG C 272 -9.98 13.00 9.50
CA ARG C 272 -9.70 11.74 10.26
C ARG C 272 -8.19 11.50 10.30
N ASP C 273 -7.49 11.79 9.20
CA ASP C 273 -6.01 11.68 9.12
C ASP C 273 -5.32 12.53 10.18
N GLY C 274 -5.78 13.77 10.38
CA GLY C 274 -5.23 14.64 11.42
C GLY C 274 -5.47 14.05 12.82
N PHE C 275 -6.69 13.57 13.10
CA PHE C 275 -7.02 12.87 14.36
C PHE C 275 -6.13 11.63 14.54
N ALA C 276 -5.82 10.90 13.46
CA ALA C 276 -4.91 9.74 13.51
C ALA C 276 -3.51 10.18 13.92
N ARG C 277 -2.95 11.20 13.26
CA ARG C 277 -1.58 11.64 13.60
C ARG C 277 -1.60 12.12 15.05
N ARG C 278 -2.63 12.85 15.48
CA ARG C 278 -2.68 13.37 16.89
C ARG C 278 -2.89 12.21 17.88
N SER C 279 -3.52 11.11 17.47
CA SER C 279 -3.69 9.92 18.34
C SER C 279 -2.32 9.27 18.58
N GLY C 280 -1.51 9.12 17.54
CA GLY C 280 -0.11 8.66 17.65
C GLY C 280 0.71 9.58 18.52
N GLN C 281 0.53 10.89 18.40
CA GLN C 281 1.26 11.86 19.27
C GLN C 281 0.79 11.69 20.73
N ALA C 282 -0.51 11.54 20.95
CA ALA C 282 -1.14 11.44 22.28
C ALA C 282 -0.62 10.25 23.07
N VAL C 283 -0.51 9.08 22.43
CA VAL C 283 -0.12 7.83 23.17
C VAL C 283 1.32 8.02 23.65
N VAL C 284 2.18 8.63 22.87
CA VAL C 284 3.58 8.83 23.31
C VAL C 284 3.57 9.78 24.53
N GLU C 285 2.75 10.81 24.52
CA GLU C 285 2.73 11.80 25.64
C GLU C 285 2.13 11.13 26.88
N LEU C 286 1.19 10.20 26.71
CA LEU C 286 0.70 9.40 27.88
C LEU C 286 1.86 8.60 28.51
N LEU C 287 2.72 8.02 27.69
CA LEU C 287 3.90 7.29 28.20
C LEU C 287 4.85 8.26 28.94
N ARG C 288 5.06 9.46 28.41
CA ARG C 288 5.95 10.43 29.10
C ARG C 288 5.41 10.77 30.49
N ARG C 289 4.08 10.87 30.62
CA ARG C 289 3.35 11.24 31.86
C ARG C 289 3.10 10.01 32.74
N GLY C 290 3.38 8.80 32.26
CA GLY C 290 3.09 7.55 33.01
C GLY C 290 1.60 7.28 33.20
N ILE C 291 0.78 7.68 32.23
CA ILE C 291 -0.68 7.49 32.25
C ILE C 291 -1.00 6.16 31.58
N THR C 292 -1.89 5.36 32.17
CA THR C 292 -2.36 4.10 31.54
C THR C 292 -3.88 4.09 31.43
N ALA C 293 -4.41 3.08 30.75
CA ALA C 293 -5.83 3.10 30.39
C ALA C 293 -6.72 3.16 31.64
N ARG C 294 -6.33 2.53 32.74
CA ARG C 294 -7.20 2.45 33.95
C ARG C 294 -7.11 3.75 34.76
N ASP C 295 -6.18 4.64 34.44
CA ASP C 295 -6.20 6.03 34.96
C ASP C 295 -7.36 6.79 34.31
N ILE C 296 -7.74 6.38 33.10
CA ILE C 296 -8.81 7.08 32.32
C ILE C 296 -10.15 6.37 32.53
N LEU C 297 -10.16 5.05 32.50
CA LEU C 297 -11.41 4.27 32.63
C LEU C 297 -11.79 4.15 34.11
N THR C 298 -12.18 5.26 34.72
CA THR C 298 -12.76 5.30 36.08
C THR C 298 -14.28 5.09 36.00
N LYS C 299 -14.88 4.84 37.14
CA LYS C 299 -16.36 4.79 37.31
C LYS C 299 -16.95 6.06 36.69
N GLU C 300 -16.35 7.21 36.95
CA GLU C 300 -16.89 8.52 36.51
C GLU C 300 -16.89 8.56 34.98
N ALA C 301 -15.88 7.96 34.35
CA ALA C 301 -15.74 7.97 32.88
C ALA C 301 -16.80 7.06 32.28
N PHE C 302 -17.11 5.95 32.91
CA PHE C 302 -18.20 5.06 32.43
C PHE C 302 -19.53 5.78 32.61
N GLU C 303 -19.70 6.54 33.69
CA GLU C 303 -20.96 7.32 33.88
C GLU C 303 -21.07 8.38 32.78
N ASN C 304 -19.96 9.03 32.41
CA ASN C 304 -19.89 9.96 31.26
C ASN C 304 -20.37 9.23 30.01
N ALA C 305 -19.86 8.01 29.78
CA ALA C 305 -20.15 7.24 28.55
C ALA C 305 -21.66 6.90 28.54
N ILE C 306 -22.19 6.52 29.68
CA ILE C 306 -23.63 6.18 29.78
C ILE C 306 -24.45 7.43 29.44
N ALA C 307 -24.12 8.58 30.03
CA ALA C 307 -24.86 9.84 29.82
C ALA C 307 -24.86 10.20 28.32
N VAL C 308 -23.71 10.09 27.66
CA VAL C 308 -23.57 10.44 26.21
C VAL C 308 -24.38 9.45 25.38
N VAL C 309 -24.34 8.16 25.69
CA VAL C 309 -25.11 7.14 24.94
C VAL C 309 -26.61 7.46 25.06
N MET C 310 -27.06 7.83 26.25
CA MET C 310 -28.49 8.17 26.49
C MET C 310 -28.87 9.42 25.68
N ALA C 311 -28.02 10.45 25.68
CA ALA C 311 -28.27 11.74 25.01
C ALA C 311 -28.35 11.52 23.49
N PHE C 312 -27.64 10.51 22.97
CA PHE C 312 -27.64 10.17 21.54
C PHE C 312 -28.77 9.21 21.19
N GLY C 313 -29.55 8.72 22.14
CA GLY C 313 -30.56 7.68 21.80
C GLY C 313 -29.84 6.47 21.23
N GLY C 314 -28.70 6.14 21.84
CA GLY C 314 -27.75 5.17 21.28
C GLY C 314 -28.28 3.77 21.37
N SER C 315 -27.59 2.83 20.72
CA SER C 315 -27.90 1.38 20.64
C SER C 315 -27.93 0.75 22.05
N THR C 316 -28.95 -0.08 22.33
CA THR C 316 -29.06 -0.91 23.55
C THR C 316 -27.83 -1.84 23.66
N ASN C 317 -27.12 -2.10 22.55
CA ASN C 317 -25.91 -2.96 22.58
C ASN C 317 -24.82 -2.28 23.41
N ALA C 318 -24.91 -0.98 23.58
CA ALA C 318 -23.94 -0.17 24.35
C ALA C 318 -24.01 -0.60 25.80
N VAL C 319 -25.16 -1.12 26.23
CA VAL C 319 -25.28 -1.62 27.64
C VAL C 319 -24.35 -2.82 27.82
N LEU C 320 -24.46 -3.79 26.91
CA LEU C 320 -23.65 -5.02 26.94
C LEU C 320 -22.18 -4.65 26.90
N HIS C 321 -21.79 -3.81 25.94
CA HIS C 321 -20.35 -3.53 25.71
C HIS C 321 -19.75 -2.67 26.83
N LEU C 322 -20.45 -1.64 27.33
CA LEU C 322 -19.92 -0.84 28.45
C LEU C 322 -19.84 -1.69 29.73
N LEU C 323 -20.78 -2.60 29.98
CA LEU C 323 -20.64 -3.55 31.12
C LEU C 323 -19.33 -4.34 30.96
N ALA C 324 -19.03 -4.82 29.75
CA ALA C 324 -17.86 -5.70 29.50
C ALA C 324 -16.59 -4.87 29.65
N ILE C 325 -16.56 -3.63 29.14
CA ILE C 325 -15.34 -2.80 29.17
C ILE C 325 -15.05 -2.52 30.65
N ALA C 326 -16.09 -2.20 31.45
CA ALA C 326 -15.94 -1.89 32.89
C ALA C 326 -15.40 -3.13 33.62
N HIS C 327 -15.92 -4.31 33.30
CA HIS C 327 -15.44 -5.58 33.90
C HIS C 327 -13.95 -5.72 33.59
N GLU C 328 -13.56 -5.56 32.34
CA GLU C 328 -12.16 -5.66 31.90
C GLU C 328 -11.31 -4.59 32.59
N ALA C 329 -11.88 -3.44 32.91
CA ALA C 329 -11.15 -2.33 33.55
C ALA C 329 -11.15 -2.48 35.08
N ASN C 330 -11.79 -3.52 35.63
CA ASN C 330 -11.84 -3.72 37.12
C ASN C 330 -12.59 -2.53 37.76
N VAL C 331 -13.67 -2.10 37.13
CA VAL C 331 -14.53 -1.00 37.63
C VAL C 331 -15.95 -1.55 37.85
N ALA C 332 -16.53 -1.28 39.01
CA ALA C 332 -17.90 -1.74 39.32
C ALA C 332 -18.89 -0.97 38.45
N LEU C 333 -19.61 -1.67 37.59
CA LEU C 333 -20.70 -1.12 36.75
C LEU C 333 -21.77 -2.18 36.59
N SER C 334 -23.02 -1.81 36.85
CA SER C 334 -24.18 -2.75 36.81
C SER C 334 -25.29 -2.17 35.95
N LEU C 335 -26.30 -2.98 35.62
CA LEU C 335 -27.50 -2.49 34.91
C LEU C 335 -28.14 -1.36 35.72
N GLN C 336 -28.07 -1.41 37.06
CA GLN C 336 -28.67 -0.36 37.92
C GLN C 336 -28.04 1.01 37.57
N ASP C 337 -26.73 1.06 37.29
CA ASP C 337 -26.05 2.32 36.91
C ASP C 337 -26.68 2.91 35.63
N PHE C 338 -27.09 2.07 34.67
CA PHE C 338 -27.71 2.53 33.40
C PHE C 338 -29.07 3.17 33.71
N SER C 339 -29.83 2.53 34.59
CA SER C 339 -31.14 3.05 35.06
C SER C 339 -30.93 4.40 35.73
N ARG C 340 -30.01 4.48 36.70
CA ARG C 340 -29.80 5.71 37.51
C ARG C 340 -29.42 6.85 36.57
N ILE C 341 -28.37 6.68 35.77
CA ILE C 341 -27.87 7.73 34.86
C ILE C 341 -28.92 8.01 33.78
N GLY C 342 -29.53 6.96 33.20
CA GLY C 342 -30.54 7.08 32.14
C GLY C 342 -31.75 7.89 32.56
N SER C 343 -32.12 7.80 33.84
CA SER C 343 -33.26 8.52 34.44
C SER C 343 -33.07 10.03 34.29
N GLY C 344 -31.82 10.50 34.39
CA GLY C 344 -31.52 11.92 34.54
C GLY C 344 -31.06 12.56 33.25
N VAL C 345 -30.95 11.79 32.17
CA VAL C 345 -30.39 12.30 30.89
C VAL C 345 -31.46 12.24 29.82
N PRO C 346 -31.78 13.39 29.19
CA PRO C 346 -32.76 13.39 28.09
C PRO C 346 -32.17 12.93 26.76
N HIS C 347 -33.03 12.51 25.83
CA HIS C 347 -32.68 12.18 24.43
C HIS C 347 -32.54 13.50 23.67
N LEU C 348 -31.32 13.86 23.24
CA LEU C 348 -31.02 15.13 22.55
C LEU C 348 -30.87 14.92 21.04
N ALA C 349 -30.30 13.81 20.57
CA ALA C 349 -29.87 13.67 19.15
C ALA C 349 -31.06 13.18 18.31
N ASP C 350 -31.43 13.96 17.30
CA ASP C 350 -32.50 13.58 16.33
C ASP C 350 -31.83 12.78 15.21
N VAL C 351 -31.44 11.54 15.51
CA VAL C 351 -30.55 10.77 14.59
C VAL C 351 -31.12 9.38 14.45
N LYS C 352 -31.01 8.83 13.24
CA LYS C 352 -31.38 7.44 12.88
C LYS C 352 -30.77 6.49 13.91
N PRO C 353 -31.37 5.31 14.15
CA PRO C 353 -32.64 4.91 13.53
C PRO C 353 -33.90 5.59 14.07
N PHE C 354 -33.90 6.04 15.33
CA PHE C 354 -35.07 6.71 15.94
C PHE C 354 -35.41 7.98 15.15
N GLY C 355 -34.46 8.92 15.10
CA GLY C 355 -34.60 10.25 14.46
C GLY C 355 -34.33 10.24 12.96
N ARG C 356 -34.01 11.42 12.44
CA ARG C 356 -33.97 11.70 10.98
C ARG C 356 -32.51 11.74 10.49
N HIS C 357 -31.56 12.15 11.32
CA HIS C 357 -30.20 12.49 10.85
C HIS C 357 -29.20 11.34 11.05
N VAL C 358 -28.03 11.49 10.45
CA VAL C 358 -26.94 10.48 10.56
C VAL C 358 -25.70 11.17 11.12
N MET C 359 -24.64 10.41 11.33
CA MET C 359 -23.45 10.96 12.01
C MET C 359 -22.84 12.10 11.20
N SER C 360 -22.92 12.12 9.86
CA SER C 360 -22.29 13.24 9.08
C SER C 360 -23.00 14.56 9.45
N ASP C 361 -24.28 14.50 9.76
CA ASP C 361 -25.10 15.66 10.20
C ASP C 361 -24.59 16.10 11.59
N VAL C 362 -24.26 15.15 12.47
CA VAL C 362 -23.74 15.49 13.83
C VAL C 362 -22.38 16.17 13.64
N ASP C 363 -21.54 15.63 12.75
CA ASP C 363 -20.22 16.24 12.45
C ASP C 363 -20.39 17.70 11.97
N HIS C 364 -21.36 17.94 11.09
CA HIS C 364 -21.62 19.29 10.50
C HIS C 364 -21.82 20.32 11.62
N ILE C 365 -22.46 19.95 12.72
CA ILE C 365 -22.90 20.93 13.76
C ILE C 365 -21.90 20.95 14.92
N GLY C 366 -20.79 20.19 14.82
CA GLY C 366 -19.61 20.28 15.71
C GLY C 366 -19.26 18.99 16.47
N GLY C 367 -19.99 17.91 16.19
CA GLY C 367 -19.65 16.54 16.59
C GLY C 367 -19.96 16.30 18.06
N VAL C 368 -19.44 15.22 18.59
CA VAL C 368 -19.81 14.68 19.92
C VAL C 368 -19.47 15.72 20.98
N PRO C 369 -18.39 16.51 20.88
CA PRO C 369 -18.14 17.56 21.87
C PRO C 369 -19.30 18.53 22.15
N VAL C 370 -20.21 18.74 21.20
CA VAL C 370 -21.41 19.61 21.40
C VAL C 370 -22.30 18.96 22.46
N VAL C 371 -22.52 17.65 22.35
CA VAL C 371 -23.31 16.89 23.36
C VAL C 371 -22.57 16.90 24.71
N MET C 372 -21.25 16.70 24.72
CA MET C 372 -20.52 16.57 26.01
C MET C 372 -20.50 17.93 26.73
N LYS C 373 -20.35 19.05 26.02
CA LYS C 373 -20.35 20.38 26.67
C LYS C 373 -21.75 20.68 27.19
N ALA C 374 -22.79 20.36 26.44
CA ALA C 374 -24.19 20.54 26.87
C ALA C 374 -24.43 19.79 28.17
N LEU C 375 -23.94 18.56 28.26
CA LEU C 375 -24.13 17.71 29.45
C LEU C 375 -23.29 18.29 30.60
N LEU C 376 -22.07 18.76 30.31
CA LEU C 376 -21.18 19.28 31.39
C LEU C 376 -21.84 20.51 32.03
N ASP C 377 -22.34 21.41 31.19
CA ASP C 377 -22.93 22.70 31.66
C ASP C 377 -24.18 22.44 32.50
N ALA C 378 -24.92 21.35 32.24
CA ALA C 378 -26.15 20.98 32.95
C ALA C 378 -25.87 20.11 34.19
N GLY C 379 -24.60 19.85 34.49
CA GLY C 379 -24.15 18.99 35.61
C GLY C 379 -24.41 17.52 35.37
N LEU C 380 -24.42 17.08 34.10
CA LEU C 380 -24.76 15.66 33.76
C LEU C 380 -23.51 14.94 33.20
N LEU C 381 -22.34 15.52 33.43
CA LEU C 381 -21.04 14.97 33.00
C LEU C 381 -19.99 15.31 34.07
N HIS C 382 -19.08 14.40 34.34
CA HIS C 382 -17.96 14.58 35.29
C HIS C 382 -16.82 15.22 34.54
N GLY C 383 -16.56 16.50 34.81
CA GLY C 383 -15.55 17.31 34.10
C GLY C 383 -14.13 16.95 34.48
N ASP C 384 -13.88 16.32 35.63
CA ASP C 384 -12.51 16.14 36.14
C ASP C 384 -11.91 14.81 35.67
N CYS C 385 -12.59 14.07 34.81
CA CYS C 385 -12.06 12.79 34.26
C CYS C 385 -10.83 13.04 33.38
N LEU C 386 -9.70 12.46 33.75
CA LEU C 386 -8.49 12.39 32.88
C LEU C 386 -8.82 11.70 31.56
N THR C 387 -8.24 12.21 30.49
CA THR C 387 -8.44 11.71 29.11
C THR C 387 -7.09 11.41 28.46
N VAL C 388 -7.15 10.81 27.27
CA VAL C 388 -5.96 10.49 26.43
C VAL C 388 -5.23 11.76 25.96
N THR C 389 -5.77 12.99 26.16
CA THR C 389 -5.02 14.25 25.85
C THR C 389 -4.03 14.53 26.98
N GLY C 390 -4.12 13.79 28.09
CA GLY C 390 -3.39 14.12 29.32
C GLY C 390 -4.06 15.22 30.09
N HIS C 391 -5.20 15.74 29.62
CA HIS C 391 -5.98 16.77 30.35
C HIS C 391 -7.35 16.22 30.69
N THR C 392 -8.11 16.93 31.52
CA THR C 392 -9.46 16.52 31.95
C THR C 392 -10.46 16.76 30.83
N MET C 393 -11.61 16.09 30.94
CA MET C 393 -12.76 16.29 30.03
C MET C 393 -13.10 17.80 29.98
N ALA C 394 -13.19 18.44 31.15
CA ALA C 394 -13.52 19.88 31.25
C ALA C 394 -12.46 20.70 30.52
N GLU C 395 -11.19 20.45 30.79
CA GLU C 395 -10.04 21.15 30.14
C GLU C 395 -10.11 21.02 28.62
N ASN C 396 -10.45 19.83 28.11
CA ASN C 396 -10.52 19.58 26.65
C ASN C 396 -11.64 20.44 26.03
N LEU C 397 -12.83 20.39 26.62
CA LEU C 397 -13.99 21.11 26.07
C LEU C 397 -13.72 22.62 26.16
N ALA C 398 -13.06 23.12 27.23
CA ALA C 398 -12.71 24.56 27.32
C ALA C 398 -11.77 24.92 26.17
N ALA C 399 -10.84 24.03 25.82
CA ALA C 399 -9.78 24.27 24.81
C ALA C 399 -10.38 24.30 23.40
N ILE C 400 -11.39 23.48 23.08
CA ILE C 400 -11.91 23.37 21.68
C ILE C 400 -13.24 24.14 21.54
N THR C 401 -13.81 24.66 22.62
CA THR C 401 -15.00 25.57 22.64
C THR C 401 -16.07 25.11 21.65
N PRO C 402 -16.74 23.97 21.87
CA PRO C 402 -17.78 23.51 20.96
C PRO C 402 -18.95 24.50 20.97
N PRO C 403 -19.66 24.71 19.86
CA PRO C 403 -20.88 25.52 19.90
C PRO C 403 -21.98 24.82 20.69
N ASP C 404 -23.09 25.53 20.90
CA ASP C 404 -24.27 25.00 21.60
C ASP C 404 -24.96 24.06 20.64
N PRO C 405 -25.84 23.15 21.14
CA PRO C 405 -26.70 22.35 20.27
C PRO C 405 -27.32 23.26 19.20
N ASP C 406 -27.30 22.82 17.94
CA ASP C 406 -27.86 23.59 16.80
C ASP C 406 -29.39 23.68 16.91
N GLY C 407 -30.07 22.69 17.48
CA GLY C 407 -31.53 22.70 17.71
C GLY C 407 -32.31 21.75 16.80
N LYS C 408 -31.75 21.39 15.64
CA LYS C 408 -32.37 20.41 14.71
C LYS C 408 -31.72 19.03 14.84
N VAL C 409 -30.42 18.94 14.57
CA VAL C 409 -29.67 17.66 14.69
C VAL C 409 -29.52 17.29 16.17
N LEU C 410 -28.98 18.22 16.97
CA LEU C 410 -28.90 18.09 18.44
C LEU C 410 -29.82 19.14 19.08
N ARG C 411 -30.80 18.67 19.86
CA ARG C 411 -31.71 19.52 20.66
C ARG C 411 -30.94 20.09 21.85
N ALA C 412 -31.24 21.33 22.23
CA ALA C 412 -30.83 21.87 23.56
C ALA C 412 -31.59 21.08 24.60
N LEU C 413 -31.06 21.01 25.82
CA LEU C 413 -31.67 20.25 26.94
C LEU C 413 -33.07 20.80 27.22
N ALA C 414 -33.29 22.10 27.07
CA ALA C 414 -34.60 22.77 27.21
C ALA C 414 -35.69 22.09 26.36
N ASN C 415 -35.37 21.57 25.16
CA ASN C 415 -36.39 21.02 24.23
C ASN C 415 -35.96 19.64 23.74
N PRO C 416 -35.86 18.63 24.64
CA PRO C 416 -35.36 17.31 24.24
C PRO C 416 -36.42 16.59 23.43
N ILE C 417 -36.03 15.48 22.82
CA ILE C 417 -36.94 14.58 22.07
C ILE C 417 -37.72 13.76 23.09
N HIS C 418 -37.05 13.21 24.08
CA HIS C 418 -37.67 12.46 25.20
C HIS C 418 -37.03 12.99 26.49
N PRO C 419 -37.82 13.15 27.58
CA PRO C 419 -37.31 13.68 28.86
C PRO C 419 -36.21 12.83 29.51
N SER C 420 -36.21 11.53 29.25
CA SER C 420 -35.24 10.56 29.83
CA SER C 420 -35.26 10.54 29.82
C SER C 420 -34.58 9.81 28.67
N GLY C 421 -33.58 8.96 28.99
CA GLY C 421 -32.81 8.18 28.01
C GLY C 421 -33.72 7.31 27.16
N GLY C 422 -33.33 7.02 25.91
CA GLY C 422 -34.07 6.14 24.99
C GLY C 422 -34.19 4.71 25.54
N ILE C 423 -33.29 4.32 26.44
CA ILE C 423 -33.10 2.92 26.91
C ILE C 423 -33.70 2.76 28.31
N THR C 424 -34.40 1.65 28.57
CA THR C 424 -34.98 1.32 29.89
C THR C 424 -34.46 -0.04 30.38
N ILE C 425 -34.03 -0.07 31.63
CA ILE C 425 -33.51 -1.30 32.30
C ILE C 425 -34.67 -1.86 33.10
N LEU C 426 -34.93 -3.16 33.00
CA LEU C 426 -36.03 -3.85 33.71
C LEU C 426 -35.47 -4.97 34.58
N HIS C 427 -36.21 -5.34 35.62
CA HIS C 427 -36.01 -6.55 36.45
C HIS C 427 -37.39 -7.19 36.69
N GLY C 428 -37.43 -8.34 37.37
CA GLY C 428 -38.69 -8.95 37.83
C GLY C 428 -38.61 -10.45 37.87
N SER C 429 -39.72 -11.13 38.12
CA SER C 429 -39.76 -12.61 38.25
C SER C 429 -39.36 -13.25 36.91
N LEU C 430 -39.49 -12.53 35.79
CA LEU C 430 -39.09 -13.11 34.48
C LEU C 430 -37.59 -12.85 34.21
N ALA C 431 -37.05 -11.73 34.71
CA ALA C 431 -35.64 -11.31 34.53
C ALA C 431 -35.01 -10.86 35.86
N PRO C 432 -34.68 -11.79 36.76
CA PRO C 432 -34.10 -11.40 38.04
C PRO C 432 -32.73 -10.69 37.89
N GLU C 433 -31.92 -11.09 36.90
CA GLU C 433 -30.60 -10.44 36.62
C GLU C 433 -30.74 -9.37 35.53
N GLY C 434 -31.96 -8.97 35.18
CA GLY C 434 -32.22 -7.75 34.40
C GLY C 434 -32.54 -8.03 32.94
N ALA C 435 -32.99 -6.99 32.26
CA ALA C 435 -33.38 -6.97 30.83
C ALA C 435 -33.35 -5.53 30.34
N VAL C 436 -33.35 -5.36 29.02
CA VAL C 436 -33.12 -4.05 28.36
C VAL C 436 -34.16 -3.88 27.26
N VAL C 437 -34.79 -2.70 27.21
CA VAL C 437 -35.82 -2.41 26.17
C VAL C 437 -35.74 -0.93 25.75
N LYS C 438 -35.77 -0.68 24.45
CA LYS C 438 -35.78 0.69 23.87
C LYS C 438 -37.22 1.21 23.95
N THR C 439 -37.44 2.38 24.59
CA THR C 439 -38.79 2.84 25.04
C THR C 439 -39.12 4.25 24.52
N ALA C 440 -40.42 4.60 24.59
CA ALA C 440 -41.09 5.76 23.97
C ALA C 440 -42.60 5.49 23.91
N ASP C 445 -47.95 1.64 27.23
CA ASP C 445 -46.94 1.78 28.31
C ASP C 445 -46.94 0.54 29.21
N VAL C 446 -48.10 -0.01 29.57
CA VAL C 446 -48.20 -1.27 30.37
C VAL C 446 -48.86 -2.36 29.53
N PHE C 447 -48.16 -3.48 29.34
CA PHE C 447 -48.63 -4.65 28.54
C PHE C 447 -48.75 -5.84 29.45
N GLU C 448 -49.83 -6.61 29.28
CA GLU C 448 -50.05 -7.91 29.94
C GLU C 448 -50.52 -8.86 28.85
N GLY C 449 -49.96 -10.07 28.79
CA GLY C 449 -50.31 -11.01 27.72
C GLY C 449 -50.03 -12.43 28.10
N THR C 450 -50.56 -13.35 27.28
N THR C 450 -50.56 -13.36 27.28
CA THR C 450 -50.36 -14.82 27.38
CA THR C 450 -50.36 -14.82 27.41
C THR C 450 -49.08 -15.21 26.63
C THR C 450 -49.10 -15.22 26.63
N ALA C 451 -48.25 -16.02 27.27
CA ALA C 451 -46.94 -16.44 26.72
C ALA C 451 -47.14 -17.43 25.59
N ARG C 452 -46.48 -17.18 24.48
CA ARG C 452 -46.29 -18.17 23.40
CA ARG C 452 -46.29 -18.20 23.41
C ARG C 452 -44.78 -18.40 23.30
N VAL C 453 -44.30 -19.62 23.53
CA VAL C 453 -42.86 -19.84 23.85
C VAL C 453 -42.18 -20.64 22.74
N PHE C 454 -41.04 -20.15 22.27
CA PHE C 454 -40.31 -20.77 21.15
C PHE C 454 -38.85 -20.97 21.53
N ASP C 455 -38.31 -22.12 21.18
CA ASP C 455 -36.88 -22.45 21.40
C ASP C 455 -36.21 -22.08 20.09
N GLY C 456 -35.71 -20.85 20.01
CA GLY C 456 -35.03 -20.39 18.79
C GLY C 456 -35.95 -19.57 17.92
N GLU C 457 -35.37 -18.60 17.22
CA GLU C 457 -36.11 -17.65 16.38
C GLU C 457 -36.89 -18.40 15.29
N ARG C 458 -36.32 -19.43 14.70
CA ARG C 458 -36.95 -20.13 13.53
C ARG C 458 -38.33 -20.66 13.95
N ALA C 459 -38.46 -21.28 15.11
CA ALA C 459 -39.76 -21.80 15.59
C ALA C 459 -40.78 -20.64 15.70
N ALA C 460 -40.34 -19.44 16.09
CA ALA C 460 -41.21 -18.26 16.27
C ALA C 460 -41.68 -17.80 14.88
N LEU C 461 -40.76 -17.70 13.92
CA LEU C 461 -41.08 -17.27 12.53
C LEU C 461 -42.09 -18.25 11.91
N ASP C 462 -41.91 -19.54 12.17
CA ASP C 462 -42.82 -20.61 11.66
C ASP C 462 -44.24 -20.39 12.21
N ALA C 463 -44.35 -20.12 13.52
CA ALA C 463 -45.64 -19.89 14.21
C ALA C 463 -46.29 -18.60 13.67
N LEU C 464 -45.49 -17.57 13.34
CA LEU C 464 -46.08 -16.34 12.75
C LEU C 464 -46.69 -16.69 11.39
N GLU C 465 -45.96 -17.37 10.50
CA GLU C 465 -46.50 -17.82 9.19
C GLU C 465 -47.70 -18.75 9.39
N ASP C 466 -47.67 -19.62 10.40
CA ASP C 466 -48.80 -20.53 10.68
C ASP C 466 -50.06 -19.74 11.11
N GLY C 467 -49.91 -18.49 11.54
CA GLY C 467 -51.01 -17.69 12.14
C GLY C 467 -51.27 -18.10 13.58
N THR C 468 -50.34 -18.80 14.20
CA THR C 468 -50.41 -19.20 15.63
C THR C 468 -50.04 -18.03 16.54
N ILE C 469 -49.22 -17.09 16.09
CA ILE C 469 -48.88 -15.89 16.89
C ILE C 469 -49.93 -14.85 16.51
N THR C 470 -50.62 -14.27 17.49
CA THR C 470 -51.80 -13.38 17.24
C THR C 470 -51.76 -12.24 18.23
N VAL C 471 -52.63 -11.24 17.98
CA VAL C 471 -52.81 -10.05 18.86
C VAL C 471 -52.91 -10.52 20.30
N GLY C 472 -52.19 -9.83 21.19
CA GLY C 472 -52.20 -10.06 22.65
C GLY C 472 -51.11 -11.02 23.12
N ASP C 473 -50.45 -11.75 22.22
CA ASP C 473 -49.40 -12.74 22.60
C ASP C 473 -48.18 -12.04 23.20
N ALA C 474 -47.62 -12.61 24.26
CA ALA C 474 -46.26 -12.32 24.75
C ALA C 474 -45.37 -13.39 24.15
N VAL C 475 -44.69 -13.07 23.06
CA VAL C 475 -43.94 -14.05 22.25
C VAL C 475 -42.55 -14.16 22.85
N VAL C 476 -42.19 -15.37 23.28
CA VAL C 476 -40.93 -15.61 24.05
C VAL C 476 -40.00 -16.40 23.14
N ILE C 477 -38.87 -15.83 22.78
CA ILE C 477 -37.85 -16.58 21.98
C ILE C 477 -36.65 -16.82 22.89
N ARG C 478 -36.54 -18.05 23.38
CA ARG C 478 -35.53 -18.42 24.40
C ARG C 478 -34.49 -19.32 23.74
N TYR C 479 -33.41 -19.65 24.43
CA TYR C 479 -32.24 -20.37 23.85
C TYR C 479 -31.61 -19.53 22.74
N GLU C 480 -31.59 -18.20 22.92
CA GLU C 480 -30.86 -17.25 22.02
C GLU C 480 -29.85 -16.42 22.82
N GLY C 481 -29.56 -16.80 24.06
CA GLY C 481 -28.58 -16.11 24.90
C GLY C 481 -27.13 -16.35 24.46
N PRO C 482 -26.17 -15.81 25.21
CA PRO C 482 -24.74 -16.05 24.95
C PRO C 482 -24.43 -17.53 24.75
N LYS C 483 -24.89 -18.37 25.68
N LYS C 483 -24.88 -18.37 25.68
CA LYS C 483 -24.69 -19.83 25.65
CA LYS C 483 -24.69 -19.84 25.60
C LYS C 483 -25.72 -20.49 24.72
C LYS C 483 -25.72 -20.46 24.65
N GLY C 484 -26.99 -20.07 24.75
CA GLY C 484 -28.09 -20.81 24.10
C GLY C 484 -28.08 -20.78 22.58
N GLY C 485 -27.74 -19.62 22.02
CA GLY C 485 -27.81 -19.30 20.58
C GLY C 485 -26.98 -20.28 19.75
N PRO C 486 -25.64 -20.40 19.98
CA PRO C 486 -24.88 -19.50 20.85
C PRO C 486 -24.62 -18.13 20.24
N GLY C 487 -24.10 -17.18 21.02
CA GLY C 487 -23.59 -15.88 20.49
C GLY C 487 -24.54 -14.74 20.66
N MET C 488 -25.65 -14.94 21.37
CA MET C 488 -26.60 -13.84 21.69
C MET C 488 -26.89 -13.03 20.41
N ARG C 489 -27.39 -13.70 19.37
CA ARG C 489 -27.73 -13.06 18.07
C ARG C 489 -28.63 -11.84 18.26
N GLU C 490 -28.43 -10.79 17.45
CA GLU C 490 -29.36 -9.64 17.34
C GLU C 490 -30.39 -9.99 16.27
N MET C 491 -31.49 -10.58 16.68
CA MET C 491 -32.53 -11.12 15.75
C MET C 491 -33.25 -9.95 15.06
N LEU C 492 -33.29 -9.96 13.73
CA LEU C 492 -34.00 -8.94 12.92
C LEU C 492 -35.15 -9.62 12.16
N ALA C 493 -35.14 -10.93 11.96
CA ALA C 493 -36.15 -11.61 11.13
C ALA C 493 -37.51 -11.56 11.84
N ILE C 494 -37.58 -11.84 13.15
CA ILE C 494 -38.88 -11.86 13.87
C ILE C 494 -39.40 -10.43 14.05
N THR C 495 -38.55 -9.48 14.36
CA THR C 495 -38.99 -8.07 14.52
C THR C 495 -39.52 -7.55 13.18
N GLY C 496 -38.80 -7.80 12.08
CA GLY C 496 -39.28 -7.42 10.74
C GLY C 496 -40.60 -8.09 10.39
N ALA C 497 -40.72 -9.40 10.60
CA ALA C 497 -41.93 -10.18 10.21
C ALA C 497 -43.14 -9.72 11.03
N ILE C 498 -42.96 -9.50 12.34
CA ILE C 498 -44.03 -9.03 13.27
C ILE C 498 -44.46 -7.64 12.78
N LYS C 499 -43.49 -6.75 12.53
CA LYS C 499 -43.73 -5.35 12.09
C LYS C 499 -44.50 -5.38 10.77
N GLY C 500 -44.03 -6.17 9.79
CA GLY C 500 -44.69 -6.36 8.48
C GLY C 500 -46.11 -6.89 8.58
N ALA C 501 -46.39 -7.74 9.58
CA ALA C 501 -47.67 -8.46 9.74
C ALA C 501 -48.68 -7.54 10.44
N GLY C 502 -48.28 -6.32 10.76
CA GLY C 502 -49.09 -5.31 11.44
C GLY C 502 -49.30 -5.64 12.92
N LEU C 503 -48.46 -6.51 13.49
CA LEU C 503 -48.64 -6.96 14.90
C LEU C 503 -47.73 -6.18 15.87
N GLY C 504 -46.98 -5.19 15.37
CA GLY C 504 -45.97 -4.44 16.15
C GLY C 504 -46.52 -3.97 17.46
N LYS C 505 -47.69 -3.34 17.44
CA LYS C 505 -48.22 -2.64 18.62
C LYS C 505 -49.03 -3.63 19.45
N ASP C 506 -49.24 -4.85 18.94
CA ASP C 506 -50.22 -5.80 19.50
C ASP C 506 -49.56 -6.95 20.26
N VAL C 507 -48.25 -7.16 20.11
CA VAL C 507 -47.56 -8.32 20.75
C VAL C 507 -46.34 -7.78 21.49
N LEU C 508 -45.93 -8.52 22.51
CA LEU C 508 -44.71 -8.25 23.28
C LEU C 508 -43.68 -9.31 22.84
N LEU C 509 -42.51 -8.85 22.40
CA LEU C 509 -41.40 -9.74 21.98
C LEU C 509 -40.39 -9.76 23.13
N LEU C 510 -40.02 -10.95 23.58
CA LEU C 510 -39.14 -11.20 24.74
C LEU C 510 -38.03 -12.20 24.37
N THR C 511 -36.78 -11.94 24.72
CA THR C 511 -35.67 -12.90 24.43
C THR C 511 -34.56 -12.79 25.47
N ASP C 512 -33.86 -13.89 25.64
CA ASP C 512 -32.52 -13.95 26.30
C ASP C 512 -31.41 -13.60 25.28
N GLY C 513 -31.75 -13.51 24.00
CA GLY C 513 -30.89 -12.88 22.97
C GLY C 513 -30.99 -11.38 22.92
N ARG C 514 -30.82 -10.80 21.73
CA ARG C 514 -30.96 -9.36 21.48
C ARG C 514 -31.97 -9.15 20.34
N PHE C 515 -32.50 -7.95 20.21
CA PHE C 515 -33.36 -7.56 19.07
C PHE C 515 -32.67 -6.46 18.28
N SER C 516 -32.76 -6.52 16.97
CA SER C 516 -32.32 -5.48 16.01
C SER C 516 -33.57 -4.95 15.28
N GLY C 517 -33.73 -3.63 15.22
CA GLY C 517 -34.93 -2.98 14.66
C GLY C 517 -36.07 -3.00 15.66
N GLY C 518 -36.93 -1.98 15.64
CA GLY C 518 -38.17 -1.92 16.43
C GLY C 518 -39.28 -2.73 15.78
N THR C 519 -40.38 -2.93 16.51
CA THR C 519 -41.66 -3.41 15.95
C THR C 519 -42.61 -2.21 15.76
N THR C 520 -42.17 -1.02 16.20
CA THR C 520 -43.00 0.14 16.60
C THR C 520 -43.71 -0.20 17.93
N GLY C 521 -43.44 -1.38 18.48
CA GLY C 521 -43.93 -1.83 19.81
C GLY C 521 -42.78 -2.04 20.78
N LEU C 522 -42.93 -2.99 21.70
CA LEU C 522 -41.92 -3.32 22.73
C LEU C 522 -41.23 -4.69 22.46
N CYS C 523 -39.90 -4.64 22.51
CA CYS C 523 -38.98 -5.75 22.19
C CYS C 523 -37.94 -5.79 23.31
N VAL C 524 -38.09 -6.74 24.23
CA VAL C 524 -37.24 -6.86 25.44
C VAL C 524 -36.14 -7.89 25.17
N GLY C 525 -34.89 -7.47 25.36
CA GLY C 525 -33.71 -8.33 25.20
C GLY C 525 -32.92 -8.57 26.49
N HIS C 526 -31.88 -9.38 26.39
CA HIS C 526 -30.85 -9.60 27.44
C HIS C 526 -31.48 -10.26 28.67
N ILE C 527 -32.62 -10.95 28.50
CA ILE C 527 -33.36 -11.51 29.67
C ILE C 527 -32.40 -12.48 30.35
N ALA C 528 -32.09 -12.20 31.60
CA ALA C 528 -31.12 -12.98 32.38
C ALA C 528 -31.72 -13.40 33.72
N PRO C 529 -31.38 -14.60 34.23
CA PRO C 529 -30.54 -15.56 33.50
C PRO C 529 -31.16 -16.10 32.22
N GLU C 530 -30.31 -16.44 31.24
CA GLU C 530 -30.71 -17.05 29.97
C GLU C 530 -31.24 -18.47 30.22
N ALA C 531 -31.97 -18.97 29.23
CA ALA C 531 -32.67 -20.27 29.29
C ALA C 531 -31.67 -21.39 29.63
N VAL C 532 -30.47 -21.36 29.05
CA VAL C 532 -29.42 -22.40 29.27
C VAL C 532 -29.06 -22.46 30.76
N ASP C 533 -29.01 -21.32 31.46
CA ASP C 533 -28.61 -21.24 32.89
C ASP C 533 -29.82 -21.47 33.81
N GLY C 534 -30.95 -21.99 33.29
CA GLY C 534 -32.17 -22.31 34.06
C GLY C 534 -32.79 -21.06 34.68
N GLY C 535 -32.69 -19.92 34.01
CA GLY C 535 -33.43 -18.71 34.43
C GLY C 535 -34.93 -18.99 34.31
N PRO C 536 -35.78 -18.16 34.92
CA PRO C 536 -37.23 -18.26 34.76
C PRO C 536 -37.71 -18.48 33.32
N ILE C 537 -37.06 -17.80 32.36
CA ILE C 537 -37.46 -17.86 30.93
C ILE C 537 -37.52 -19.32 30.46
N ALA C 538 -36.64 -20.19 30.99
CA ALA C 538 -36.57 -21.63 30.60
C ALA C 538 -37.75 -22.44 31.15
N LEU C 539 -38.40 -21.94 32.19
CA LEU C 539 -39.51 -22.67 32.89
C LEU C 539 -40.86 -22.25 32.31
N LEU C 540 -40.92 -21.14 31.58
CA LEU C 540 -42.20 -20.62 30.99
C LEU C 540 -42.84 -21.72 30.16
N ARG C 541 -44.17 -21.73 30.07
CA ARG C 541 -44.94 -22.64 29.18
C ARG C 541 -46.05 -21.85 28.49
N ASN C 542 -46.48 -22.34 27.34
CA ASN C 542 -47.62 -21.79 26.57
C ASN C 542 -48.76 -21.61 27.56
N GLY C 543 -49.27 -20.39 27.73
CA GLY C 543 -50.40 -20.11 28.62
C GLY C 543 -50.04 -19.21 29.78
N ASP C 544 -48.80 -19.24 30.27
CA ASP C 544 -48.41 -18.32 31.38
C ASP C 544 -48.68 -16.88 30.98
N ARG C 545 -48.91 -16.01 31.96
CA ARG C 545 -49.18 -14.58 31.72
C ARG C 545 -47.97 -13.78 32.17
N ILE C 546 -47.71 -12.68 31.48
CA ILE C 546 -46.50 -11.86 31.63
C ILE C 546 -46.92 -10.40 31.67
N ARG C 547 -46.27 -9.61 32.51
CA ARG C 547 -46.58 -8.17 32.62
C ARG C 547 -45.30 -7.39 32.45
N LEU C 548 -45.38 -6.31 31.69
CA LEU C 548 -44.28 -5.37 31.45
C LEU C 548 -44.74 -3.97 31.82
N ASP C 549 -44.17 -3.42 32.89
CA ASP C 549 -44.48 -2.05 33.38
C ASP C 549 -43.23 -1.20 33.17
N VAL C 550 -43.16 -0.49 32.06
CA VAL C 550 -42.00 0.36 31.69
C VAL C 550 -41.74 1.36 32.82
N ALA C 551 -42.79 2.08 33.25
CA ALA C 551 -42.71 3.11 34.32
C ALA C 551 -42.24 2.46 35.64
N GLY C 552 -42.67 1.23 35.93
CA GLY C 552 -42.27 0.46 37.14
C GLY C 552 -40.94 -0.28 36.98
N ARG C 553 -40.36 -0.28 35.78
N ARG C 553 -40.38 -0.27 35.77
CA ARG C 553 -39.10 -1.02 35.47
CA ARG C 553 -39.13 -1.01 35.41
C ARG C 553 -39.27 -2.50 35.82
C ARG C 553 -39.27 -2.48 35.82
N VAL C 554 -40.45 -3.08 35.58
CA VAL C 554 -40.76 -4.48 35.97
C VAL C 554 -41.04 -5.32 34.72
N LEU C 555 -40.59 -6.57 34.74
CA LEU C 555 -41.01 -7.64 33.79
C LEU C 555 -41.26 -8.87 34.62
N ASP C 556 -42.52 -9.23 34.81
CA ASP C 556 -42.94 -10.32 35.73
C ASP C 556 -43.60 -11.42 34.92
N VAL C 557 -43.48 -12.65 35.41
CA VAL C 557 -44.37 -13.77 35.03
C VAL C 557 -45.37 -13.92 36.17
N LEU C 558 -46.66 -13.87 35.85
CA LEU C 558 -47.74 -13.73 36.86
C LEU C 558 -48.31 -15.10 37.22
N ALA C 559 -47.58 -16.21 37.03
CA ALA C 559 -47.96 -17.52 37.59
C ALA C 559 -47.64 -17.47 39.09
N ASP C 560 -48.20 -18.39 39.89
CA ASP C 560 -48.00 -18.33 41.35
C ASP C 560 -46.59 -18.83 41.64
N PRO C 561 -45.76 -18.03 42.37
CA PRO C 561 -44.39 -18.40 42.70
C PRO C 561 -44.13 -19.89 42.99
N ALA C 562 -44.98 -20.49 43.83
CA ALA C 562 -44.81 -21.85 44.38
C ALA C 562 -44.85 -22.88 43.24
N GLU C 563 -45.83 -22.78 42.35
CA GLU C 563 -46.00 -23.77 41.24
C GLU C 563 -44.87 -23.59 40.21
N PHE C 564 -44.48 -22.35 39.94
CA PHE C 564 -43.48 -21.98 38.90
C PHE C 564 -42.15 -22.64 39.27
N ALA C 565 -41.67 -22.41 40.51
CA ALA C 565 -40.47 -23.04 41.11
C ALA C 565 -40.53 -24.56 40.94
N SER C 566 -41.70 -25.17 41.12
CA SER C 566 -41.90 -26.64 41.04
C SER C 566 -41.35 -27.21 39.72
N ARG C 567 -41.30 -26.42 38.63
CA ARG C 567 -40.94 -26.94 37.28
C ARG C 567 -39.41 -27.04 37.13
N GLN C 568 -38.62 -26.42 38.02
CA GLN C 568 -37.14 -26.33 37.90
C GLN C 568 -36.54 -27.75 37.84
N GLN C 569 -37.14 -28.69 38.57
CA GLN C 569 -36.67 -30.10 38.66
C GLN C 569 -36.63 -30.77 37.27
N ASP C 570 -37.51 -30.39 36.33
CA ASP C 570 -37.62 -31.05 35.00
C ASP C 570 -36.93 -30.25 33.90
N PHE C 571 -36.24 -29.16 34.23
CA PHE C 571 -35.47 -28.34 33.24
C PHE C 571 -34.22 -29.12 32.82
N SER C 572 -34.00 -29.25 31.51
CA SER C 572 -32.78 -29.89 30.92
C SER C 572 -32.34 -29.09 29.69
N PRO C 573 -31.17 -28.42 29.74
CA PRO C 573 -30.74 -27.56 28.63
C PRO C 573 -30.45 -28.45 27.42
N PRO C 574 -30.78 -28.03 26.18
CA PRO C 574 -30.39 -28.80 25.01
C PRO C 574 -28.86 -28.96 24.98
N PRO C 575 -28.33 -29.96 24.25
CA PRO C 575 -26.87 -30.07 24.08
C PRO C 575 -26.36 -28.93 23.19
N PRO C 576 -25.13 -28.42 23.41
CA PRO C 576 -24.58 -27.41 22.51
C PRO C 576 -24.65 -27.91 21.06
N ARG C 577 -25.18 -27.11 20.14
CA ARG C 577 -25.09 -27.36 18.68
C ARG C 577 -23.61 -27.35 18.26
N TYR C 578 -22.83 -26.36 18.70
CA TYR C 578 -21.40 -26.24 18.32
C TYR C 578 -20.59 -26.97 19.39
N THR C 579 -19.99 -28.09 19.01
CA THR C 579 -19.18 -28.95 19.89
C THR C 579 -17.71 -28.77 19.53
N THR C 580 -17.40 -27.97 18.50
CA THR C 580 -15.99 -27.71 18.10
C THR C 580 -15.80 -26.22 17.88
N GLY C 581 -14.55 -25.81 18.04
CA GLY C 581 -14.09 -24.50 17.58
C GLY C 581 -14.46 -23.39 18.53
N VAL C 582 -14.42 -22.19 18.01
CA VAL C 582 -14.47 -20.98 18.86
C VAL C 582 -15.77 -20.93 19.66
N LEU C 583 -16.92 -21.31 19.09
CA LEU C 583 -18.24 -21.20 19.79
C LEU C 583 -18.37 -22.28 20.89
N SER C 584 -17.74 -23.45 20.73
CA SER C 584 -17.72 -24.46 21.81
CA SER C 584 -17.73 -24.46 21.83
C SER C 584 -16.96 -23.91 23.03
N LYS C 585 -15.86 -23.22 22.81
CA LYS C 585 -15.04 -22.63 23.89
C LYS C 585 -15.77 -21.43 24.50
N TYR C 586 -16.40 -20.61 23.65
CA TYR C 586 -17.19 -19.44 24.09
C TYR C 586 -18.26 -19.86 25.09
N VAL C 587 -19.04 -20.88 24.75
CA VAL C 587 -20.18 -21.35 25.60
C VAL C 587 -19.63 -21.82 26.95
N LYS C 588 -18.47 -22.45 26.99
CA LYS C 588 -17.88 -22.90 28.28
C LYS C 588 -17.48 -21.72 29.16
N LEU C 589 -17.09 -20.56 28.63
CA LEU C 589 -16.45 -19.49 29.45
C LEU C 589 -17.34 -18.24 29.61
N VAL C 590 -18.37 -18.05 28.79
CA VAL C 590 -19.12 -16.76 28.78
C VAL C 590 -20.00 -16.66 30.04
N SER C 591 -20.12 -15.43 30.53
CA SER C 591 -20.89 -15.03 31.71
C SER C 591 -22.31 -14.65 31.27
N SER C 592 -23.14 -14.30 32.24
CA SER C 592 -24.45 -13.65 32.04
C SER C 592 -24.32 -12.36 31.20
N ALA C 593 -25.30 -12.07 30.35
CA ALA C 593 -25.44 -10.72 29.73
C ALA C 593 -25.55 -9.63 30.80
N ALA C 594 -26.02 -9.94 32.02
CA ALA C 594 -26.12 -8.93 33.10
C ALA C 594 -24.75 -8.34 33.48
N VAL C 595 -23.66 -9.06 33.23
CA VAL C 595 -22.30 -8.54 33.53
C VAL C 595 -21.51 -8.38 32.22
N GLY C 596 -22.19 -8.33 31.06
CA GLY C 596 -21.57 -7.91 29.77
C GLY C 596 -21.18 -9.07 28.89
N ALA C 597 -21.56 -10.29 29.28
CA ALA C 597 -21.16 -11.53 28.55
C ALA C 597 -19.64 -11.57 28.36
N VAL C 598 -18.91 -11.40 29.45
CA VAL C 598 -17.41 -11.50 29.48
C VAL C 598 -17.00 -12.97 29.63
N CYS C 599 -15.78 -13.29 29.27
CA CYS C 599 -15.28 -14.68 29.25
C CYS C 599 -14.14 -14.88 30.28
N GLY C 600 -13.65 -13.82 30.88
CA GLY C 600 -12.77 -13.89 32.07
C GLY C 600 -11.34 -13.52 31.74
N VAL D 39 -5.12 -12.27 -38.33
CA VAL D 39 -5.54 -12.25 -36.90
C VAL D 39 -4.50 -11.45 -36.11
N ALA D 40 -4.96 -10.64 -35.16
CA ALA D 40 -4.13 -9.76 -34.31
C ALA D 40 -3.06 -10.59 -33.58
N ASP D 41 -1.87 -10.02 -33.48
CA ASP D 41 -0.86 -10.45 -32.51
C ASP D 41 -1.23 -9.77 -31.19
N ILE D 42 -1.53 -10.56 -30.15
CA ILE D 42 -1.93 -10.03 -28.82
C ILE D 42 -0.69 -9.47 -28.11
N LYS D 43 0.50 -9.76 -28.64
CA LYS D 43 1.76 -9.18 -28.16
C LYS D 43 2.41 -8.38 -29.28
N PRO D 44 1.85 -7.23 -29.70
CA PRO D 44 2.45 -6.47 -30.80
C PRO D 44 3.80 -5.84 -30.50
N ARG D 45 4.19 -5.70 -29.22
N ARG D 45 4.18 -5.69 -29.22
CA ARG D 45 5.48 -5.10 -28.83
CA ARG D 45 5.49 -5.10 -28.84
C ARG D 45 6.29 -6.06 -27.93
C ARG D 45 6.29 -6.06 -27.93
N SER D 46 5.65 -6.80 -27.03
CA SER D 46 6.35 -7.45 -25.87
C SER D 46 7.09 -8.74 -26.30
N ARG D 47 6.86 -9.25 -27.49
CA ARG D 47 7.72 -10.33 -28.06
C ARG D 47 9.18 -9.87 -28.10
N ASP D 48 9.47 -8.56 -28.16
CA ASP D 48 10.83 -7.98 -28.06
C ASP D 48 11.50 -8.26 -26.72
N VAL D 49 10.74 -8.58 -25.67
CA VAL D 49 11.33 -8.79 -24.32
C VAL D 49 10.99 -10.21 -23.82
N THR D 50 10.09 -10.95 -24.45
CA THR D 50 9.69 -12.27 -23.90
C THR D 50 10.07 -13.44 -24.81
N ASP D 51 10.20 -13.23 -26.12
CA ASP D 51 10.16 -14.36 -27.11
C ASP D 51 11.56 -14.69 -27.63
N GLY D 52 11.94 -15.98 -27.56
CA GLY D 52 13.08 -16.57 -28.28
C GLY D 52 14.34 -16.63 -27.44
N LEU D 53 15.36 -17.31 -27.97
CA LEU D 53 16.61 -17.58 -27.23
C LEU D 53 17.19 -16.25 -26.75
N GLU D 54 17.18 -15.24 -27.64
CA GLU D 54 17.91 -13.95 -27.50
C GLU D 54 17.35 -13.12 -26.33
N LYS D 55 16.12 -13.39 -25.89
CA LYS D 55 15.46 -12.55 -24.84
C LYS D 55 15.68 -13.15 -23.43
N ALA D 56 16.70 -13.98 -23.23
CA ALA D 56 16.98 -14.60 -21.92
C ALA D 56 17.17 -13.52 -20.82
N ALA D 57 17.94 -12.47 -21.07
CA ALA D 57 18.24 -11.48 -20.02
C ALA D 57 16.96 -10.72 -19.63
N ALA D 58 16.17 -10.29 -20.63
CA ALA D 58 14.89 -9.59 -20.39
C ALA D 58 13.94 -10.49 -19.55
N ARG D 59 13.77 -11.75 -19.95
CA ARG D 59 12.93 -12.74 -19.21
C ARG D 59 13.45 -12.84 -17.78
N GLY D 60 14.77 -12.94 -17.60
CA GLY D 60 15.38 -13.02 -16.25
C GLY D 60 15.04 -11.81 -15.38
N MET D 61 14.98 -10.61 -15.97
CA MET D 61 14.65 -9.38 -15.22
C MET D 61 13.13 -9.36 -14.94
N LEU D 62 12.31 -9.77 -15.90
CA LEU D 62 10.85 -9.79 -15.70
C LEU D 62 10.48 -10.80 -14.61
N ARG D 63 11.21 -11.90 -14.50
CA ARG D 63 10.98 -12.86 -13.40
C ARG D 63 11.06 -12.13 -12.06
N ALA D 64 11.99 -11.19 -11.92
CA ALA D 64 12.28 -10.51 -10.65
C ALA D 64 11.16 -9.50 -10.28
N VAL D 65 10.25 -9.13 -11.19
CA VAL D 65 9.06 -8.31 -10.83
C VAL D 65 7.87 -9.25 -10.64
N GLY D 66 8.05 -10.56 -10.82
CA GLY D 66 6.98 -11.53 -10.48
C GLY D 66 6.57 -12.43 -11.63
N MET D 67 7.03 -12.20 -12.87
CA MET D 67 6.51 -13.01 -14.00
C MET D 67 7.06 -14.45 -13.88
N ASP D 68 6.26 -15.43 -14.21
CA ASP D 68 6.70 -16.84 -14.26
C ASP D 68 6.48 -17.38 -15.67
N ASP D 69 6.85 -18.64 -15.87
CA ASP D 69 6.90 -19.28 -17.21
C ASP D 69 5.63 -18.94 -17.97
N GLU D 70 4.47 -19.13 -17.33
CA GLU D 70 3.12 -19.02 -17.94
C GLU D 70 2.84 -17.54 -18.35
N ASP D 71 3.59 -16.56 -17.86
CA ASP D 71 3.21 -15.14 -18.05
C ASP D 71 3.82 -14.58 -19.35
N PHE D 72 4.87 -15.21 -19.88
CA PHE D 72 5.63 -14.67 -21.04
C PHE D 72 4.76 -14.68 -22.30
N ALA D 73 3.72 -15.51 -22.37
CA ALA D 73 2.79 -15.58 -23.52
C ALA D 73 1.64 -14.57 -23.36
N LYS D 74 1.63 -13.77 -22.31
CA LYS D 74 0.50 -12.83 -22.06
C LYS D 74 0.85 -11.45 -22.59
N PRO D 75 -0.16 -10.64 -22.97
CA PRO D 75 0.12 -9.24 -23.27
C PRO D 75 0.52 -8.49 -22.00
N GLN D 76 1.47 -7.56 -22.12
CA GLN D 76 1.97 -6.73 -21.01
C GLN D 76 1.25 -5.38 -21.06
N ILE D 77 0.57 -5.03 -19.98
CA ILE D 77 -0.21 -3.77 -19.88
C ILE D 77 0.50 -2.80 -18.93
N GLY D 78 0.93 -1.64 -19.45
CA GLY D 78 1.41 -0.55 -18.58
C GLY D 78 0.22 0.07 -17.89
N VAL D 79 0.23 0.11 -16.56
CA VAL D 79 -0.79 0.83 -15.76
C VAL D 79 -0.13 2.11 -15.24
N ALA D 80 -0.35 3.21 -15.95
CA ALA D 80 0.27 4.53 -15.67
C ALA D 80 -0.68 5.31 -14.75
N SER D 81 -0.21 5.68 -13.58
CA SER D 81 -1.02 6.42 -12.58
CA SER D 81 -1.03 6.43 -12.59
C SER D 81 -0.33 7.75 -12.28
N SER D 82 -1.08 8.83 -12.29
CA SER D 82 -0.59 10.14 -11.81
C SER D 82 -0.96 10.29 -10.34
N TRP D 83 -1.04 9.17 -9.59
CA TRP D 83 -1.25 9.23 -8.12
C TRP D 83 -0.19 10.10 -7.46
N ASN D 84 -0.63 10.92 -6.51
CA ASN D 84 0.27 11.67 -5.60
C ASN D 84 -0.59 12.23 -4.47
N GLU D 85 0.06 12.83 -3.47
CA GLU D 85 -0.59 13.46 -2.31
C GLU D 85 -0.39 14.98 -2.42
N ILE D 86 0.09 15.51 -3.55
CA ILE D 86 0.28 17.00 -3.62
C ILE D 86 -1.07 17.69 -3.84
N THR D 87 -2.15 16.96 -4.13
CA THR D 87 -3.50 17.51 -4.38
C THR D 87 -4.53 16.41 -4.17
N PRO D 88 -5.74 16.70 -3.64
CA PRO D 88 -6.72 15.65 -3.41
C PRO D 88 -7.16 14.95 -4.72
N CYS D 89 -7.05 15.67 -5.85
CA CYS D 89 -7.56 15.25 -7.18
C CYS D 89 -7.04 13.85 -7.53
N ASN D 90 -5.85 13.49 -7.05
CA ASN D 90 -5.11 12.28 -7.46
C ASN D 90 -5.20 11.15 -6.43
N LEU D 91 -5.79 11.41 -5.25
CA LEU D 91 -5.69 10.45 -4.13
C LEU D 91 -6.32 9.09 -4.46
N SER D 92 -7.45 9.05 -5.13
CA SER D 92 -8.15 7.79 -5.47
C SER D 92 -7.33 6.89 -6.42
N LEU D 93 -6.34 7.41 -7.12
CA LEU D 93 -5.67 6.65 -8.20
C LEU D 93 -4.85 5.46 -7.69
N ASP D 94 -4.44 5.47 -6.44
CA ASP D 94 -3.71 4.31 -5.84
C ASP D 94 -4.63 3.08 -5.87
N ARG D 95 -5.82 3.18 -5.28
CA ARG D 95 -6.74 1.99 -5.20
C ARG D 95 -7.23 1.67 -6.62
N LEU D 96 -7.38 2.66 -7.49
CA LEU D 96 -7.99 2.43 -8.82
C LEU D 96 -6.96 1.73 -9.69
N ALA D 97 -5.69 2.09 -9.60
CA ALA D 97 -4.64 1.37 -10.37
C ALA D 97 -4.62 -0.10 -9.95
N ASN D 98 -4.73 -0.36 -8.65
CA ASN D 98 -4.77 -1.74 -8.13
C ASN D 98 -5.91 -2.51 -8.79
N ALA D 99 -7.09 -1.89 -8.86
CA ALA D 99 -8.30 -2.53 -9.40
C ALA D 99 -8.10 -2.72 -10.91
N VAL D 100 -7.46 -1.77 -11.60
CA VAL D 100 -7.10 -1.99 -13.02
C VAL D 100 -6.24 -3.27 -13.15
N LYS D 101 -5.22 -3.43 -12.32
CA LYS D 101 -4.33 -4.61 -12.40
C LYS D 101 -5.15 -5.88 -12.18
N GLU D 102 -6.10 -5.90 -11.26
CA GLU D 102 -6.99 -7.06 -11.02
C GLU D 102 -7.76 -7.40 -12.31
N GLY D 103 -8.31 -6.38 -12.98
CA GLY D 103 -9.01 -6.60 -14.25
C GLY D 103 -8.08 -7.14 -15.33
N VAL D 104 -6.86 -6.63 -15.45
CA VAL D 104 -5.92 -7.09 -16.49
C VAL D 104 -5.67 -8.60 -16.25
N PHE D 105 -5.33 -8.97 -15.01
CA PHE D 105 -5.13 -10.39 -14.61
C PHE D 105 -6.40 -11.22 -14.92
N SER D 106 -7.57 -10.69 -14.61
CA SER D 106 -8.86 -11.40 -14.81
C SER D 106 -9.04 -11.72 -16.30
N ALA D 107 -8.45 -10.92 -17.19
CA ALA D 107 -8.66 -11.09 -18.66
C ALA D 107 -7.49 -11.79 -19.32
N GLY D 108 -6.47 -12.19 -18.54
CA GLY D 108 -5.34 -13.00 -19.08
C GLY D 108 -4.16 -12.14 -19.48
N GLY D 109 -4.13 -10.89 -19.04
CA GLY D 109 -2.95 -10.06 -19.28
C GLY D 109 -2.05 -10.04 -18.07
N TYR D 110 -0.88 -9.43 -18.20
CA TYR D 110 0.05 -9.13 -17.11
C TYR D 110 0.27 -7.63 -17.00
N PRO D 111 -0.26 -7.01 -15.91
CA PRO D 111 -0.03 -5.60 -15.66
C PRO D 111 1.26 -5.24 -14.94
N LEU D 112 1.84 -4.11 -15.34
CA LEU D 112 3.02 -3.52 -14.71
C LEU D 112 2.67 -2.05 -14.42
N GLU D 113 2.64 -1.69 -13.13
CA GLU D 113 2.26 -0.31 -12.75
C GLU D 113 3.49 0.58 -12.83
N PHE D 114 3.28 1.85 -13.21
CA PHE D 114 4.32 2.89 -13.08
C PHE D 114 3.63 4.23 -12.80
N GLY D 115 4.42 5.21 -12.41
CA GLY D 115 3.91 6.51 -11.96
C GLY D 115 4.36 7.64 -12.86
N THR D 116 3.56 8.69 -12.94
CA THR D 116 4.09 9.98 -13.45
CA THR D 116 3.93 10.00 -13.55
C THR D 116 3.56 11.14 -12.60
N ILE D 117 4.03 12.34 -12.89
CA ILE D 117 3.69 13.53 -12.09
C ILE D 117 2.25 13.96 -12.42
N SER D 118 1.71 14.80 -11.57
CA SER D 118 0.71 15.83 -11.95
C SER D 118 1.07 17.05 -11.12
N VAL D 119 0.48 18.21 -11.42
CA VAL D 119 0.52 19.35 -10.47
C VAL D 119 -0.90 19.53 -9.97
N SER D 120 -1.11 20.48 -9.05
CA SER D 120 -2.45 20.92 -8.59
C SER D 120 -2.79 22.22 -9.31
N ASP D 121 -3.80 22.23 -10.15
CA ASP D 121 -4.20 23.49 -10.84
C ASP D 121 -4.75 24.48 -9.80
N GLY D 122 -5.24 23.97 -8.65
CA GLY D 122 -5.80 24.77 -7.56
C GLY D 122 -4.74 25.30 -6.64
N ILE D 123 -3.84 24.43 -6.16
CA ILE D 123 -2.78 24.89 -5.23
C ILE D 123 -1.80 25.80 -5.98
N SER D 124 -1.63 25.67 -7.30
CA SER D 124 -0.62 26.46 -8.08
C SER D 124 -1.13 27.89 -8.36
N MET D 125 -2.42 28.17 -8.14
CA MET D 125 -3.08 29.51 -8.39
C MET D 125 -2.49 30.57 -7.44
N GLY D 126 -2.21 31.79 -7.94
CA GLY D 126 -1.89 32.95 -7.08
C GLY D 126 -0.42 33.16 -6.81
N HIS D 127 0.47 32.44 -7.49
CA HIS D 127 1.94 32.56 -7.31
C HIS D 127 2.64 32.00 -8.56
N GLU D 128 3.96 31.89 -8.51
CA GLU D 128 4.82 31.55 -9.69
C GLU D 128 4.46 30.17 -10.26
N GLY D 129 3.93 29.24 -9.45
CA GLY D 129 3.59 27.88 -9.88
C GLY D 129 2.59 27.87 -11.02
N MET D 130 1.79 28.93 -11.20
CA MET D 130 0.80 28.99 -12.30
C MET D 130 1.52 28.86 -13.63
N HIS D 131 2.81 29.20 -13.67
CA HIS D 131 3.61 29.13 -14.92
C HIS D 131 3.94 27.68 -15.27
N PHE D 132 3.63 26.71 -14.39
CA PHE D 132 4.12 25.32 -14.57
C PHE D 132 2.95 24.37 -14.77
N SER D 133 1.71 24.87 -14.75
CA SER D 133 0.48 24.06 -15.00
C SER D 133 0.45 23.45 -16.40
N LEU D 134 0.38 24.27 -17.45
CA LEU D 134 0.17 23.70 -18.80
C LEU D 134 1.39 22.84 -19.23
N VAL D 135 2.62 23.21 -18.87
CA VAL D 135 3.81 22.42 -19.33
C VAL D 135 3.77 21.00 -18.68
N SER D 136 3.11 20.83 -17.53
CA SER D 136 2.96 19.49 -16.91
C SER D 136 2.27 18.54 -17.91
N ARG D 137 1.34 19.05 -18.73
CA ARG D 137 0.64 18.25 -19.76
C ARG D 137 1.69 17.57 -20.67
N GLU D 138 2.69 18.33 -21.11
CA GLU D 138 3.73 17.88 -22.08
C GLU D 138 4.63 16.83 -21.40
N VAL D 139 4.97 17.07 -20.15
CA VAL D 139 5.88 16.21 -19.33
C VAL D 139 5.15 14.89 -19.07
N ILE D 140 3.85 14.93 -18.81
CA ILE D 140 3.07 13.66 -18.61
C ILE D 140 3.03 12.86 -19.91
N ALA D 141 2.74 13.49 -21.07
CA ALA D 141 2.63 12.76 -22.35
C ALA D 141 3.99 12.11 -22.68
N ASP D 142 5.06 12.86 -22.54
CA ASP D 142 6.45 12.36 -22.78
C ASP D 142 6.76 11.23 -21.77
N SER D 143 6.40 11.39 -20.50
CA SER D 143 6.67 10.37 -19.44
CA SER D 143 6.72 10.36 -19.47
C SER D 143 6.10 9.02 -19.90
N VAL D 144 4.83 9.01 -20.34
CA VAL D 144 4.13 7.76 -20.72
C VAL D 144 4.76 7.20 -22.00
N GLU D 145 5.02 8.06 -22.99
CA GLU D 145 5.68 7.63 -24.23
C GLU D 145 6.99 6.89 -23.92
N VAL D 146 7.86 7.49 -23.12
CA VAL D 146 9.21 6.96 -22.81
C VAL D 146 9.09 5.58 -22.18
N VAL D 147 8.23 5.39 -21.17
CA VAL D 147 8.10 4.08 -20.47
C VAL D 147 7.54 3.04 -21.43
N MET D 148 6.49 3.38 -22.16
CA MET D 148 5.83 2.44 -23.07
C MET D 148 6.83 2.03 -24.16
N GLN D 149 7.61 2.98 -24.67
CA GLN D 149 8.54 2.70 -25.81
C GLN D 149 9.75 1.91 -25.30
N ALA D 150 10.28 2.27 -24.15
CA ALA D 150 11.49 1.61 -23.58
C ALA D 150 11.21 0.15 -23.24
N GLU D 151 10.03 -0.18 -22.68
CA GLU D 151 9.77 -1.50 -22.04
C GLU D 151 9.07 -2.42 -23.02
N ARG D 152 8.69 -1.90 -24.18
CA ARG D 152 7.95 -2.67 -25.22
C ARG D 152 6.67 -3.25 -24.64
N LEU D 153 5.90 -2.45 -23.90
CA LEU D 153 4.57 -2.89 -23.42
C LEU D 153 3.58 -2.81 -24.60
N ASP D 154 2.55 -3.65 -24.54
CA ASP D 154 1.62 -3.91 -25.65
C ASP D 154 0.47 -2.90 -25.62
N GLY D 155 0.07 -2.50 -24.42
CA GLY D 155 -1.09 -1.60 -24.25
C GLY D 155 -1.03 -0.89 -22.91
N SER D 156 -1.94 0.05 -22.68
CA SER D 156 -1.92 0.77 -21.39
C SER D 156 -3.33 1.02 -20.89
N VAL D 157 -3.42 1.17 -19.58
CA VAL D 157 -4.53 1.87 -18.90
C VAL D 157 -3.90 3.07 -18.20
N LEU D 158 -4.45 4.25 -18.48
CA LEU D 158 -3.92 5.57 -18.05
C LEU D 158 -4.90 6.17 -17.05
N LEU D 159 -4.42 6.51 -15.86
CA LEU D 159 -5.28 6.99 -14.76
C LEU D 159 -4.83 8.42 -14.44
N ALA D 160 -5.76 9.36 -14.41
CA ALA D 160 -5.45 10.79 -14.15
C ALA D 160 -6.59 11.39 -13.34
N GLY D 161 -6.26 12.40 -12.52
CA GLY D 161 -7.23 13.10 -11.65
C GLY D 161 -7.26 14.59 -11.97
N CYS D 162 -6.17 15.30 -11.75
CA CYS D 162 -6.09 16.79 -11.82
C CYS D 162 -5.89 17.27 -13.25
N ASP D 163 -6.65 18.32 -13.60
CA ASP D 163 -6.75 19.04 -14.90
C ASP D 163 -5.77 18.48 -15.94
N SER D 165 -3.34 16.44 -16.19
CA SER D 165 -2.95 15.05 -16.31
C SER D 165 -3.92 14.31 -17.23
N LEU D 166 -5.19 14.69 -17.33
CA LEU D 166 -6.12 14.00 -18.24
C LEU D 166 -5.68 14.20 -19.70
N PRO D 167 -5.53 15.42 -20.24
CA PRO D 167 -5.08 15.56 -21.63
C PRO D 167 -3.65 15.03 -21.83
N GLY D 168 -2.79 15.11 -20.83
CA GLY D 168 -1.43 14.54 -20.89
C GLY D 168 -1.47 13.06 -21.22
N MET D 169 -2.28 12.30 -20.49
N MET D 169 -2.30 12.32 -20.48
CA MET D 169 -2.48 10.85 -20.74
CA MET D 169 -2.54 10.86 -20.70
C MET D 169 -3.11 10.61 -22.13
C MET D 169 -3.09 10.64 -22.10
N LEU D 170 -4.18 11.34 -22.47
CA LEU D 170 -4.85 11.14 -23.76
C LEU D 170 -3.87 11.47 -24.91
N MET D 171 -3.00 12.47 -24.74
CA MET D 171 -1.98 12.84 -25.77
C MET D 171 -0.96 11.69 -25.92
N ALA D 172 -0.50 11.08 -24.84
CA ALA D 172 0.41 9.92 -24.91
C ALA D 172 -0.27 8.76 -25.63
N ALA D 173 -1.54 8.47 -25.31
CA ALA D 173 -2.32 7.37 -25.91
C ALA D 173 -2.40 7.58 -27.43
N ALA D 174 -2.70 8.81 -27.84
CA ALA D 174 -2.77 9.17 -29.27
C ALA D 174 -1.41 8.97 -29.95
N ARG D 175 -0.35 9.46 -29.33
CA ARG D 175 1.01 9.50 -29.88
C ARG D 175 1.51 8.07 -30.09
N LEU D 176 1.19 7.19 -29.15
CA LEU D 176 1.77 5.82 -29.10
C LEU D 176 1.07 4.92 -30.12
N ASP D 177 -0.22 5.15 -30.38
CA ASP D 177 -1.07 4.28 -31.25
C ASP D 177 -0.92 2.81 -30.88
N LEU D 178 -0.95 2.53 -29.57
CA LEU D 178 -1.20 1.18 -29.01
C LEU D 178 -2.60 1.15 -28.40
N ALA D 179 -3.12 -0.05 -28.14
CA ALA D 179 -4.31 -0.25 -27.29
C ALA D 179 -4.16 0.60 -26.01
N ALA D 180 -5.20 1.34 -25.66
CA ALA D 180 -5.16 2.28 -24.50
C ALA D 180 -6.57 2.49 -23.97
N VAL D 181 -6.73 2.44 -22.66
CA VAL D 181 -8.00 2.78 -22.00
C VAL D 181 -7.70 3.87 -20.96
N PHE D 182 -8.55 4.89 -20.92
CA PHE D 182 -8.40 6.04 -20.00
C PHE D 182 -9.42 5.90 -18.86
N LEU D 183 -8.95 6.04 -17.63
CA LEU D 183 -9.83 6.01 -16.44
C LEU D 183 -9.55 7.25 -15.57
N TYR D 184 -10.61 7.94 -15.19
CA TYR D 184 -10.57 9.17 -14.38
C TYR D 184 -10.54 8.80 -12.88
N ALA D 185 -9.96 9.66 -12.05
CA ALA D 185 -9.95 9.55 -10.57
C ALA D 185 -11.35 9.68 -10.00
N GLY D 186 -12.22 10.44 -10.64
CA GLY D 186 -13.52 10.81 -10.07
C GLY D 186 -13.50 12.14 -9.33
N SER D 187 -14.67 12.76 -9.21
CA SER D 187 -14.88 14.08 -8.57
C SER D 187 -14.94 13.97 -7.05
N ILE D 188 -14.50 15.06 -6.41
CA ILE D 188 -14.63 15.30 -4.95
C ILE D 188 -16.10 15.44 -4.61
N LEU D 189 -16.45 15.23 -3.35
CA LEU D 189 -17.82 15.54 -2.87
C LEU D 189 -17.96 17.02 -2.52
N PRO D 190 -19.18 17.59 -2.64
CA PRO D 190 -19.40 18.99 -2.29
C PRO D 190 -19.22 19.18 -0.78
N GLY D 191 -18.73 20.33 -0.35
CA GLY D 191 -18.65 20.72 1.08
C GLY D 191 -19.67 21.82 1.39
N ARG D 192 -19.97 22.02 2.67
CA ARG D 192 -21.02 22.99 3.08
C ARG D 192 -20.45 23.82 4.23
N ALA D 193 -20.40 25.14 4.05
CA ALA D 193 -19.81 26.08 5.04
C ALA D 193 -20.92 26.60 5.98
N LYS D 194 -20.65 26.69 7.28
CA LYS D 194 -21.51 27.41 8.24
C LYS D 194 -20.89 28.79 8.45
N LEU D 195 -21.61 29.84 8.08
CA LEU D 195 -21.09 31.23 8.18
C LEU D 195 -21.59 31.85 9.50
N SER D 196 -21.02 33.01 9.88
CA SER D 196 -21.22 33.68 11.18
C SER D 196 -22.68 34.14 11.35
N ASP D 197 -23.42 34.41 10.27
CA ASP D 197 -24.82 34.94 10.37
C ASP D 197 -25.82 33.77 10.45
N GLY D 198 -25.37 32.53 10.63
CA GLY D 198 -26.25 31.33 10.71
C GLY D 198 -26.61 30.76 9.35
N SER D 199 -26.30 31.45 8.23
CA SER D 199 -26.55 30.95 6.85
C SER D 199 -25.59 29.80 6.48
N GLU D 200 -25.90 29.08 5.41
CA GLU D 200 -25.06 27.94 4.95
C GLU D 200 -25.06 27.93 3.42
N ARG D 201 -23.92 27.63 2.82
CA ARG D 201 -23.77 27.52 1.35
C ARG D 201 -22.91 26.28 1.04
N ASP D 202 -23.18 25.61 -0.07
CA ASP D 202 -22.25 24.64 -0.68
C ASP D 202 -21.09 25.42 -1.29
N VAL D 203 -19.85 25.05 -1.00
CA VAL D 203 -18.67 25.82 -1.49
C VAL D 203 -17.71 24.92 -2.25
N THR D 204 -16.87 25.52 -3.10
CA THR D 204 -15.79 24.88 -3.88
C THR D 204 -14.65 25.89 -3.96
N ILE D 205 -13.58 25.52 -4.64
CA ILE D 205 -12.36 26.36 -4.80
C ILE D 205 -12.71 27.82 -5.08
N ILE D 206 -13.56 28.08 -6.08
CA ILE D 206 -13.88 29.47 -6.54
C ILE D 206 -14.44 30.26 -5.35
N ASP D 207 -15.30 29.65 -4.52
CA ASP D 207 -15.84 30.29 -3.28
C ASP D 207 -14.73 30.71 -2.32
N ALA D 208 -13.62 29.97 -2.22
CA ALA D 208 -12.46 30.37 -1.39
C ALA D 208 -11.78 31.60 -1.98
N PHE D 209 -11.54 31.64 -3.30
CA PHE D 209 -10.91 32.80 -3.97
C PHE D 209 -11.83 34.02 -3.87
N GLU D 210 -13.13 33.82 -4.07
CA GLU D 210 -14.10 34.93 -4.00
C GLU D 210 -14.19 35.43 -2.55
N ALA D 211 -14.09 34.55 -1.54
CA ALA D 211 -14.20 34.94 -0.11
C ALA D 211 -13.05 35.89 0.22
N VAL D 212 -11.86 35.55 -0.25
CA VAL D 212 -10.64 36.37 -0.07
C VAL D 212 -10.92 37.79 -0.61
N GLY D 213 -11.57 37.85 -1.77
CA GLY D 213 -11.88 39.11 -2.46
C GLY D 213 -12.91 39.88 -1.66
N ALA D 214 -13.95 39.21 -1.18
CA ALA D 214 -14.99 39.84 -0.34
C ALA D 214 -14.31 40.42 0.92
N CYS D 215 -13.44 39.65 1.55
CA CYS D 215 -12.71 40.06 2.77
C CYS D 215 -11.86 41.31 2.49
N SER D 216 -11.12 41.30 1.39
CA SER D 216 -10.25 42.43 1.00
C SER D 216 -11.10 43.71 0.79
N ARG D 217 -12.39 43.60 0.46
CA ARG D 217 -13.30 44.76 0.22
C ARG D 217 -14.11 45.04 1.48
N GLY D 218 -13.81 44.33 2.57
CA GLY D 218 -14.39 44.58 3.90
C GLY D 218 -15.81 44.05 3.97
N LEU D 219 -16.20 43.15 3.08
CA LEU D 219 -17.59 42.63 3.02
C LEU D 219 -17.67 41.21 3.63
N MET D 220 -16.56 40.65 4.09
CA MET D 220 -16.56 39.32 4.73
C MET D 220 -15.46 39.27 5.79
N SER D 221 -15.76 38.66 6.92
CA SER D 221 -14.85 38.48 8.06
C SER D 221 -13.79 37.42 7.73
N ARG D 222 -12.59 37.56 8.28
CA ARG D 222 -11.57 36.49 8.18
C ARG D 222 -12.13 35.18 8.77
N ALA D 223 -12.97 35.21 9.81
CA ALA D 223 -13.61 33.99 10.37
C ALA D 223 -14.44 33.27 9.29
N ASP D 224 -15.12 34.01 8.43
CA ASP D 224 -16.03 33.39 7.42
C ASP D 224 -15.18 32.89 6.25
N VAL D 225 -14.07 33.53 5.93
CA VAL D 225 -13.11 32.98 4.92
C VAL D 225 -12.61 31.62 5.44
N ASP D 226 -12.26 31.55 6.73
CA ASP D 226 -11.76 30.33 7.45
CA ASP D 226 -11.75 30.32 7.40
C ASP D 226 -12.81 29.22 7.34
N ALA D 227 -14.08 29.56 7.58
CA ALA D 227 -15.19 28.58 7.54
C ALA D 227 -15.27 27.98 6.13
N ILE D 228 -15.11 28.81 5.11
CA ILE D 228 -15.19 28.36 3.69
C ILE D 228 -13.98 27.46 3.39
N GLU D 229 -12.79 27.87 3.81
CA GLU D 229 -11.53 27.11 3.62
C GLU D 229 -11.71 25.67 4.16
N ARG D 230 -12.27 25.51 5.35
CA ARG D 230 -12.40 24.20 6.04
C ARG D 230 -13.41 23.31 5.32
N ALA D 231 -14.29 23.85 4.47
CA ALA D 231 -15.41 23.09 3.89
C ALA D 231 -15.13 22.69 2.44
N ILE D 232 -14.29 23.43 1.71
CA ILE D 232 -14.31 23.39 0.20
C ILE D 232 -13.87 21.99 -0.32
N CYS D 233 -12.93 21.31 0.36
CA CYS D 233 -12.32 20.04 -0.13
C CYS D 233 -12.30 19.01 1.01
N PRO D 234 -13.34 18.17 1.16
CA PRO D 234 -13.37 17.19 2.24
C PRO D 234 -12.34 16.02 2.19
N GLY D 235 -12.00 15.59 0.99
CA GLY D 235 -11.09 14.44 0.81
C GLY D 235 -10.85 14.21 -0.64
N GLU D 236 -10.67 12.95 -1.05
CA GLU D 236 -10.16 12.62 -2.40
C GLU D 236 -11.14 13.06 -3.50
N GLY D 237 -10.60 13.28 -4.69
CA GLY D 237 -11.40 13.61 -5.88
C GLY D 237 -11.04 14.95 -6.47
N ALA D 238 -11.30 15.08 -7.76
CA ALA D 238 -10.97 16.30 -8.54
C ALA D 238 -12.12 17.28 -8.35
N CYS D 239 -11.95 18.51 -8.84
CA CYS D 239 -12.98 19.58 -8.70
C CYS D 239 -14.30 19.08 -9.27
N GLY D 240 -15.39 19.29 -8.53
CA GLY D 240 -16.75 18.82 -8.85
C GLY D 240 -17.39 19.62 -9.98
N GLY D 241 -16.95 20.86 -10.19
CA GLY D 241 -17.54 21.67 -11.26
C GLY D 241 -17.11 21.17 -12.62
N MET D 242 -17.70 21.74 -13.68
CA MET D 242 -17.36 21.41 -15.09
C MET D 242 -16.09 22.15 -15.51
N TYR D 243 -15.00 21.97 -14.75
CA TYR D 243 -13.66 22.53 -15.05
C TYR D 243 -12.94 21.57 -16.00
N THR D 244 -11.63 21.73 -16.16
CA THR D 244 -10.89 20.95 -17.18
C THR D 244 -11.07 19.46 -16.88
N ALA D 245 -10.85 19.03 -15.63
CA ALA D 245 -10.85 17.60 -15.24
C ALA D 245 -12.19 16.96 -15.61
N ASN D 246 -13.33 17.44 -15.10
CA ASN D 246 -14.64 16.84 -15.47
C ASN D 246 -14.95 17.00 -16.95
N THR D 247 -14.55 18.10 -17.55
CA THR D 247 -14.85 18.32 -18.99
C THR D 247 -14.09 17.27 -19.80
N MET D 248 -12.82 17.06 -19.46
CA MET D 248 -11.98 16.14 -20.27
C MET D 248 -12.33 14.69 -19.91
N ALA D 249 -12.82 14.41 -18.70
CA ALA D 249 -13.25 13.05 -18.32
C ALA D 249 -14.51 12.74 -19.12
N SER D 250 -15.39 13.72 -19.29
CA SER D 250 -16.60 13.59 -20.14
C SER D 250 -16.19 13.45 -21.62
N ALA D 251 -15.29 14.29 -22.09
CA ALA D 251 -14.75 14.25 -23.46
C ALA D 251 -14.12 12.88 -23.71
N ALA D 252 -13.47 12.24 -22.71
CA ALA D 252 -12.84 10.91 -22.93
C ALA D 252 -13.90 9.83 -23.16
N GLU D 253 -15.04 9.87 -22.46
CA GLU D 253 -16.16 8.99 -22.80
C GLU D 253 -16.59 9.30 -24.24
N ALA D 254 -16.66 10.58 -24.59
CA ALA D 254 -17.23 11.00 -25.91
C ALA D 254 -16.28 10.55 -27.03
N LEU D 255 -14.98 10.56 -26.77
CA LEU D 255 -13.92 10.14 -27.74
C LEU D 255 -13.91 8.61 -27.89
N GLY D 256 -14.67 7.89 -27.05
CA GLY D 256 -14.65 6.42 -26.91
C GLY D 256 -13.37 5.88 -26.24
N MET D 257 -12.61 6.70 -25.53
CA MET D 257 -11.33 6.30 -24.88
C MET D 257 -11.56 5.84 -23.41
N SER D 258 -12.71 6.11 -22.85
CA SER D 258 -13.13 5.65 -21.49
C SER D 258 -14.40 4.82 -21.63
N LEU D 259 -14.62 3.87 -20.74
CA LEU D 259 -15.86 3.07 -20.72
C LEU D 259 -17.01 4.03 -20.52
N PRO D 260 -18.10 3.87 -21.30
CA PRO D 260 -19.28 4.73 -21.13
C PRO D 260 -19.78 4.56 -19.69
N GLY D 261 -20.07 5.70 -19.03
CA GLY D 261 -20.58 5.72 -17.66
C GLY D 261 -19.49 5.89 -16.61
N SER D 262 -18.22 5.88 -16.99
CA SER D 262 -17.06 5.84 -16.06
C SER D 262 -16.73 7.23 -15.49
N ALA D 263 -17.06 8.34 -16.16
CA ALA D 263 -16.60 9.67 -15.75
C ALA D 263 -17.30 10.13 -14.46
N ALA D 264 -18.59 9.92 -14.30
CA ALA D 264 -19.42 10.69 -13.34
C ALA D 264 -19.36 10.17 -11.89
N PRO D 265 -19.24 8.86 -11.59
CA PRO D 265 -19.25 8.43 -10.19
C PRO D 265 -18.14 9.10 -9.38
N PRO D 266 -18.45 9.65 -8.19
CA PRO D 266 -17.45 10.32 -7.37
C PRO D 266 -16.23 9.43 -7.05
N ALA D 267 -15.08 10.07 -6.82
CA ALA D 267 -13.81 9.42 -6.43
C ALA D 267 -14.03 8.47 -5.24
N THR D 268 -14.83 8.88 -4.24
CA THR D 268 -15.11 8.08 -3.00
C THR D 268 -16.05 6.91 -3.26
N ASP D 269 -16.66 6.85 -4.43
CA ASP D 269 -17.70 5.85 -4.75
C ASP D 269 -17.05 4.57 -5.31
N ARG D 270 -17.34 3.43 -4.71
CA ARG D 270 -16.69 2.17 -5.11
C ARG D 270 -17.17 1.65 -6.46
N ARG D 271 -18.18 2.27 -7.09
CA ARG D 271 -18.45 1.92 -8.50
C ARG D 271 -17.19 2.19 -9.34
N ARG D 272 -16.33 3.15 -8.96
CA ARG D 272 -15.10 3.47 -9.74
C ARG D 272 -14.21 2.21 -9.81
N ASP D 273 -14.20 1.42 -8.75
CA ASP D 273 -13.38 0.15 -8.69
C ASP D 273 -13.83 -0.81 -9.79
N GLY D 274 -15.14 -0.92 -9.98
CA GLY D 274 -15.73 -1.80 -11.01
C GLY D 274 -15.32 -1.31 -12.38
N PHE D 275 -15.40 0.00 -12.62
CA PHE D 275 -14.97 0.62 -13.91
C PHE D 275 -13.48 0.36 -14.13
N ALA D 276 -12.69 0.34 -13.05
CA ALA D 276 -11.24 0.11 -13.10
C ALA D 276 -10.95 -1.31 -13.56
N ARG D 277 -11.58 -2.29 -12.91
N ARG D 277 -11.57 -2.29 -12.92
CA ARG D 277 -11.42 -3.73 -13.27
CA ARG D 277 -11.40 -3.72 -13.30
C ARG D 277 -11.89 -3.92 -14.73
C ARG D 277 -11.87 -3.90 -14.76
N ARG D 278 -13.02 -3.34 -15.11
CA ARG D 278 -13.53 -3.47 -16.50
C ARG D 278 -12.61 -2.74 -17.47
N SER D 279 -11.92 -1.67 -17.05
CA SER D 279 -10.93 -0.98 -17.92
C SER D 279 -9.74 -1.91 -18.18
N GLY D 280 -9.23 -2.61 -17.15
CA GLY D 280 -8.15 -3.58 -17.34
C GLY D 280 -8.59 -4.74 -18.22
N GLN D 281 -9.83 -5.19 -18.10
CA GLN D 281 -10.36 -6.28 -18.98
C GLN D 281 -10.47 -5.76 -20.41
N ALA D 282 -11.01 -4.55 -20.58
CA ALA D 282 -11.21 -3.96 -21.93
C ALA D 282 -9.88 -3.86 -22.71
N VAL D 283 -8.81 -3.38 -22.09
CA VAL D 283 -7.56 -3.13 -22.85
C VAL D 283 -7.03 -4.46 -23.40
N VAL D 284 -7.20 -5.54 -22.65
CA VAL D 284 -6.68 -6.87 -23.08
C VAL D 284 -7.52 -7.33 -24.29
N GLU D 285 -8.82 -7.08 -24.28
CA GLU D 285 -9.71 -7.44 -25.41
C GLU D 285 -9.39 -6.59 -26.65
N LEU D 286 -9.03 -5.32 -26.49
CA LEU D 286 -8.58 -4.48 -27.64
C LEU D 286 -7.33 -5.13 -28.28
N LEU D 287 -6.39 -5.60 -27.46
CA LEU D 287 -5.18 -6.29 -27.97
C LEU D 287 -5.59 -7.56 -28.72
N ARG D 288 -6.53 -8.31 -28.18
CA ARG D 288 -7.01 -9.53 -28.85
C ARG D 288 -7.61 -9.16 -30.23
N ARG D 289 -8.31 -8.03 -30.32
CA ARG D 289 -8.98 -7.52 -31.55
C ARG D 289 -7.97 -6.86 -32.50
N GLY D 290 -6.76 -6.55 -32.06
CA GLY D 290 -5.76 -5.79 -32.83
C GLY D 290 -6.15 -4.33 -32.96
N ILE D 291 -6.90 -3.80 -31.98
CA ILE D 291 -7.39 -2.38 -31.97
C ILE D 291 -6.35 -1.51 -31.26
N THR D 292 -6.05 -0.34 -31.81
CA THR D 292 -5.14 0.66 -31.21
C THR D 292 -5.83 2.01 -31.05
N ALA D 293 -5.23 2.94 -30.29
CA ALA D 293 -5.88 4.21 -29.91
C ALA D 293 -6.32 4.97 -31.18
N ARG D 294 -5.53 4.97 -32.27
CA ARG D 294 -5.88 5.76 -33.49
C ARG D 294 -7.00 5.09 -34.28
N ASP D 295 -7.37 3.83 -34.01
CA ASP D 295 -8.61 3.27 -34.59
C ASP D 295 -9.85 3.88 -33.91
N ILE D 296 -9.68 4.40 -32.70
CA ILE D 296 -10.79 4.97 -31.90
C ILE D 296 -10.79 6.51 -32.09
N LEU D 297 -9.63 7.16 -32.02
CA LEU D 297 -9.47 8.62 -32.15
C LEU D 297 -9.51 9.01 -33.66
N THR D 298 -10.66 8.88 -34.25
CA THR D 298 -10.88 9.33 -35.65
C THR D 298 -11.41 10.76 -35.63
N LYS D 299 -11.50 11.38 -36.79
CA LYS D 299 -12.06 12.74 -36.92
C LYS D 299 -13.46 12.72 -36.32
N GLU D 300 -14.27 11.71 -36.62
CA GLU D 300 -15.65 11.62 -36.10
C GLU D 300 -15.62 11.55 -34.56
N ALA D 301 -14.68 10.80 -33.97
CA ALA D 301 -14.65 10.70 -32.48
C ALA D 301 -14.36 12.09 -31.89
N PHE D 302 -13.45 12.86 -32.50
CA PHE D 302 -13.13 14.24 -32.07
C PHE D 302 -14.39 15.10 -32.23
N GLU D 303 -15.18 14.89 -33.29
CA GLU D 303 -16.42 15.69 -33.49
C GLU D 303 -17.42 15.31 -32.38
N ASN D 304 -17.46 14.03 -31.98
CA ASN D 304 -18.33 13.57 -30.87
C ASN D 304 -17.88 14.24 -29.56
N ALA D 305 -16.55 14.36 -29.30
CA ALA D 305 -16.01 15.05 -28.11
C ALA D 305 -16.43 16.52 -28.14
N ILE D 306 -16.28 17.18 -29.30
CA ILE D 306 -16.67 18.60 -29.44
C ILE D 306 -18.17 18.72 -29.08
N ALA D 307 -19.03 17.89 -29.65
CA ALA D 307 -20.48 17.97 -29.44
C ALA D 307 -20.77 17.80 -27.94
N VAL D 308 -20.21 16.76 -27.33
CA VAL D 308 -20.42 16.52 -25.87
C VAL D 308 -19.93 17.71 -25.06
N VAL D 309 -18.75 18.27 -25.34
CA VAL D 309 -18.19 19.40 -24.56
C VAL D 309 -19.12 20.63 -24.76
N MET D 310 -19.53 20.87 -26.00
CA MET D 310 -20.49 21.97 -26.35
C MET D 310 -21.80 21.74 -25.58
N ALA D 311 -22.29 20.51 -25.47
CA ALA D 311 -23.56 20.22 -24.78
C ALA D 311 -23.43 20.37 -23.26
N PHE D 312 -22.24 20.15 -22.66
CA PHE D 312 -22.00 20.30 -21.20
C PHE D 312 -21.65 21.76 -20.83
N GLY D 313 -21.52 22.66 -21.81
CA GLY D 313 -20.85 23.96 -21.59
C GLY D 313 -19.54 23.73 -20.83
N GLY D 314 -18.76 22.77 -21.34
CA GLY D 314 -17.44 22.40 -20.80
C GLY D 314 -16.49 23.56 -20.81
N SER D 315 -15.36 23.39 -20.13
CA SER D 315 -14.26 24.37 -20.03
C SER D 315 -13.73 24.72 -21.43
N THR D 316 -13.49 26.00 -21.66
CA THR D 316 -12.85 26.51 -22.89
C THR D 316 -11.47 25.85 -23.03
N ASN D 317 -10.88 25.36 -21.93
CA ASN D 317 -9.60 24.61 -21.94
C ASN D 317 -9.71 23.36 -22.83
N ALA D 318 -10.89 22.78 -22.96
CA ALA D 318 -11.12 21.56 -23.77
C ALA D 318 -10.89 21.87 -25.26
N VAL D 319 -10.95 23.13 -25.69
CA VAL D 319 -10.58 23.47 -27.09
C VAL D 319 -9.08 23.25 -27.28
N LEU D 320 -8.28 23.78 -26.37
CA LEU D 320 -6.82 23.62 -26.41
C LEU D 320 -6.48 22.13 -26.37
N HIS D 321 -7.08 21.38 -25.43
CA HIS D 321 -6.65 19.97 -25.18
C HIS D 321 -7.08 19.06 -26.31
N LEU D 322 -8.32 19.18 -26.80
CA LEU D 322 -8.79 18.34 -27.90
C LEU D 322 -8.02 18.67 -29.18
N LEU D 323 -7.63 19.92 -29.43
CA LEU D 323 -6.77 20.23 -30.61
C LEU D 323 -5.43 19.48 -30.45
N ALA D 324 -4.85 19.51 -29.25
CA ALA D 324 -3.55 18.87 -28.99
C ALA D 324 -3.64 17.35 -29.15
N ILE D 325 -4.71 16.72 -28.66
CA ILE D 325 -4.90 15.24 -28.73
C ILE D 325 -5.08 14.85 -30.20
N ALA D 326 -5.87 15.61 -30.97
CA ALA D 326 -6.00 15.37 -32.43
C ALA D 326 -4.61 15.44 -33.05
N HIS D 327 -3.82 16.46 -32.79
CA HIS D 327 -2.44 16.58 -33.34
C HIS D 327 -1.61 15.33 -33.02
N GLU D 328 -1.63 14.87 -31.78
CA GLU D 328 -0.88 13.67 -31.33
C GLU D 328 -1.43 12.40 -31.99
N ALA D 329 -2.71 12.35 -32.40
CA ALA D 329 -3.32 11.21 -33.11
C ALA D 329 -3.10 11.35 -34.62
N ASN D 330 -2.39 12.37 -35.07
CA ASN D 330 -2.26 12.73 -36.52
C ASN D 330 -3.66 12.75 -37.16
N VAL D 331 -4.60 13.47 -36.54
CA VAL D 331 -5.95 13.69 -37.13
C VAL D 331 -6.17 15.18 -37.39
N ALA D 332 -6.65 15.50 -38.59
CA ALA D 332 -6.88 16.90 -38.99
C ALA D 332 -7.98 17.43 -38.08
N LEU D 333 -7.72 18.45 -37.27
CA LEU D 333 -8.78 19.15 -36.51
C LEU D 333 -8.39 20.61 -36.37
N SER D 334 -9.33 21.52 -36.65
CA SER D 334 -9.10 22.99 -36.57
C SER D 334 -10.12 23.64 -35.62
N LEU D 335 -9.82 24.87 -35.20
CA LEU D 335 -10.79 25.76 -34.49
C LEU D 335 -12.10 25.80 -35.26
N GLN D 336 -12.08 25.81 -36.60
CA GLN D 336 -13.35 25.93 -37.35
C GLN D 336 -14.22 24.69 -37.19
N ASP D 337 -13.63 23.51 -36.97
CA ASP D 337 -14.41 22.27 -36.70
C ASP D 337 -15.18 22.48 -35.38
N PHE D 338 -14.62 23.24 -34.44
CA PHE D 338 -15.32 23.57 -33.18
C PHE D 338 -16.55 24.44 -33.47
N SER D 339 -16.39 25.48 -34.29
CA SER D 339 -17.50 26.35 -34.75
C SER D 339 -18.60 25.53 -35.40
N ARG D 340 -18.25 24.78 -36.45
CA ARG D 340 -19.22 24.00 -37.28
C ARG D 340 -20.01 23.06 -36.40
N ILE D 341 -19.37 22.27 -35.53
CA ILE D 341 -20.11 21.27 -34.70
C ILE D 341 -20.90 22.04 -33.64
N GLY D 342 -20.26 23.00 -32.98
CA GLY D 342 -20.88 23.81 -31.92
C GLY D 342 -22.09 24.60 -32.38
N SER D 343 -22.14 25.05 -33.64
CA SER D 343 -23.32 25.80 -34.14
C SER D 343 -24.54 24.87 -34.18
N GLY D 344 -24.37 23.55 -34.27
CA GLY D 344 -25.49 22.59 -34.38
C GLY D 344 -25.87 21.89 -33.08
N VAL D 345 -25.20 22.15 -31.97
CA VAL D 345 -25.39 21.37 -30.71
C VAL D 345 -25.85 22.30 -29.60
N PRO D 346 -26.98 22.05 -28.93
CA PRO D 346 -27.44 22.93 -27.86
C PRO D 346 -26.64 22.76 -26.56
N HIS D 347 -26.51 23.85 -25.80
CA HIS D 347 -25.99 23.86 -24.42
C HIS D 347 -27.08 23.28 -23.50
N LEU D 348 -26.84 22.11 -22.91
CA LEU D 348 -27.84 21.39 -22.09
C LEU D 348 -27.47 21.41 -20.60
N ALA D 349 -26.19 21.29 -20.21
CA ALA D 349 -25.81 21.03 -18.80
C ALA D 349 -25.87 22.33 -18.01
N ASP D 350 -26.63 22.36 -16.91
CA ASP D 350 -26.67 23.52 -15.99
C ASP D 350 -25.66 23.26 -14.89
N VAL D 351 -24.37 23.44 -15.17
CA VAL D 351 -23.29 22.99 -14.25
C VAL D 351 -22.39 24.17 -13.92
N LYS D 352 -21.91 24.16 -12.68
CA LYS D 352 -20.83 25.04 -12.20
C LYS D 352 -19.66 24.95 -13.18
N PRO D 353 -18.83 26.01 -13.28
CA PRO D 353 -19.00 27.22 -12.47
C PRO D 353 -20.09 28.21 -12.92
N PHE D 354 -20.56 28.13 -14.17
CA PHE D 354 -21.52 29.12 -14.74
C PHE D 354 -22.96 28.74 -14.38
N GLY D 355 -23.26 27.44 -14.22
CA GLY D 355 -24.57 26.92 -13.76
C GLY D 355 -24.59 26.50 -12.30
N ARG D 356 -25.58 25.69 -11.96
CA ARG D 356 -26.01 25.36 -10.58
C ARG D 356 -25.33 24.07 -10.09
N HIS D 357 -25.20 23.05 -10.95
CA HIS D 357 -24.91 21.68 -10.45
C HIS D 357 -23.43 21.29 -10.62
N VAL D 358 -23.08 20.14 -10.05
CA VAL D 358 -21.69 19.59 -10.07
C VAL D 358 -21.77 18.14 -10.57
N MET D 359 -20.61 17.52 -10.74
CA MET D 359 -20.52 16.20 -11.43
C MET D 359 -21.31 15.16 -10.62
N SER D 360 -21.33 15.26 -9.28
CA SER D 360 -22.08 14.32 -8.42
C SER D 360 -23.57 14.38 -8.79
N ASP D 361 -24.09 15.54 -9.24
CA ASP D 361 -25.50 15.68 -9.70
C ASP D 361 -25.69 15.03 -11.07
N VAL D 362 -24.73 15.18 -11.96
CA VAL D 362 -24.75 14.52 -13.31
C VAL D 362 -24.72 13.00 -13.09
N ASP D 363 -23.91 12.53 -12.13
CA ASP D 363 -23.87 11.10 -11.78
C ASP D 363 -25.28 10.65 -11.38
N HIS D 364 -25.93 11.39 -10.47
CA HIS D 364 -27.26 11.03 -9.92
C HIS D 364 -28.31 10.83 -11.04
N ILE D 365 -28.27 11.60 -12.12
CA ILE D 365 -29.30 11.55 -13.19
C ILE D 365 -28.84 10.67 -14.36
N GLY D 366 -27.67 10.01 -14.24
CA GLY D 366 -27.28 8.93 -15.15
C GLY D 366 -25.96 9.16 -15.89
N GLY D 367 -25.28 10.27 -15.60
CA GLY D 367 -23.93 10.56 -16.05
C GLY D 367 -23.86 10.92 -17.54
N VAL D 368 -22.65 10.85 -18.06
CA VAL D 368 -22.33 11.34 -19.43
C VAL D 368 -23.17 10.62 -20.49
N PRO D 369 -23.44 9.30 -20.39
CA PRO D 369 -24.28 8.61 -21.38
C PRO D 369 -25.65 9.24 -21.64
N VAL D 370 -26.23 9.93 -20.67
CA VAL D 370 -27.52 10.65 -20.90
C VAL D 370 -27.34 11.73 -21.98
N VAL D 371 -26.28 12.54 -21.90
CA VAL D 371 -26.01 13.60 -22.90
C VAL D 371 -25.69 12.90 -24.22
N MET D 372 -24.87 11.86 -24.19
CA MET D 372 -24.44 11.20 -25.46
C MET D 372 -25.68 10.63 -26.14
N LYS D 373 -26.59 9.95 -25.41
CA LYS D 373 -27.79 9.36 -26.03
C LYS D 373 -28.70 10.48 -26.60
N ALA D 374 -28.88 11.59 -25.88
CA ALA D 374 -29.75 12.71 -26.31
C ALA D 374 -29.22 13.25 -27.65
N LEU D 375 -27.90 13.39 -27.78
CA LEU D 375 -27.28 13.91 -29.02
C LEU D 375 -27.39 12.87 -30.13
N LEU D 376 -27.17 11.61 -29.80
CA LEU D 376 -27.26 10.57 -30.85
C LEU D 376 -28.69 10.55 -31.40
N ASP D 377 -29.71 10.55 -30.53
CA ASP D 377 -31.12 10.47 -30.98
C ASP D 377 -31.50 11.70 -31.84
N ALA D 378 -30.83 12.83 -31.68
CA ALA D 378 -31.10 14.09 -32.40
C ALA D 378 -30.22 14.20 -33.65
N GLY D 379 -29.41 13.18 -33.94
CA GLY D 379 -28.56 13.13 -35.14
C GLY D 379 -27.36 14.04 -34.97
N LEU D 380 -26.95 14.29 -33.74
CA LEU D 380 -25.84 15.21 -33.40
C LEU D 380 -24.60 14.45 -32.90
N LEU D 381 -24.56 13.13 -33.05
CA LEU D 381 -23.40 12.30 -32.65
C LEU D 381 -23.19 11.23 -33.71
N HIS D 382 -21.94 10.94 -34.04
CA HIS D 382 -21.58 9.82 -34.97
C HIS D 382 -21.64 8.51 -34.19
N GLY D 383 -22.71 7.75 -34.42
CA GLY D 383 -23.02 6.47 -33.78
C GLY D 383 -22.00 5.38 -34.09
N ASP D 384 -21.29 5.46 -35.22
CA ASP D 384 -20.48 4.32 -35.78
C ASP D 384 -19.01 4.36 -35.30
N CYS D 385 -18.65 5.30 -34.43
CA CYS D 385 -17.27 5.41 -33.90
C CYS D 385 -16.97 4.20 -33.01
N LEU D 386 -15.90 3.49 -33.32
CA LEU D 386 -15.38 2.37 -32.50
C LEU D 386 -14.90 2.93 -31.15
N THR D 387 -15.10 2.18 -30.08
CA THR D 387 -14.74 2.60 -28.72
C THR D 387 -13.87 1.55 -28.04
N VAL D 388 -13.41 1.84 -26.83
CA VAL D 388 -12.54 0.90 -26.06
C VAL D 388 -13.36 -0.32 -25.62
N THR D 389 -14.68 -0.35 -25.74
CA THR D 389 -15.48 -1.58 -25.48
C THR D 389 -15.25 -2.60 -26.59
N GLY D 390 -14.66 -2.19 -27.71
CA GLY D 390 -14.63 -3.00 -28.95
C GLY D 390 -15.91 -2.88 -29.75
N HIS D 391 -16.88 -2.09 -29.26
CA HIS D 391 -18.17 -1.84 -29.94
C HIS D 391 -18.31 -0.36 -30.22
N THR D 392 -19.31 0.00 -31.01
CA THR D 392 -19.52 1.39 -31.47
C THR D 392 -20.22 2.15 -30.35
N MET D 393 -20.15 3.47 -30.46
CA MET D 393 -20.84 4.40 -29.54
C MET D 393 -22.31 4.02 -29.49
N ALA D 394 -22.97 3.84 -30.64
CA ALA D 394 -24.40 3.49 -30.71
C ALA D 394 -24.65 2.14 -30.02
N GLU D 395 -23.83 1.12 -30.32
CA GLU D 395 -23.95 -0.24 -29.69
C GLU D 395 -23.77 -0.11 -28.17
N ASN D 396 -22.79 0.67 -27.69
CA ASN D 396 -22.61 0.90 -26.21
C ASN D 396 -23.87 1.51 -25.60
N LEU D 397 -24.43 2.55 -26.20
CA LEU D 397 -25.62 3.27 -25.67
C LEU D 397 -26.85 2.37 -25.71
N ALA D 398 -27.01 1.56 -26.75
CA ALA D 398 -28.10 0.55 -26.81
C ALA D 398 -27.96 -0.43 -25.65
N ALA D 399 -26.72 -0.81 -25.29
CA ALA D 399 -26.46 -1.83 -24.25
C ALA D 399 -26.84 -1.28 -22.86
N ILE D 400 -26.58 -0.02 -22.57
CA ILE D 400 -26.75 0.52 -21.19
C ILE D 400 -28.01 1.39 -21.09
N THR D 401 -28.67 1.71 -22.20
CA THR D 401 -29.96 2.44 -22.27
C THR D 401 -30.02 3.51 -21.18
N PRO D 402 -29.30 4.63 -21.34
CA PRO D 402 -29.39 5.72 -20.39
C PRO D 402 -30.83 6.27 -20.42
N PRO D 403 -31.29 6.89 -19.32
CA PRO D 403 -32.55 7.64 -19.37
C PRO D 403 -32.44 8.94 -20.20
N ASP D 404 -33.60 9.54 -20.48
CA ASP D 404 -33.71 10.91 -21.08
C ASP D 404 -33.13 11.93 -20.12
N PRO D 405 -32.69 13.10 -20.62
CA PRO D 405 -32.28 14.19 -19.74
C PRO D 405 -33.34 14.44 -18.65
N ASP D 406 -32.91 14.62 -17.40
CA ASP D 406 -33.82 14.87 -16.24
C ASP D 406 -34.57 16.20 -16.45
N GLY D 407 -33.92 17.21 -17.03
CA GLY D 407 -34.54 18.52 -17.35
C GLY D 407 -34.03 19.64 -16.47
N LYS D 408 -33.42 19.33 -15.32
CA LYS D 408 -32.85 20.35 -14.40
C LYS D 408 -31.31 20.34 -14.52
N VAL D 409 -30.67 19.20 -14.20
CA VAL D 409 -29.19 19.08 -14.27
C VAL D 409 -28.78 19.18 -15.75
N LEU D 410 -29.42 18.35 -16.59
CA LEU D 410 -29.29 18.31 -18.05
C LEU D 410 -30.64 18.70 -18.64
N ARG D 411 -30.70 19.82 -19.35
CA ARG D 411 -31.97 20.33 -19.91
C ARG D 411 -32.45 19.32 -20.95
N ALA D 412 -33.75 19.24 -21.17
CA ALA D 412 -34.31 18.51 -22.31
C ALA D 412 -33.82 19.21 -23.58
N LEU D 413 -33.57 18.44 -24.64
CA LEU D 413 -33.11 18.99 -25.95
C LEU D 413 -34.03 20.12 -26.43
N ALA D 414 -35.33 20.07 -26.15
CA ALA D 414 -36.31 21.09 -26.59
C ALA D 414 -36.29 22.33 -25.65
N ASN D 415 -35.62 22.27 -24.50
CA ASN D 415 -35.56 23.41 -23.54
C ASN D 415 -34.11 23.70 -23.14
N PRO D 416 -33.21 23.98 -24.10
CA PRO D 416 -31.79 24.11 -23.78
C PRO D 416 -31.45 25.46 -23.15
N ILE D 417 -30.28 25.55 -22.50
CA ILE D 417 -29.73 26.82 -21.93
C ILE D 417 -29.49 27.79 -23.09
N HIS D 418 -29.14 27.25 -24.27
CA HIS D 418 -28.81 27.99 -25.52
C HIS D 418 -28.96 27.03 -26.70
N PRO D 419 -29.57 27.45 -27.83
CA PRO D 419 -29.83 26.52 -28.93
C PRO D 419 -28.55 26.03 -29.63
N SER D 420 -27.42 26.69 -29.37
CA SER D 420 -26.11 26.32 -29.97
C SER D 420 -25.08 26.17 -28.85
N GLY D 421 -23.83 25.87 -29.23
CA GLY D 421 -22.79 25.37 -28.32
C GLY D 421 -22.47 26.31 -27.20
N GLY D 422 -22.13 25.73 -26.03
CA GLY D 422 -21.70 26.45 -24.82
C GLY D 422 -20.39 27.22 -25.01
N ILE D 423 -19.63 26.96 -26.08
CA ILE D 423 -18.33 27.64 -26.36
C ILE D 423 -18.41 28.23 -27.76
N THR D 424 -17.89 29.45 -27.94
CA THR D 424 -17.94 30.18 -29.22
C THR D 424 -16.52 30.38 -29.73
N ILE D 425 -16.24 30.04 -30.99
CA ILE D 425 -14.94 30.34 -31.64
C ILE D 425 -15.10 31.65 -32.42
N LEU D 426 -14.15 32.57 -32.24
CA LEU D 426 -14.08 33.87 -32.93
C LEU D 426 -12.89 33.88 -33.89
N HIS D 427 -13.09 34.57 -35.02
CA HIS D 427 -12.03 35.08 -35.91
C HIS D 427 -12.28 36.57 -36.19
N GLY D 428 -11.26 37.25 -36.72
CA GLY D 428 -11.32 38.68 -37.05
C GLY D 428 -9.92 39.26 -37.00
N SER D 429 -9.81 40.57 -37.14
CA SER D 429 -8.53 41.30 -37.38
CA SER D 429 -8.54 41.29 -37.39
C SER D 429 -7.69 41.32 -36.12
N LEU D 430 -8.30 41.11 -34.96
CA LEU D 430 -7.52 41.07 -33.70
C LEU D 430 -7.02 39.63 -33.48
N ALA D 431 -7.77 38.63 -33.95
CA ALA D 431 -7.46 37.19 -33.77
C ALA D 431 -7.70 36.46 -35.09
N PRO D 432 -6.81 36.64 -36.08
CA PRO D 432 -7.00 36.01 -37.38
C PRO D 432 -6.81 34.47 -37.32
N GLU D 433 -6.05 33.96 -36.34
CA GLU D 433 -5.86 32.50 -36.10
C GLU D 433 -6.77 32.03 -34.95
N GLY D 434 -7.68 32.87 -34.47
CA GLY D 434 -8.85 32.40 -33.70
C GLY D 434 -8.71 32.77 -32.24
N ALA D 435 -9.84 32.71 -31.53
CA ALA D 435 -9.92 32.92 -30.08
C ALA D 435 -11.17 32.23 -29.57
N VAL D 436 -11.31 32.11 -28.25
CA VAL D 436 -12.43 31.30 -27.69
C VAL D 436 -13.10 32.13 -26.59
N VAL D 437 -14.41 31.96 -26.46
CA VAL D 437 -15.19 32.69 -25.41
C VAL D 437 -16.32 31.77 -25.00
N LYS D 438 -16.68 31.78 -23.71
CA LYS D 438 -17.90 31.09 -23.23
C LYS D 438 -19.12 31.81 -23.83
N THR D 439 -20.09 31.04 -24.33
CA THR D 439 -21.29 31.61 -24.99
C THR D 439 -22.21 32.27 -23.94
N ALA D 440 -22.81 33.41 -24.28
CA ALA D 440 -23.80 34.15 -23.46
C ALA D 440 -25.23 33.87 -23.96
N GLY D 441 -26.21 34.68 -23.57
CA GLY D 441 -27.60 34.62 -24.08
C GLY D 441 -27.64 34.87 -25.59
N SER D 444 -25.88 37.45 -26.09
CA SER D 444 -26.27 38.81 -25.63
C SER D 444 -26.19 39.79 -26.81
N ASP D 445 -25.68 41.00 -26.57
CA ASP D 445 -25.56 42.08 -27.59
C ASP D 445 -24.13 42.15 -28.13
N VAL D 446 -23.88 43.04 -29.11
CA VAL D 446 -22.53 43.32 -29.67
C VAL D 446 -21.81 44.28 -28.72
N PHE D 447 -20.51 44.09 -28.52
CA PHE D 447 -19.72 44.98 -27.62
C PHE D 447 -18.65 45.70 -28.44
N GLU D 448 -18.53 47.01 -28.25
CA GLU D 448 -17.50 47.90 -28.84
C GLU D 448 -16.88 48.70 -27.70
N GLY D 449 -15.57 48.84 -27.68
CA GLY D 449 -14.88 49.51 -26.57
C GLY D 449 -13.55 50.05 -26.99
N THR D 450 -13.01 50.99 -26.23
CA THR D 450 -11.67 51.57 -26.47
CA THR D 450 -11.67 51.57 -26.48
C THR D 450 -10.64 50.67 -25.79
N ALA D 451 -9.66 50.21 -26.56
CA ALA D 451 -8.60 49.27 -26.10
C ALA D 451 -7.81 49.93 -24.98
N ARG D 452 -7.58 49.18 -23.91
CA ARG D 452 -6.68 49.55 -22.80
C ARG D 452 -5.68 48.39 -22.62
N VAL D 453 -4.41 48.62 -22.95
CA VAL D 453 -3.44 47.53 -23.34
C VAL D 453 -2.41 47.34 -22.24
N PHE D 454 -2.23 46.09 -21.78
CA PHE D 454 -1.31 45.73 -20.67
C PHE D 454 -0.40 44.56 -21.08
N ASP D 455 0.88 44.67 -20.72
CA ASP D 455 1.87 43.59 -20.86
C ASP D 455 1.87 42.82 -19.54
N GLY D 456 1.07 41.75 -19.47
CA GLY D 456 0.95 40.89 -18.28
C GLY D 456 -0.20 41.32 -17.39
N GLU D 457 -0.71 40.38 -16.60
CA GLU D 457 -1.90 40.59 -15.74
C GLU D 457 -1.62 41.68 -14.70
N ARG D 458 -0.43 41.66 -14.08
CA ARG D 458 -0.03 42.55 -12.96
C ARG D 458 -0.31 44.03 -13.34
N ALA D 459 0.02 44.41 -14.57
CA ALA D 459 -0.12 45.78 -15.08
C ALA D 459 -1.60 46.15 -15.10
N ALA D 460 -2.47 45.23 -15.52
CA ALA D 460 -3.93 45.49 -15.62
C ALA D 460 -4.52 45.62 -14.22
N LEU D 461 -4.09 44.77 -13.29
CA LEU D 461 -4.55 44.83 -11.88
C LEU D 461 -4.18 46.20 -11.27
N ASP D 462 -2.98 46.72 -11.58
CA ASP D 462 -2.49 48.04 -11.10
C ASP D 462 -3.40 49.15 -11.66
N ALA D 463 -3.64 49.13 -12.97
CA ALA D 463 -4.49 50.09 -13.70
C ALA D 463 -5.91 50.04 -13.12
N LEU D 464 -6.43 48.85 -12.80
CA LEU D 464 -7.78 48.71 -12.19
C LEU D 464 -7.74 49.39 -10.81
N GLU D 465 -6.67 49.16 -10.04
CA GLU D 465 -6.51 49.73 -8.66
C GLU D 465 -6.43 51.26 -8.74
N ASP D 466 -5.80 51.81 -9.78
CA ASP D 466 -5.59 53.27 -9.94
C ASP D 466 -6.78 53.94 -10.63
N GLY D 467 -7.81 53.20 -11.02
CA GLY D 467 -9.08 53.75 -11.55
C GLY D 467 -9.03 54.05 -13.04
N THR D 468 -7.98 53.63 -13.76
CA THR D 468 -7.81 53.90 -15.22
C THR D 468 -8.48 52.83 -16.08
N ILE D 469 -9.30 51.97 -15.48
CA ILE D 469 -10.18 51.02 -16.23
C ILE D 469 -11.63 51.33 -15.84
N THR D 470 -12.46 51.68 -16.83
CA THR D 470 -13.84 52.16 -16.60
C THR D 470 -14.80 51.51 -17.59
N VAL D 471 -16.09 51.78 -17.42
CA VAL D 471 -17.19 51.31 -18.32
C VAL D 471 -16.80 51.62 -19.77
N GLY D 472 -17.04 50.67 -20.67
CA GLY D 472 -16.78 50.81 -22.12
C GLY D 472 -15.35 50.45 -22.53
N ASP D 473 -14.45 50.18 -21.59
CA ASP D 473 -13.05 49.80 -21.92
C ASP D 473 -13.01 48.36 -22.44
N ALA D 474 -12.09 48.10 -23.36
CA ALA D 474 -11.66 46.73 -23.75
C ALA D 474 -10.29 46.48 -23.09
N VAL D 475 -10.23 45.72 -22.01
CA VAL D 475 -8.95 45.47 -21.28
C VAL D 475 -8.23 44.30 -21.97
N VAL D 476 -7.00 44.56 -22.42
CA VAL D 476 -6.22 43.61 -23.25
C VAL D 476 -4.99 43.25 -22.41
N ILE D 477 -4.91 41.98 -22.01
CA ILE D 477 -3.73 41.42 -21.30
C ILE D 477 -2.99 40.54 -22.30
N ARG D 478 -1.83 41.02 -22.77
CA ARG D 478 -1.00 40.31 -23.78
C ARG D 478 0.28 39.83 -23.11
N TYR D 479 1.10 39.06 -23.83
CA TYR D 479 2.34 38.42 -23.32
C TYR D 479 1.95 37.45 -22.19
N GLU D 480 0.79 36.82 -22.36
CA GLU D 480 0.30 35.72 -21.46
C GLU D 480 0.10 34.43 -22.26
N GLY D 481 0.67 34.34 -23.48
CA GLY D 481 0.46 33.18 -24.35
C GLY D 481 1.36 32.00 -23.95
N PRO D 482 1.31 30.87 -24.67
CA PRO D 482 2.20 29.75 -24.40
C PRO D 482 3.66 30.21 -24.29
N LYS D 483 4.12 31.03 -25.26
CA LYS D 483 5.51 31.57 -25.27
C LYS D 483 5.61 32.77 -24.33
N GLY D 484 4.61 33.68 -24.33
CA GLY D 484 4.75 34.98 -23.63
C GLY D 484 4.73 34.90 -22.12
N GLY D 485 3.80 34.13 -21.56
CA GLY D 485 3.62 33.98 -20.11
C GLY D 485 4.92 33.72 -19.37
N PRO D 486 5.60 32.58 -19.63
CA PRO D 486 5.14 31.53 -20.54
C PRO D 486 4.13 30.61 -19.85
N GLY D 487 3.58 29.66 -20.60
CA GLY D 487 2.69 28.61 -20.04
C GLY D 487 1.23 28.94 -20.17
N MET D 488 0.87 30.08 -20.78
CA MET D 488 -0.56 30.37 -21.06
C MET D 488 -1.38 30.23 -19.76
N ARG D 489 -1.00 30.95 -18.71
CA ARG D 489 -1.70 30.94 -17.40
C ARG D 489 -3.21 31.16 -17.58
N GLU D 490 -4.02 30.41 -16.82
N GLU D 490 -4.00 30.39 -16.84
CA GLU D 490 -5.47 30.66 -16.68
CA GLU D 490 -5.45 30.63 -16.57
C GLU D 490 -5.65 31.72 -15.58
C GLU D 490 -5.53 31.75 -15.54
N MET D 491 -5.76 32.98 -15.98
CA MET D 491 -5.79 34.13 -15.05
C MET D 491 -7.14 34.19 -14.37
N LEU D 492 -7.13 34.28 -13.04
CA LEU D 492 -8.37 34.45 -12.23
C LEU D 492 -8.33 35.76 -11.44
N ALA D 493 -7.17 36.40 -11.21
CA ALA D 493 -7.10 37.62 -10.38
C ALA D 493 -7.84 38.78 -11.08
N ILE D 494 -7.54 39.04 -12.35
CA ILE D 494 -8.15 40.21 -13.07
C ILE D 494 -9.66 40.02 -13.18
N THR D 495 -10.15 38.81 -13.47
CA THR D 495 -11.61 38.56 -13.59
C THR D 495 -12.25 38.77 -12.22
N GLY D 496 -11.61 38.25 -11.17
CA GLY D 496 -12.07 38.44 -9.78
C GLY D 496 -12.17 39.91 -9.43
N ALA D 497 -11.13 40.70 -9.74
CA ALA D 497 -11.07 42.13 -9.35
C ALA D 497 -12.07 42.94 -10.20
N ILE D 498 -12.24 42.61 -11.47
CA ILE D 498 -13.21 43.32 -12.36
C ILE D 498 -14.60 43.13 -11.77
N LYS D 499 -14.95 41.88 -11.42
CA LYS D 499 -16.26 41.56 -10.84
C LYS D 499 -16.42 42.35 -9.53
N GLY D 500 -15.43 42.28 -8.64
CA GLY D 500 -15.44 42.99 -7.34
C GLY D 500 -15.62 44.49 -7.49
N ALA D 501 -15.01 45.11 -8.50
CA ALA D 501 -15.08 46.56 -8.76
C ALA D 501 -16.42 46.89 -9.42
N GLY D 502 -17.29 45.91 -9.60
CA GLY D 502 -18.64 46.08 -10.18
C GLY D 502 -18.63 46.31 -11.68
N LEU D 503 -17.53 45.97 -12.36
CA LEU D 503 -17.32 46.26 -13.81
C LEU D 503 -17.58 45.00 -14.64
N GLY D 504 -18.14 43.95 -14.04
CA GLY D 504 -18.34 42.62 -14.66
C GLY D 504 -18.95 42.70 -16.06
N LYS D 505 -20.04 43.46 -16.25
CA LYS D 505 -20.85 43.46 -17.49
C LYS D 505 -20.59 44.70 -18.34
N ASP D 506 -19.61 45.51 -17.98
CA ASP D 506 -19.38 46.83 -18.62
C ASP D 506 -18.00 46.86 -19.29
N VAL D 507 -17.17 45.85 -19.03
CA VAL D 507 -15.78 45.80 -19.56
C VAL D 507 -15.61 44.48 -20.32
N LEU D 508 -14.85 44.53 -21.39
CA LEU D 508 -14.47 43.33 -22.17
C LEU D 508 -13.04 42.93 -21.76
N LEU D 509 -12.83 41.66 -21.41
CA LEU D 509 -11.46 41.14 -21.11
C LEU D 509 -10.96 40.32 -22.30
N LEU D 510 -9.75 40.59 -22.76
CA LEU D 510 -9.16 39.94 -23.95
C LEU D 510 -7.73 39.51 -23.63
N THR D 511 -7.36 38.27 -23.99
CA THR D 511 -5.98 37.80 -23.76
C THR D 511 -5.53 36.76 -24.80
N ASP D 512 -4.22 36.72 -24.98
CA ASP D 512 -3.54 35.59 -25.67
C ASP D 512 -3.28 34.44 -24.66
N GLY D 513 -3.57 34.64 -23.35
CA GLY D 513 -3.57 33.60 -22.31
C GLY D 513 -4.92 32.96 -22.20
N ARG D 514 -5.33 32.61 -20.96
CA ARG D 514 -6.62 31.98 -20.64
C ARG D 514 -7.18 32.73 -19.44
N PHE D 515 -8.49 32.66 -19.28
CA PHE D 515 -9.24 33.27 -18.16
C PHE D 515 -10.00 32.17 -17.42
N SER D 516 -10.14 32.29 -16.10
CA SER D 516 -11.17 31.58 -15.31
C SER D 516 -12.02 32.61 -14.55
N GLY D 517 -13.31 32.32 -14.33
CA GLY D 517 -14.12 32.95 -13.26
C GLY D 517 -14.77 34.28 -13.67
N GLY D 518 -14.92 34.56 -14.96
CA GLY D 518 -15.44 35.85 -15.47
C GLY D 518 -16.90 35.78 -15.89
N THR D 519 -17.42 36.87 -16.46
CA THR D 519 -18.80 36.97 -17.01
C THR D 519 -18.84 36.26 -18.37
N THR D 520 -19.89 35.44 -18.61
CA THR D 520 -20.15 34.74 -19.91
C THR D 520 -20.15 35.77 -21.06
N GLY D 521 -19.42 35.50 -22.13
CA GLY D 521 -19.45 36.33 -23.35
C GLY D 521 -18.61 37.59 -23.27
N LEU D 522 -17.90 37.84 -22.16
CA LEU D 522 -17.06 39.07 -21.97
C LEU D 522 -15.61 38.75 -21.57
N CYS D 523 -15.20 37.49 -21.58
CA CYS D 523 -13.79 37.09 -21.36
C CYS D 523 -13.30 36.28 -22.56
N VAL D 524 -12.44 36.87 -23.38
CA VAL D 524 -11.96 36.17 -24.61
C VAL D 524 -10.52 35.72 -24.39
N GLY D 525 -10.26 34.43 -24.59
CA GLY D 525 -8.92 33.85 -24.43
C GLY D 525 -8.38 33.24 -25.73
N HIS D 526 -7.11 32.81 -25.70
CA HIS D 526 -6.45 32.01 -26.77
C HIS D 526 -6.26 32.87 -28.04
N ILE D 527 -6.18 34.19 -27.88
CA ILE D 527 -6.11 35.11 -29.04
C ILE D 527 -4.84 34.75 -29.81
N ALA D 528 -4.99 34.35 -31.07
CA ALA D 528 -3.85 33.92 -31.90
C ALA D 528 -3.79 34.75 -33.20
N PRO D 529 -2.58 35.06 -33.71
CA PRO D 529 -1.33 34.74 -33.03
C PRO D 529 -1.10 35.53 -31.73
N GLU D 530 -0.38 34.93 -30.79
CA GLU D 530 -0.06 35.57 -29.48
C GLU D 530 0.90 36.72 -29.75
N ALA D 531 1.11 37.57 -28.75
CA ALA D 531 1.93 38.79 -28.83
C ALA D 531 3.37 38.46 -29.24
N VAL D 532 3.96 37.40 -28.69
CA VAL D 532 5.38 37.00 -28.97
C VAL D 532 5.56 36.69 -30.45
N ASP D 533 4.52 36.18 -31.12
CA ASP D 533 4.52 35.82 -32.57
C ASP D 533 4.15 37.05 -33.44
N GLY D 534 4.10 38.26 -32.87
CA GLY D 534 3.78 39.51 -33.60
C GLY D 534 2.37 39.51 -34.18
N GLY D 535 1.43 38.81 -33.55
CA GLY D 535 0.02 38.85 -33.96
C GLY D 535 -0.56 40.25 -33.77
N PRO D 536 -1.73 40.55 -34.36
CA PRO D 536 -2.36 41.86 -34.17
C PRO D 536 -2.45 42.31 -32.72
N ILE D 537 -2.61 41.38 -31.76
CA ILE D 537 -2.68 41.73 -30.31
C ILE D 537 -1.38 42.43 -29.90
N ALA D 538 -0.23 42.11 -30.50
CA ALA D 538 1.04 42.78 -30.15
C ALA D 538 1.06 44.20 -30.73
N LEU D 539 0.33 44.47 -31.82
CA LEU D 539 0.35 45.79 -32.51
C LEU D 539 -0.60 46.79 -31.81
N LEU D 540 -1.48 46.32 -30.91
CA LEU D 540 -2.52 47.19 -30.27
C LEU D 540 -1.82 48.30 -29.47
N ARG D 541 -2.46 49.47 -29.42
CA ARG D 541 -2.04 50.61 -28.56
C ARG D 541 -3.30 51.17 -27.90
N ASN D 542 -3.12 51.76 -26.73
CA ASN D 542 -4.22 52.44 -25.97
C ASN D 542 -5.05 53.26 -26.96
N GLY D 543 -6.37 53.14 -26.92
CA GLY D 543 -7.29 53.99 -27.70
C GLY D 543 -7.84 53.31 -28.93
N ASP D 544 -7.15 52.30 -29.49
CA ASP D 544 -7.68 51.50 -30.61
C ASP D 544 -9.07 50.97 -30.24
N ARG D 545 -9.96 50.83 -31.22
CA ARG D 545 -11.36 50.41 -30.97
C ARG D 545 -11.52 48.92 -31.31
N ILE D 546 -12.22 48.19 -30.45
CA ILE D 546 -12.40 46.71 -30.64
C ILE D 546 -13.88 46.41 -30.64
N ARG D 547 -14.30 45.50 -31.52
CA ARG D 547 -15.70 45.06 -31.62
C ARG D 547 -15.78 43.54 -31.49
N LEU D 548 -16.66 43.08 -30.62
CA LEU D 548 -16.91 41.63 -30.41
C LEU D 548 -18.37 41.35 -30.73
N ASP D 549 -18.62 40.52 -31.74
CA ASP D 549 -19.99 40.01 -32.05
C ASP D 549 -20.00 38.49 -31.83
N VAL D 550 -20.45 38.05 -30.66
CA VAL D 550 -20.44 36.60 -30.26
C VAL D 550 -21.37 35.82 -31.17
N ALA D 551 -22.59 36.30 -31.42
CA ALA D 551 -23.56 35.60 -32.29
C ALA D 551 -23.00 35.54 -33.73
N GLY D 552 -22.31 36.59 -34.20
CA GLY D 552 -21.72 36.62 -35.55
C GLY D 552 -20.32 36.00 -35.58
N ARG D 553 -19.76 35.62 -34.41
CA ARG D 553 -18.46 34.90 -34.27
C ARG D 553 -17.31 35.76 -34.77
N VAL D 554 -17.29 37.05 -34.43
CA VAL D 554 -16.28 38.00 -34.94
C VAL D 554 -15.65 38.76 -33.76
N LEU D 555 -14.33 38.96 -33.80
CA LEU D 555 -13.58 39.82 -32.86
C LEU D 555 -12.62 40.65 -33.70
N ASP D 556 -12.96 41.92 -33.91
CA ASP D 556 -12.27 42.83 -34.85
C ASP D 556 -11.62 43.96 -34.08
N VAL D 557 -10.46 44.37 -34.55
CA VAL D 557 -9.87 45.69 -34.23
C VAL D 557 -10.28 46.65 -35.35
N LEU D 558 -10.93 47.77 -34.98
CA LEU D 558 -11.36 48.85 -35.92
C LEU D 558 -10.21 49.85 -36.05
N ALA D 559 -9.21 49.50 -36.85
CA ALA D 559 -8.13 50.41 -37.33
C ALA D 559 -7.97 50.16 -38.83
N ASP D 560 -7.47 51.14 -39.57
CA ASP D 560 -7.32 50.99 -41.05
C ASP D 560 -6.24 49.93 -41.26
N PRO D 561 -6.56 48.82 -41.98
CA PRO D 561 -5.62 47.72 -42.15
C PRO D 561 -4.18 48.15 -42.45
N ALA D 562 -4.03 49.07 -43.41
CA ALA D 562 -2.73 49.53 -43.92
C ALA D 562 -1.97 50.21 -42.78
N GLU D 563 -2.63 51.11 -42.05
CA GLU D 563 -2.02 51.90 -40.94
C GLU D 563 -1.63 50.93 -39.83
N PHE D 564 -2.55 50.02 -39.51
CA PHE D 564 -2.36 49.01 -38.43
C PHE D 564 -1.20 48.09 -38.82
N ALA D 565 -1.18 47.60 -40.06
CA ALA D 565 -0.19 46.63 -40.59
C ALA D 565 1.23 47.21 -40.49
N SER D 566 1.42 48.51 -40.70
CA SER D 566 2.78 49.10 -40.81
C SER D 566 3.38 49.36 -39.43
N ARG D 567 2.61 49.25 -38.35
CA ARG D 567 3.20 49.28 -36.99
C ARG D 567 4.00 47.99 -36.77
N GLN D 568 3.79 46.97 -37.62
CA GLN D 568 4.51 45.67 -37.60
C GLN D 568 6.02 45.90 -37.53
N GLN D 569 6.53 46.95 -38.19
CA GLN D 569 7.97 47.28 -38.21
C GLN D 569 8.47 47.52 -36.78
N ASP D 570 7.62 48.04 -35.88
CA ASP D 570 8.05 48.46 -34.52
C ASP D 570 7.98 47.28 -33.53
N PHE D 571 7.27 46.19 -33.85
CA PHE D 571 7.10 45.05 -32.92
C PHE D 571 8.48 44.48 -32.54
N SER D 572 8.65 44.14 -31.26
CA SER D 572 9.82 43.43 -30.69
C SER D 572 9.33 42.54 -29.54
N PRO D 573 9.59 41.22 -29.57
CA PRO D 573 9.21 40.35 -28.46
C PRO D 573 10.14 40.60 -27.27
N PRO D 574 9.64 40.78 -26.02
CA PRO D 574 10.50 40.80 -24.84
C PRO D 574 11.36 39.53 -24.79
N PRO D 575 12.57 39.59 -24.18
CA PRO D 575 13.41 38.39 -24.07
C PRO D 575 12.81 37.39 -23.08
N PRO D 576 12.98 36.06 -23.31
CA PRO D 576 12.42 35.05 -22.41
C PRO D 576 12.82 35.31 -20.95
N ARG D 577 11.86 35.30 -20.04
CA ARG D 577 12.10 35.38 -18.58
C ARG D 577 12.82 34.11 -18.12
N TYR D 578 12.35 32.93 -18.51
CA TYR D 578 12.95 31.64 -18.09
C TYR D 578 13.96 31.21 -19.15
N THR D 579 15.25 31.22 -18.79
CA THR D 579 16.35 30.92 -19.74
C THR D 579 16.95 29.56 -19.45
N THR D 580 16.51 28.86 -18.39
CA THR D 580 16.97 27.48 -18.12
C THR D 580 15.77 26.63 -17.73
N GLY D 581 15.92 25.33 -17.89
CA GLY D 581 14.98 24.36 -17.32
C GLY D 581 13.77 24.21 -18.19
N VAL D 582 12.75 23.56 -17.64
CA VAL D 582 11.61 23.03 -18.42
C VAL D 582 10.90 24.16 -19.20
N LEU D 583 10.81 25.37 -18.63
CA LEU D 583 10.01 26.45 -19.29
C LEU D 583 10.83 27.08 -20.44
N SER D 584 12.16 27.06 -20.34
CA SER D 584 13.04 27.53 -21.44
C SER D 584 12.87 26.61 -22.64
N LYS D 585 12.80 25.30 -22.40
CA LYS D 585 12.62 24.30 -23.47
C LYS D 585 11.23 24.43 -24.07
N TYR D 586 10.23 24.65 -23.22
CA TYR D 586 8.82 24.77 -23.63
C TYR D 586 8.66 25.91 -24.65
N VAL D 587 9.23 27.06 -24.33
CA VAL D 587 9.12 28.30 -25.16
C VAL D 587 9.75 28.04 -26.53
N LYS D 588 10.80 27.23 -26.57
CA LYS D 588 11.50 26.96 -27.86
C LYS D 588 10.65 26.05 -28.72
N LEU D 589 9.85 25.14 -28.16
CA LEU D 589 9.22 24.08 -28.97
C LEU D 589 7.72 24.28 -29.14
N VAL D 590 7.08 25.14 -28.34
CA VAL D 590 5.60 25.19 -28.29
C VAL D 590 5.04 25.92 -29.51
N SER D 591 3.94 25.39 -30.03
CA SER D 591 3.14 25.92 -31.14
C SER D 591 2.13 26.95 -30.64
N SER D 592 1.45 27.59 -31.59
CA SER D 592 0.29 28.48 -31.35
C SER D 592 -0.78 27.73 -30.55
N ALA D 593 -1.52 28.45 -29.70
CA ALA D 593 -2.76 27.93 -29.09
C ALA D 593 -3.77 27.54 -30.15
N ALA D 594 -3.68 28.12 -31.36
CA ALA D 594 -4.66 27.86 -32.44
C ALA D 594 -4.58 26.39 -32.86
N VAL D 595 -3.47 25.72 -32.59
CA VAL D 595 -3.34 24.28 -32.90
C VAL D 595 -3.09 23.49 -31.60
N GLY D 596 -3.38 24.07 -30.43
CA GLY D 596 -3.45 23.30 -29.17
C GLY D 596 -2.19 23.43 -28.33
N ALA D 597 -1.29 24.35 -28.69
CA ALA D 597 -0.03 24.59 -27.95
C ALA D 597 0.71 23.24 -27.75
N VAL D 598 0.78 22.45 -28.82
CA VAL D 598 1.60 21.22 -28.93
C VAL D 598 3.07 21.58 -29.07
N CYS D 599 3.95 20.67 -28.67
CA CYS D 599 5.41 20.87 -28.71
C CYS D 599 6.06 19.92 -29.72
N GLY D 600 5.32 18.94 -30.23
CA GLY D 600 5.90 17.82 -31.01
C GLY D 600 5.32 17.74 -32.42
#